data_7K4B
#
_entry.id   7K4B
#
_cell.length_a   1.00
_cell.length_b   1.00
_cell.length_c   1.00
_cell.angle_alpha   90.00
_cell.angle_beta   90.00
_cell.angle_gamma   90.00
#
_symmetry.space_group_name_H-M   'P 1'
#
loop_
_entity.id
_entity.type
_entity.pdbx_description
1 polymer 'Transient receptor potential cation channel subfamily V member 6'
2 non-polymer 1-[cis-4-(3-methylphenyl)cyclohexyl]-4-(pyridin-3-yl)piperazine
3 non-polymer 'CHOLESTEROL HEMISUCCINATE'
4 non-polymer 1,2-DIOLEOYL-SN-GLYCERO-3-PHOSPHOCHOLINE
5 non-polymer 'CALCIUM ION'
#
_entity_poly.entity_id   1
_entity_poly.type   'polypeptide(L)'
_entity_poly.pdbx_seq_one_letter_code
;MGLSLPKEKGLILCLWSKFCRWFQRRESWAQSRDEQNLLQQKRIWESPLLLAAKDNDVQALNKLLKYEDCKVHQRGAMGE
TALHIAALYDNLEAAMVLMEAAPELVFEPMTSELYEGQTALHIAVVNQNMNLVRALLARRASVSARATGTAFRRSPCNLI
YFGEHPLSFAACVNSEEIVRLLIEHGADIRAQDSLGNTVLHILILQPNKTFACQMYNLLLSYDRHGDHLQPLDLVPNHQG
LTPFKLAGVEGNTVMFQHLMQKRKHTQWTYGPLTSTLYDLTEIDSSGDEQSLLELIITTKKREARQILDQTPVKELVSLK
WKRYGRPYFCMLGAIYLLYIICFTMCCIYRPLKPRTNNRTSPRDNTLLQQKLLQEAYMTPKDDIRLVGELVTVIGAIIIL
LVEVPDIFRMGVTRFFGQTILGGPFHVLIITYAFMVLVTMVMRLISASGEVVPMSFALVLGWCNVMYFARGFQMLGPFTI
MIQKMIFGDLMRFCWLMAVVILGFASAFYIIFQTEDPEELGHFYDYPMALFSTFELFLTIIDGPANYNVDLPFMYSITYA
AFAIIATLLMLNLLIAMMGDTHWRVAHERDELWRAQIVATTVMLERKLPRCLWPRSGICGREYGLGDRWFLRVEDRQDLN
RQRIQRYAQAFHTRGSEDLDKDSVEKLVPR
;
_entity_poly.pdbx_strand_id   A,B,C,D
#
# COMPACT_ATOMS: atom_id res chain seq x y z
N TRP A 22 28.25 24.96 31.05
CA TRP A 22 27.52 24.94 32.31
C TRP A 22 26.81 23.61 32.50
N PHE A 23 25.47 23.65 32.57
CA PHE A 23 24.66 22.44 32.64
C PHE A 23 24.11 22.03 31.29
N GLN A 24 24.00 22.97 30.33
CA GLN A 24 23.45 22.67 29.03
C GLN A 24 24.37 21.76 28.21
N ARG A 25 25.66 21.79 28.51
CA ARG A 25 26.64 20.95 27.82
C ARG A 25 26.71 19.59 28.49
N ARG A 26 25.94 18.64 27.98
CA ARG A 26 26.20 17.23 28.27
C ARG A 26 27.13 16.60 27.24
N GLU A 27 27.46 17.33 26.18
CA GLU A 27 28.47 16.92 25.22
C GLU A 27 29.84 17.47 25.56
N SER A 28 30.01 18.02 26.76
CA SER A 28 31.33 18.47 27.20
C SER A 28 32.11 17.37 27.90
N TRP A 29 31.50 16.20 28.11
CA TRP A 29 32.26 15.02 28.53
C TRP A 29 32.63 14.15 27.35
N ALA A 30 31.79 14.09 26.31
CA ALA A 30 32.20 13.45 25.07
C ALA A 30 33.30 14.24 24.39
N GLN A 31 33.28 15.57 24.53
CA GLN A 31 34.39 16.40 24.10
C GLN A 31 35.62 16.17 24.98
N SER A 32 35.41 15.90 26.26
CA SER A 32 36.53 15.74 27.18
C SER A 32 37.22 14.38 27.05
N ARG A 33 36.58 13.39 26.44
CA ARG A 33 37.25 12.13 26.18
C ARG A 33 37.74 12.01 24.75
N ASP A 34 37.24 12.83 23.83
CA ASP A 34 37.83 12.89 22.51
C ASP A 34 39.20 13.53 22.57
N GLU A 35 39.33 14.62 23.31
CA GLU A 35 40.64 15.24 23.50
C GLU A 35 41.48 14.53 24.56
N GLN A 36 40.97 13.44 25.14
CA GLN A 36 41.75 12.60 26.02
C GLN A 36 42.34 11.39 25.29
N ASN A 37 41.67 10.92 24.24
CA ASN A 37 42.25 9.89 23.38
C ASN A 37 43.32 10.45 22.47
N LEU A 38 43.19 11.71 22.04
CA LEU A 38 44.25 12.34 21.26
C LEU A 38 45.47 12.64 22.11
N LEU A 39 45.27 12.99 23.38
CA LEU A 39 46.39 13.22 24.27
C LEU A 39 47.08 11.92 24.67
N GLN A 40 46.35 10.80 24.62
CA GLN A 40 46.99 9.49 24.77
C GLN A 40 47.97 9.21 23.65
N GLN A 41 47.57 9.48 22.41
CA GLN A 41 48.41 9.22 21.26
C GLN A 41 49.56 10.20 21.14
N LYS A 42 49.49 11.33 21.86
CA LYS A 42 50.62 12.26 21.89
C LYS A 42 51.71 11.76 22.83
N ARG A 43 51.31 11.26 24.01
CA ARG A 43 52.27 10.82 25.01
C ARG A 43 53.00 9.56 24.58
N ILE A 44 52.39 8.76 23.71
CA ILE A 44 53.06 7.59 23.16
C ILE A 44 54.18 8.02 22.22
N TRP A 45 53.95 9.05 21.42
CA TRP A 45 54.93 9.46 20.42
C TRP A 45 56.12 10.16 21.04
N GLU A 46 55.90 11.00 22.04
CA GLU A 46 56.97 11.79 22.63
C GLU A 46 57.69 11.05 23.76
N SER A 47 57.45 9.75 23.93
CA SER A 47 58.20 8.94 24.87
C SER A 47 58.74 7.72 24.14
N PRO A 48 59.99 7.32 24.42
CA PRO A 48 60.65 6.37 23.52
C PRO A 48 60.18 4.93 23.64
N LEU A 49 59.87 4.43 24.85
CA LEU A 49 59.50 3.03 24.95
C LEU A 49 58.01 2.77 24.81
N LEU A 50 57.17 3.79 25.00
CA LEU A 50 55.75 3.60 24.72
C LEU A 50 55.49 3.54 23.23
N LEU A 51 56.25 4.29 22.43
CA LEU A 51 56.20 4.08 20.99
C LEU A 51 56.87 2.78 20.60
N ALA A 52 57.89 2.36 21.36
CA ALA A 52 58.53 1.09 21.10
C ALA A 52 57.64 -0.09 21.48
N ALA A 53 56.66 0.12 22.35
CA ALA A 53 55.69 -0.91 22.67
C ALA A 53 54.47 -0.86 21.76
N LYS A 54 54.14 0.33 21.24
CA LYS A 54 53.02 0.45 20.30
C LYS A 54 53.33 -0.26 18.98
N ASP A 55 54.54 -0.05 18.46
CA ASP A 55 55.07 -0.91 17.41
C ASP A 55 55.72 -2.13 18.07
N ASN A 56 56.26 -3.04 17.27
CA ASN A 56 57.01 -4.14 17.88
C ASN A 56 58.37 -3.66 18.37
N ASP A 57 59.24 -3.28 17.43
CA ASP A 57 60.54 -2.62 17.65
C ASP A 57 61.37 -3.29 18.74
N VAL A 58 61.39 -4.63 18.71
CA VAL A 58 61.91 -5.40 19.83
C VAL A 58 63.44 -5.28 19.92
N GLN A 59 64.12 -5.07 18.79
CA GLN A 59 65.56 -4.82 18.85
C GLN A 59 65.85 -3.43 19.42
N ALA A 60 64.93 -2.49 19.24
CA ALA A 60 65.03 -1.20 19.89
C ALA A 60 64.45 -1.22 21.30
N LEU A 61 63.60 -2.19 21.61
CA LEU A 61 63.01 -2.27 22.93
C LEU A 61 63.92 -2.95 23.94
N ASN A 62 64.84 -3.80 23.48
CA ASN A 62 65.86 -4.32 24.40
C ASN A 62 66.82 -3.22 24.83
N LYS A 63 67.12 -2.28 23.93
CA LYS A 63 68.10 -1.24 24.22
C LYS A 63 67.59 -0.23 25.24
N LEU A 64 66.31 0.12 25.17
CA LEU A 64 65.76 1.17 26.01
C LEU A 64 65.62 0.75 27.46
N LEU A 65 65.53 -0.55 27.73
CA LEU A 65 65.32 -1.02 29.10
C LEU A 65 66.62 -1.41 29.80
N LYS A 66 67.73 -1.53 29.08
CA LYS A 66 69.02 -1.84 29.70
C LYS A 66 69.80 -0.56 30.02
N TYR A 67 69.11 0.38 30.67
CA TYR A 67 69.69 1.66 31.05
C TYR A 67 69.73 1.78 32.57
N GLU A 68 70.24 2.92 33.03
CA GLU A 68 70.40 3.15 34.46
C GLU A 68 69.07 3.49 35.12
N ASP A 69 68.40 4.53 34.63
CA ASP A 69 67.14 5.00 35.20
C ASP A 69 66.10 5.18 34.10
N CYS A 70 65.94 4.14 33.27
CA CYS A 70 64.83 4.11 32.34
C CYS A 70 63.52 3.89 33.10
N LYS A 71 62.51 4.68 32.75
CA LYS A 71 61.23 4.64 33.48
C LYS A 71 60.32 3.64 32.79
N VAL A 72 60.29 2.41 33.31
CA VAL A 72 59.30 1.45 32.86
C VAL A 72 57.96 1.66 33.54
N HIS A 73 57.92 2.39 34.65
CA HIS A 73 56.70 2.66 35.39
C HIS A 73 56.12 4.03 35.09
N GLN A 74 56.50 4.64 33.98
CA GLN A 74 55.94 5.94 33.61
C GLN A 74 54.60 5.74 32.93
N ARG A 75 53.75 6.75 33.01
CA ARG A 75 52.37 6.63 32.54
C ARG A 75 52.14 7.47 31.28
N GLY A 76 51.08 7.13 30.57
CA GLY A 76 50.57 7.93 29.49
C GLY A 76 49.50 8.88 29.99
N ALA A 77 48.59 9.25 29.08
CA ALA A 77 47.51 10.14 29.48
C ALA A 77 46.38 9.39 30.17
N MET A 78 46.11 8.17 29.75
CA MET A 78 45.14 7.31 30.43
C MET A 78 45.76 6.57 31.60
N GLY A 79 47.03 6.82 31.91
CA GLY A 79 47.70 6.04 32.92
C GLY A 79 48.17 4.68 32.44
N GLU A 80 48.42 4.52 31.15
CA GLU A 80 48.98 3.27 30.66
C GLU A 80 50.43 3.12 31.06
N THR A 81 50.78 1.92 31.49
CA THR A 81 52.17 1.52 31.50
C THR A 81 52.54 1.05 30.09
N ALA A 82 53.80 0.67 29.89
CA ALA A 82 54.22 0.18 28.60
C ALA A 82 53.66 -1.21 28.30
N LEU A 83 53.27 -1.96 29.34
CA LEU A 83 52.64 -3.25 29.12
C LEU A 83 51.19 -3.08 28.67
N HIS A 84 50.53 -2.00 29.10
CA HIS A 84 49.20 -1.69 28.59
C HIS A 84 49.23 -1.38 27.10
N ILE A 85 50.23 -0.64 26.65
CA ILE A 85 50.35 -0.27 25.25
C ILE A 85 50.66 -1.50 24.41
N ALA A 86 51.49 -2.40 24.93
CA ALA A 86 51.82 -3.61 24.19
C ALA A 86 50.65 -4.59 24.15
N ALA A 87 49.81 -4.60 25.18
CA ALA A 87 48.64 -5.46 25.19
C ALA A 87 47.48 -4.86 24.43
N LEU A 88 47.48 -3.54 24.23
CA LEU A 88 46.36 -2.89 23.54
C LEU A 88 46.53 -2.99 22.04
N TYR A 89 47.77 -2.91 21.55
CA TYR A 89 48.09 -3.09 20.14
C TYR A 89 48.60 -4.50 19.85
N ASP A 90 48.14 -5.47 20.65
CA ASP A 90 48.36 -6.92 20.64
C ASP A 90 49.74 -7.36 20.17
N ASN A 91 50.77 -6.71 20.69
CA ASN A 91 52.15 -7.04 20.36
C ASN A 91 52.62 -8.09 21.35
N LEU A 92 52.64 -9.34 20.90
CA LEU A 92 53.01 -10.45 21.77
C LEU A 92 54.49 -10.42 22.11
N GLU A 93 55.34 -10.14 21.12
CA GLU A 93 56.78 -10.21 21.32
C GLU A 93 57.28 -9.03 22.14
N ALA A 94 56.66 -7.86 21.96
CA ALA A 94 57.08 -6.69 22.73
C ALA A 94 56.62 -6.76 24.17
N ALA A 95 55.49 -7.43 24.43
CA ALA A 95 54.97 -7.54 25.78
C ALA A 95 55.72 -8.55 26.62
N MET A 96 56.38 -9.53 25.99
CA MET A 96 57.23 -10.44 26.75
C MET A 96 58.43 -9.71 27.32
N VAL A 97 58.96 -8.74 26.58
CA VAL A 97 60.15 -8.02 27.01
C VAL A 97 59.86 -7.13 28.20
N LEU A 98 58.66 -6.55 28.26
CA LEU A 98 58.31 -5.73 29.41
C LEU A 98 58.05 -6.54 30.66
N MET A 99 57.75 -7.83 30.55
CA MET A 99 57.52 -8.66 31.72
C MET A 99 58.81 -9.32 32.21
N GLU A 100 59.77 -9.54 31.31
CA GLU A 100 61.06 -10.09 31.72
C GLU A 100 61.86 -9.07 32.51
N ALA A 101 61.99 -7.85 31.98
CA ALA A 101 62.75 -6.81 32.64
C ALA A 101 61.92 -6.00 33.63
N ALA A 102 60.62 -6.28 33.74
CA ALA A 102 59.79 -5.70 34.80
C ALA A 102 58.66 -6.68 35.12
N PRO A 103 58.91 -7.64 36.02
CA PRO A 103 57.81 -8.53 36.44
C PRO A 103 56.79 -7.85 37.34
N GLU A 104 57.12 -6.71 37.92
CA GLU A 104 56.20 -5.93 38.74
C GLU A 104 55.20 -5.15 37.91
N LEU A 105 55.43 -5.06 36.59
CA LEU A 105 54.61 -4.20 35.74
C LEU A 105 53.26 -4.84 35.44
N VAL A 106 53.15 -6.14 35.69
CA VAL A 106 51.94 -6.91 35.40
C VAL A 106 50.82 -6.51 36.35
N PHE A 107 51.16 -6.25 37.61
CA PHE A 107 50.21 -6.00 38.68
C PHE A 107 49.66 -4.57 38.66
N GLU A 108 50.07 -3.76 37.71
CA GLU A 108 49.82 -2.32 37.78
C GLU A 108 48.63 -1.94 36.93
N PRO A 109 47.59 -1.33 37.48
CA PRO A 109 46.43 -0.95 36.68
C PRO A 109 46.55 0.44 36.10
N MET A 110 45.60 0.77 35.23
CA MET A 110 45.43 2.15 34.80
C MET A 110 44.82 2.96 35.94
N THR A 111 45.14 4.25 35.98
CA THR A 111 44.68 5.11 37.05
C THR A 111 43.88 6.32 36.61
N SER A 112 43.62 6.49 35.32
CA SER A 112 42.80 7.62 34.90
C SER A 112 41.34 7.36 35.23
N GLU A 113 40.59 8.45 35.34
CA GLU A 113 39.20 8.38 35.76
C GLU A 113 38.33 7.68 34.71
N LEU A 114 38.73 7.76 33.45
CA LEU A 114 37.97 7.12 32.38
C LEU A 114 38.16 5.60 32.42
N TYR A 115 39.40 5.14 32.61
CA TYR A 115 39.71 3.72 32.68
C TYR A 115 40.39 3.47 34.03
N GLU A 116 39.60 3.25 35.07
CA GLU A 116 40.14 2.93 36.39
C GLU A 116 40.32 1.43 36.51
N GLY A 117 41.43 1.03 37.10
CA GLY A 117 41.64 -0.35 37.50
C GLY A 117 41.81 -1.36 36.40
N GLN A 118 41.81 -0.94 35.13
CA GLN A 118 41.92 -1.86 34.01
C GLN A 118 43.35 -2.36 33.92
N THR A 119 43.58 -3.58 34.40
CA THR A 119 44.92 -4.15 34.37
C THR A 119 45.27 -4.61 32.96
N ALA A 120 46.50 -5.07 32.78
CA ALA A 120 46.93 -5.58 31.48
C ALA A 120 46.28 -6.90 31.14
N LEU A 121 45.76 -7.62 32.14
CA LEU A 121 45.02 -8.84 31.88
C LEU A 121 43.66 -8.56 31.27
N HIS A 122 43.06 -7.41 31.59
CA HIS A 122 41.79 -7.04 30.99
C HIS A 122 41.94 -6.77 29.50
N ILE A 123 43.05 -6.15 29.10
CA ILE A 123 43.18 -5.72 27.71
C ILE A 123 43.50 -6.89 26.80
N ALA A 124 44.33 -7.82 27.28
CA ALA A 124 44.67 -9.00 26.50
C ALA A 124 43.53 -9.99 26.37
N VAL A 125 42.48 -9.84 27.17
CA VAL A 125 41.30 -10.69 27.13
C VAL A 125 40.26 -10.17 26.15
N VAL A 126 40.05 -8.85 26.10
CA VAL A 126 39.04 -8.23 25.24
C VAL A 126 39.30 -8.46 23.76
N ASN A 127 40.57 -8.60 23.36
CA ASN A 127 40.93 -8.78 21.95
C ASN A 127 40.57 -10.15 21.39
N GLN A 128 39.80 -10.97 22.14
CA GLN A 128 39.12 -12.21 21.76
C GLN A 128 40.12 -13.34 21.56
N ASN A 129 41.39 -13.03 21.70
CA ASN A 129 42.54 -13.88 21.50
C ASN A 129 43.69 -13.20 22.20
N MET A 130 44.64 -13.98 22.70
CA MET A 130 46.08 -13.74 22.87
C MET A 130 46.70 -15.04 23.37
N ASN A 131 48.01 -15.15 23.12
CA ASN A 131 48.88 -16.05 23.84
C ASN A 131 49.55 -15.35 25.00
N LEU A 132 49.13 -14.10 25.26
CA LEU A 132 49.62 -13.30 26.37
C LEU A 132 48.86 -13.60 27.66
N VAL A 133 47.61 -14.06 27.55
CA VAL A 133 46.85 -14.42 28.74
C VAL A 133 47.39 -15.70 29.38
N ARG A 134 48.08 -16.55 28.61
CA ARG A 134 48.87 -17.58 29.25
C ARG A 134 50.06 -16.96 29.98
N ALA A 135 50.67 -15.95 29.38
CA ALA A 135 51.89 -15.37 29.92
C ALA A 135 51.61 -14.45 31.10
N LEU A 136 50.49 -13.72 31.06
CA LEU A 136 50.15 -12.84 32.18
C LEU A 136 49.74 -13.63 33.40
N LEU A 137 48.98 -14.71 33.21
CA LEU A 137 48.61 -15.56 34.32
C LEU A 137 49.76 -16.40 34.83
N ALA A 138 50.78 -16.65 34.00
CA ALA A 138 52.01 -17.26 34.48
C ALA A 138 52.78 -16.33 35.39
N ARG A 139 52.62 -15.02 35.24
CA ARG A 139 53.18 -14.03 36.15
C ARG A 139 52.22 -13.68 37.28
N ARG A 140 51.30 -14.60 37.61
CA ARG A 140 50.24 -14.50 38.64
C ARG A 140 49.48 -13.15 38.60
N ALA A 141 49.00 -12.79 37.42
CA ALA A 141 48.15 -11.61 37.29
C ALA A 141 46.82 -11.82 38.00
N SER A 142 46.28 -10.73 38.53
CA SER A 142 45.08 -10.80 39.36
C SER A 142 43.85 -11.04 38.48
N VAL A 143 43.15 -12.14 38.74
CA VAL A 143 41.89 -12.42 38.05
C VAL A 143 40.70 -11.76 38.73
N SER A 144 40.91 -11.03 39.82
CA SER A 144 39.86 -10.34 40.53
C SER A 144 40.08 -8.83 40.48
N ALA A 145 40.58 -8.34 39.35
CA ALA A 145 40.78 -6.91 39.15
C ALA A 145 39.49 -6.30 38.63
N ARG A 146 39.09 -5.17 39.21
CA ARG A 146 37.82 -4.54 38.90
C ARG A 146 38.07 -3.32 38.03
N ALA A 147 37.66 -3.40 36.76
CA ALA A 147 37.75 -2.26 35.85
C ALA A 147 36.60 -1.31 36.16
N THR A 148 36.79 -0.50 37.20
CA THR A 148 35.74 0.35 37.74
C THR A 148 35.69 1.73 37.10
N GLY A 149 36.27 1.90 35.93
CA GLY A 149 36.29 3.21 35.31
C GLY A 149 35.00 3.55 34.60
N THR A 150 34.84 4.85 34.32
CA THR A 150 33.60 5.37 33.75
C THR A 150 33.42 5.01 32.29
N ALA A 151 34.41 4.41 31.63
CA ALA A 151 34.24 3.91 30.29
C ALA A 151 33.74 2.48 30.25
N PHE A 152 33.49 1.88 31.42
CA PHE A 152 32.99 0.51 31.49
C PHE A 152 31.62 0.40 32.12
N ARG A 153 31.08 1.48 32.69
CA ARG A 153 29.71 1.47 33.16
C ARG A 153 28.77 1.38 31.96
N ARG A 154 27.57 0.87 32.20
CA ARG A 154 26.58 0.86 31.15
C ARG A 154 25.95 2.24 31.06
N SER A 155 25.86 2.74 29.83
CA SER A 155 25.34 4.08 29.54
C SER A 155 24.99 4.12 28.07
N PRO A 156 24.18 5.09 27.65
CA PRO A 156 24.07 5.33 26.20
C PRO A 156 25.14 6.27 25.68
N CYS A 157 26.35 6.12 26.19
CA CYS A 157 27.53 6.79 25.66
C CYS A 157 28.76 5.90 25.69
N ASN A 158 28.62 4.66 26.14
CA ASN A 158 29.65 3.64 26.03
C ASN A 158 29.12 2.55 25.12
N LEU A 159 29.89 2.19 24.11
CA LEU A 159 29.42 1.20 23.16
C LEU A 159 29.45 -0.20 23.75
N ILE A 160 30.24 -0.42 24.78
CA ILE A 160 30.33 -1.72 25.43
C ILE A 160 29.83 -1.61 26.87
N TYR A 161 29.26 -2.71 27.36
CA TYR A 161 29.15 -2.96 28.79
C TYR A 161 29.61 -4.40 28.98
N PHE A 162 30.88 -4.56 29.31
CA PHE A 162 31.43 -5.89 29.48
C PHE A 162 31.48 -6.34 30.92
N GLY A 163 31.41 -5.41 31.89
CA GLY A 163 31.47 -5.76 33.28
C GLY A 163 32.63 -5.08 33.97
N GLU A 164 33.25 -5.81 34.89
CA GLU A 164 34.43 -5.29 35.59
C GLU A 164 35.56 -6.31 35.67
N HIS A 165 35.25 -7.57 35.53
CA HIS A 165 36.17 -8.65 35.85
C HIS A 165 36.70 -9.29 34.57
N PRO A 166 37.85 -9.98 34.63
CA PRO A 166 38.41 -10.58 33.41
C PRO A 166 37.55 -11.66 32.78
N LEU A 167 36.87 -12.48 33.57
CA LEU A 167 35.97 -13.45 32.97
C LEU A 167 34.65 -12.84 32.54
N SER A 168 34.31 -11.66 33.07
CA SER A 168 33.22 -10.90 32.48
C SER A 168 33.64 -10.32 31.14
N PHE A 169 34.91 -9.97 30.97
CA PHE A 169 35.38 -9.51 29.67
C PHE A 169 35.52 -10.67 28.69
N ALA A 170 35.88 -11.85 29.18
CA ALA A 170 36.12 -12.99 28.31
C ALA A 170 34.83 -13.64 27.84
N ALA A 171 33.79 -13.61 28.66
CA ALA A 171 32.54 -14.23 28.28
C ALA A 171 31.72 -13.37 27.34
N CYS A 172 32.01 -12.08 27.26
CA CYS A 172 31.27 -11.18 26.39
C CYS A 172 31.92 -11.03 25.01
N VAL A 173 33.11 -11.57 24.81
CA VAL A 173 33.73 -11.59 23.49
C VAL A 173 33.63 -12.97 22.85
N ASN A 174 32.93 -13.91 23.50
CA ASN A 174 32.74 -15.30 23.06
C ASN A 174 34.08 -16.00 22.84
N SER A 175 34.83 -16.12 23.93
CA SER A 175 36.12 -16.80 23.91
C SER A 175 36.04 -17.95 24.89
N GLU A 176 35.61 -19.12 24.40
CA GLU A 176 35.45 -20.26 25.29
C GLU A 176 36.78 -20.86 25.73
N GLU A 177 37.86 -20.58 25.01
CA GLU A 177 39.17 -21.03 25.46
C GLU A 177 39.70 -20.17 26.58
N ILE A 178 39.36 -18.87 26.57
CA ILE A 178 39.90 -17.96 27.58
C ILE A 178 39.07 -18.01 28.85
N VAL A 179 37.76 -18.24 28.75
CA VAL A 179 36.90 -18.35 29.93
C VAL A 179 37.28 -19.57 30.76
N ARG A 180 37.52 -20.70 30.10
CA ARG A 180 37.97 -21.90 30.79
C ARG A 180 39.36 -21.72 31.39
N LEU A 181 40.22 -20.94 30.73
CA LEU A 181 41.56 -20.73 31.24
C LEU A 181 41.60 -19.69 32.35
N LEU A 182 40.60 -18.81 32.43
CA LEU A 182 40.51 -17.90 33.57
C LEU A 182 39.99 -18.61 34.81
N ILE A 183 39.02 -19.52 34.65
CA ILE A 183 38.40 -20.20 35.79
C ILE A 183 39.38 -21.18 36.41
N GLU A 184 40.22 -21.82 35.59
CA GLU A 184 41.24 -22.73 36.11
C GLU A 184 42.32 -22.03 36.92
N HIS A 185 42.48 -20.72 36.75
CA HIS A 185 43.40 -19.94 37.56
C HIS A 185 42.71 -19.24 38.72
N GLY A 186 41.46 -19.56 39.00
CA GLY A 186 40.79 -19.09 40.17
C GLY A 186 39.88 -17.89 39.99
N ALA A 187 39.29 -17.71 38.82
CA ALA A 187 38.35 -16.62 38.60
C ALA A 187 37.05 -16.94 39.33
N ASP A 188 36.57 -15.98 40.13
CA ASP A 188 35.36 -16.20 40.90
C ASP A 188 34.16 -16.19 39.97
N ILE A 189 33.33 -17.22 40.07
CA ILE A 189 32.20 -17.36 39.17
C ILE A 189 31.06 -16.45 39.60
N ARG A 190 31.12 -15.92 40.82
CA ARG A 190 30.03 -15.16 41.43
C ARG A 190 30.35 -13.68 41.59
N ALA A 191 31.36 -13.19 40.88
CA ALA A 191 31.75 -11.80 41.03
C ALA A 191 30.71 -10.88 40.42
N GLN A 192 30.42 -9.80 41.12
CA GLN A 192 29.38 -8.86 40.72
C GLN A 192 29.98 -7.49 40.45
N ASP A 193 29.21 -6.65 39.77
CA ASP A 193 29.67 -5.35 39.33
C ASP A 193 29.33 -4.29 40.38
N SER A 194 29.39 -3.02 39.97
CA SER A 194 28.77 -1.96 40.75
C SER A 194 27.26 -1.96 40.59
N LEU A 195 26.77 -2.48 39.46
CA LEU A 195 25.34 -2.62 39.24
C LEU A 195 24.77 -3.87 39.90
N GLY A 196 25.61 -4.73 40.47
CA GLY A 196 25.17 -5.97 41.04
C GLY A 196 25.11 -7.12 40.07
N ASN A 197 25.35 -6.87 38.79
CA ASN A 197 25.26 -7.90 37.76
C ASN A 197 26.40 -8.90 37.92
N THR A 198 26.06 -10.19 38.00
CA THR A 198 27.08 -11.23 37.95
C THR A 198 27.47 -11.48 36.50
N VAL A 199 28.24 -12.53 36.24
CA VAL A 199 28.66 -12.86 34.89
C VAL A 199 27.46 -13.23 34.03
N LEU A 200 26.45 -13.84 34.64
CA LEU A 200 25.32 -14.37 33.90
C LEU A 200 24.30 -13.30 33.54
N HIS A 201 24.30 -12.17 34.26
CA HIS A 201 23.47 -11.03 33.88
C HIS A 201 24.01 -10.32 32.66
N ILE A 202 25.34 -10.22 32.57
CA ILE A 202 25.96 -9.40 31.55
C ILE A 202 25.80 -10.04 30.18
N LEU A 203 25.78 -11.38 30.11
CA LEU A 203 25.58 -12.09 28.85
C LEU A 203 24.21 -11.82 28.25
N ILE A 204 23.24 -11.44 29.06
CA ILE A 204 21.88 -11.25 28.56
C ILE A 204 21.77 -9.94 27.81
N LEU A 205 22.40 -8.88 28.31
CA LEU A 205 22.29 -7.58 27.69
C LEU A 205 23.46 -7.26 26.77
N GLN A 206 24.00 -8.31 26.06
CA GLN A 206 24.97 -8.24 24.97
C GLN A 206 24.25 -8.15 23.63
N PRO A 207 24.85 -7.52 22.62
CA PRO A 207 24.15 -7.37 21.33
C PRO A 207 24.09 -8.62 20.49
N ASN A 208 24.90 -9.63 20.76
CA ASN A 208 24.94 -10.85 19.95
C ASN A 208 24.28 -11.96 20.77
N LYS A 209 22.98 -12.17 20.52
CA LYS A 209 22.14 -12.98 21.38
C LYS A 209 22.35 -14.48 21.16
N THR A 210 22.85 -14.87 20.00
CA THR A 210 23.03 -16.29 19.71
C THR A 210 24.27 -16.84 20.40
N PHE A 211 25.37 -16.09 20.37
CA PHE A 211 26.61 -16.52 21.01
C PHE A 211 26.55 -16.44 22.52
N ALA A 212 25.60 -15.71 23.08
CA ALA A 212 25.44 -15.69 24.53
C ALA A 212 24.71 -16.90 25.05
N CYS A 213 24.00 -17.64 24.18
CA CYS A 213 23.35 -18.87 24.62
C CYS A 213 24.37 -19.99 24.78
N GLN A 214 25.41 -20.00 23.95
CA GLN A 214 26.48 -20.97 24.14
C GLN A 214 27.29 -20.66 25.39
N MET A 215 27.43 -19.37 25.72
CA MET A 215 28.18 -18.98 26.90
C MET A 215 27.39 -19.11 28.18
N TYR A 216 26.06 -18.97 28.11
CA TYR A 216 25.24 -19.12 29.31
C TYR A 216 25.31 -20.55 29.84
N ASN A 217 25.43 -21.52 28.94
CA ASN A 217 25.54 -22.91 29.35
C ASN A 217 26.93 -23.23 29.87
N LEU A 218 27.95 -22.55 29.36
CA LEU A 218 29.32 -22.85 29.78
C LEU A 218 29.60 -22.30 31.17
N LEU A 219 29.06 -21.14 31.50
CA LEU A 219 29.31 -20.55 32.81
C LEU A 219 28.51 -21.25 33.90
N LEU A 220 27.40 -21.90 33.55
CA LEU A 220 26.68 -22.71 34.55
C LEU A 220 27.32 -24.06 34.76
N SER A 221 28.08 -24.56 33.78
CA SER A 221 28.72 -25.86 33.94
C SER A 221 29.83 -25.80 34.97
N TYR A 222 30.45 -24.63 35.13
CA TYR A 222 31.50 -24.43 36.12
C TYR A 222 30.96 -23.98 37.45
N ASP A 223 29.65 -24.07 37.68
CA ASP A 223 29.14 -23.70 38.98
C ASP A 223 29.44 -24.80 40.00
N ARG A 224 28.76 -25.96 39.84
CA ARG A 224 28.83 -27.17 40.67
C ARG A 224 28.99 -26.90 42.16
N HIS A 225 28.27 -25.91 42.66
CA HIS A 225 28.64 -25.25 43.90
C HIS A 225 27.87 -25.88 45.06
N GLY A 226 28.59 -26.60 45.91
CA GLY A 226 27.99 -27.37 46.99
C GLY A 226 27.28 -26.51 48.00
N ASP A 227 27.83 -25.33 48.26
CA ASP A 227 27.06 -24.29 48.92
C ASP A 227 26.14 -23.66 47.88
N HIS A 228 24.95 -24.22 47.69
CA HIS A 228 24.16 -23.84 46.52
C HIS A 228 23.54 -22.47 46.68
N LEU A 229 22.54 -22.34 47.59
CA LEU A 229 22.04 -21.08 48.16
C LEU A 229 21.78 -19.98 47.15
N GLN A 230 20.68 -20.11 46.35
CA GLN A 230 20.37 -19.42 45.10
C GLN A 230 21.54 -19.62 44.13
N PRO A 231 21.57 -20.80 43.43
CA PRO A 231 22.82 -21.39 42.95
C PRO A 231 23.70 -20.54 42.04
N LEU A 232 23.28 -20.19 40.83
CA LEU A 232 24.05 -19.22 40.08
C LEU A 232 23.16 -18.30 39.26
N ASP A 233 21.99 -18.80 38.89
CA ASP A 233 21.05 -18.05 38.08
C ASP A 233 19.82 -17.65 38.87
N LEU A 234 19.87 -17.75 40.19
CA LEU A 234 18.83 -17.26 41.07
C LEU A 234 19.31 -16.09 41.93
N VAL A 235 20.56 -15.67 41.76
CA VAL A 235 21.11 -14.55 42.53
C VAL A 235 20.78 -13.25 41.78
N PRO A 236 20.23 -12.25 42.46
CA PRO A 236 19.81 -11.03 41.78
C PRO A 236 20.88 -9.95 41.78
N ASN A 237 20.68 -8.96 40.91
CA ASN A 237 21.51 -7.77 40.89
C ASN A 237 20.97 -6.75 41.90
N HIS A 238 21.45 -5.51 41.82
CA HIS A 238 21.09 -4.49 42.80
C HIS A 238 19.74 -3.82 42.52
N GLN A 239 18.91 -4.40 41.66
CA GLN A 239 17.51 -4.00 41.56
C GLN A 239 16.57 -5.21 41.59
N GLY A 240 17.04 -6.34 42.10
CA GLY A 240 16.17 -7.45 42.41
C GLY A 240 15.78 -8.30 41.22
N LEU A 241 16.57 -8.32 40.17
CA LEU A 241 16.28 -9.08 38.97
C LEU A 241 17.26 -10.23 38.86
N THR A 242 16.73 -11.43 38.67
CA THR A 242 17.52 -12.62 38.36
C THR A 242 17.93 -12.58 36.89
N PRO A 243 18.77 -13.51 36.40
CA PRO A 243 18.97 -13.58 34.94
C PRO A 243 17.71 -13.89 34.15
N PHE A 244 16.78 -14.63 34.70
CA PHE A 244 15.56 -14.93 33.97
C PHE A 244 14.67 -13.69 33.85
N LYS A 245 14.56 -12.89 34.91
CA LYS A 245 13.75 -11.70 34.85
C LYS A 245 14.43 -10.59 34.06
N LEU A 246 15.76 -10.60 33.98
CA LEU A 246 16.47 -9.57 33.23
C LEU A 246 16.30 -9.77 31.73
N ALA A 247 16.16 -11.01 31.27
CA ALA A 247 15.85 -11.25 29.87
C ALA A 247 14.42 -10.84 29.54
N GLY A 248 13.54 -10.75 30.54
CA GLY A 248 12.21 -10.25 30.32
C GLY A 248 12.21 -8.74 30.15
N VAL A 249 12.98 -8.04 30.98
CA VAL A 249 13.00 -6.58 30.94
C VAL A 249 13.74 -6.07 29.72
N GLU A 250 14.89 -6.67 29.41
CA GLU A 250 15.74 -6.18 28.33
C GLU A 250 15.23 -6.55 26.95
N GLY A 251 14.17 -7.34 26.85
CA GLY A 251 13.63 -7.68 25.56
C GLY A 251 14.34 -8.81 24.87
N ASN A 252 15.18 -9.56 25.60
CA ASN A 252 15.94 -10.63 25.00
C ASN A 252 15.02 -11.82 24.77
N THR A 253 14.55 -11.97 23.53
CA THR A 253 13.68 -13.09 23.18
C THR A 253 14.46 -14.38 23.07
N VAL A 254 15.71 -14.31 22.59
CA VAL A 254 16.50 -15.51 22.37
C VAL A 254 16.97 -16.11 23.68
N MET A 255 17.43 -15.28 24.61
CA MET A 255 17.78 -15.74 25.94
C MET A 255 16.58 -15.92 26.86
N PHE A 256 15.37 -15.72 26.37
CA PHE A 256 14.20 -16.06 27.18
C PHE A 256 13.73 -17.48 26.91
N GLN A 257 13.76 -17.88 25.63
CA GLN A 257 13.38 -19.25 25.27
C GLN A 257 14.42 -20.24 25.77
N HIS A 258 15.70 -19.83 25.79
CA HIS A 258 16.74 -20.72 26.30
C HIS A 258 16.72 -20.80 27.81
N LEU A 259 16.37 -19.70 28.48
CA LEU A 259 16.21 -19.73 29.93
C LEU A 259 14.99 -20.50 30.37
N MET A 260 14.00 -20.65 29.49
CA MET A 260 12.78 -21.34 29.84
C MET A 260 12.95 -22.85 29.75
N GLN A 261 14.04 -23.32 29.15
CA GLN A 261 14.24 -24.75 28.93
C GLN A 261 14.49 -25.51 30.22
N LYS A 262 14.97 -24.84 31.27
CA LYS A 262 15.18 -25.50 32.54
C LYS A 262 13.97 -25.38 33.46
N ARG A 263 12.85 -24.88 32.94
CA ARG A 263 11.62 -24.75 33.71
C ARG A 263 10.50 -25.66 33.20
N LYS A 264 10.41 -25.86 31.89
CA LYS A 264 9.50 -26.85 31.37
C LYS A 264 10.08 -28.24 31.57
N HIS A 265 9.20 -29.24 31.59
CA HIS A 265 9.62 -30.63 31.45
C HIS A 265 8.44 -31.43 30.92
N THR A 266 8.70 -32.27 29.93
CA THR A 266 7.64 -33.01 29.25
C THR A 266 7.15 -34.13 30.15
N GLN A 267 5.87 -34.09 30.49
CA GLN A 267 5.25 -35.21 31.20
C GLN A 267 5.20 -36.45 30.32
N TRP A 268 4.65 -36.30 29.12
CA TRP A 268 4.56 -37.40 28.19
C TRP A 268 4.52 -36.87 26.77
N THR A 269 5.03 -37.69 25.86
CA THR A 269 4.86 -37.48 24.44
C THR A 269 4.03 -38.64 23.89
N TYR A 270 3.09 -38.33 23.01
CA TYR A 270 2.13 -39.32 22.54
C TYR A 270 2.02 -39.12 21.02
N GLY A 271 2.90 -39.78 20.28
CA GLY A 271 2.98 -39.59 18.86
C GLY A 271 3.38 -38.16 18.53
N PRO A 272 2.48 -37.43 17.85
CA PRO A 272 2.74 -36.02 17.57
C PRO A 272 2.43 -35.07 18.71
N LEU A 273 2.10 -35.58 19.88
CA LEU A 273 1.41 -34.82 20.91
C LEU A 273 2.20 -34.93 22.22
N THR A 274 2.82 -33.82 22.63
CA THR A 274 3.59 -33.76 23.85
C THR A 274 2.84 -32.94 24.88
N SER A 275 3.25 -33.06 26.14
CA SER A 275 2.57 -32.36 27.23
C SER A 275 3.61 -31.83 28.22
N THR A 276 4.06 -30.60 27.99
CA THR A 276 5.03 -29.98 28.88
C THR A 276 4.34 -29.39 30.10
N LEU A 277 5.13 -29.00 31.08
CA LEU A 277 4.63 -28.54 32.37
C LEU A 277 5.54 -27.41 32.84
N TYR A 278 5.07 -26.17 32.70
CA TYR A 278 5.91 -25.00 32.94
C TYR A 278 5.94 -24.64 34.40
N ASP A 279 7.08 -24.10 34.85
CA ASP A 279 7.31 -23.93 36.27
C ASP A 279 6.51 -22.76 36.84
N LEU A 280 6.48 -21.65 36.11
CA LEU A 280 5.60 -20.50 36.35
C LEU A 280 5.81 -19.86 37.72
N THR A 281 6.98 -20.05 38.34
CA THR A 281 7.23 -19.51 39.66
C THR A 281 7.95 -18.17 39.64
N GLU A 282 8.40 -17.71 38.47
CA GLU A 282 8.95 -16.37 38.32
C GLU A 282 8.21 -15.57 37.27
N ILE A 283 7.05 -16.02 36.84
CA ILE A 283 6.23 -15.31 35.87
C ILE A 283 4.94 -14.79 36.50
N ASP A 284 4.27 -15.62 37.28
CA ASP A 284 3.03 -15.27 37.94
C ASP A 284 3.32 -14.57 39.26
N SER A 285 2.37 -13.74 39.70
CA SER A 285 2.52 -12.93 40.91
C SER A 285 2.46 -13.83 42.13
N SER A 286 3.63 -14.14 42.69
CA SER A 286 3.70 -15.01 43.86
C SER A 286 3.24 -14.27 45.11
N GLY A 287 3.97 -13.22 45.49
CA GLY A 287 3.61 -12.44 46.66
C GLY A 287 3.79 -10.96 46.43
N ASP A 288 4.50 -10.29 47.33
CA ASP A 288 4.79 -8.88 47.19
C ASP A 288 5.94 -8.60 46.23
N GLU A 289 6.60 -9.63 45.72
CA GLU A 289 7.68 -9.45 44.77
C GLU A 289 7.11 -9.11 43.40
N GLN A 290 7.87 -8.33 42.64
CA GLN A 290 7.45 -7.91 41.32
C GLN A 290 7.62 -9.08 40.35
N SER A 291 6.51 -9.59 39.84
CA SER A 291 6.54 -10.70 38.90
C SER A 291 6.94 -10.22 37.52
N LEU A 292 7.26 -11.17 36.64
CA LEU A 292 7.78 -10.82 35.32
C LEU A 292 6.72 -10.21 34.42
N LEU A 293 5.43 -10.45 34.69
CA LEU A 293 4.41 -9.76 33.93
C LEU A 293 4.32 -8.29 34.32
N GLU A 294 4.71 -7.96 35.54
CA GLU A 294 4.70 -6.56 35.96
C GLU A 294 5.93 -5.82 35.46
N LEU A 295 7.03 -6.53 35.21
CA LEU A 295 8.24 -5.88 34.72
C LEU A 295 8.14 -5.53 33.25
N ILE A 296 7.45 -6.33 32.46
CA ILE A 296 7.33 -6.05 31.04
C ILE A 296 6.42 -4.84 30.80
N ILE A 297 5.38 -4.70 31.62
CA ILE A 297 4.48 -3.58 31.46
C ILE A 297 5.13 -2.29 31.94
N THR A 298 5.83 -2.35 33.08
CA THR A 298 6.40 -1.13 33.64
C THR A 298 7.83 -0.91 33.18
N THR A 299 8.16 -1.32 31.97
CA THR A 299 9.45 -0.98 31.39
C THR A 299 9.21 -0.15 30.14
N LYS A 300 10.27 0.51 29.67
CA LYS A 300 10.16 1.49 28.60
C LYS A 300 10.75 0.98 27.29
N LYS A 301 10.70 -0.33 27.06
CA LYS A 301 11.22 -0.92 25.84
C LYS A 301 10.08 -1.45 24.98
N ARG A 302 10.22 -1.29 23.67
CA ARG A 302 9.25 -1.83 22.73
C ARG A 302 9.47 -3.31 22.49
N GLU A 303 10.71 -3.76 22.51
CA GLU A 303 11.04 -5.15 22.27
C GLU A 303 10.83 -6.04 23.49
N ALA A 304 10.54 -5.46 24.65
CA ALA A 304 10.25 -6.28 25.83
C ALA A 304 8.87 -6.90 25.76
N ARG A 305 7.95 -6.32 25.02
CA ARG A 305 6.57 -6.80 24.93
C ARG A 305 6.38 -7.86 23.87
N GLN A 306 7.46 -8.43 23.35
CA GLN A 306 7.37 -9.62 22.52
C GLN A 306 7.54 -10.89 23.31
N ILE A 307 7.82 -10.77 24.62
CA ILE A 307 7.84 -11.91 25.54
C ILE A 307 6.43 -12.28 25.96
N LEU A 308 5.47 -11.41 25.71
CA LEU A 308 4.04 -11.69 25.87
C LEU A 308 3.49 -12.65 24.82
N ASP A 309 4.28 -13.01 23.82
CA ASP A 309 3.88 -13.94 22.78
C ASP A 309 4.57 -15.29 22.94
N GLN A 310 5.28 -15.49 24.05
CA GLN A 310 6.02 -16.73 24.26
C GLN A 310 5.13 -17.76 24.93
N THR A 311 5.45 -19.03 24.71
CA THR A 311 4.57 -20.15 25.07
C THR A 311 4.22 -20.40 26.53
N PRO A 312 4.96 -19.97 27.58
CA PRO A 312 4.37 -20.00 28.91
C PRO A 312 3.68 -18.71 29.34
N VAL A 313 3.79 -17.64 28.55
CA VAL A 313 3.30 -16.33 28.94
C VAL A 313 2.02 -15.97 28.19
N LYS A 314 1.96 -16.25 26.89
CA LYS A 314 0.73 -15.96 26.16
C LYS A 314 -0.40 -16.93 26.50
N GLU A 315 -0.08 -18.04 27.15
CA GLU A 315 -1.08 -18.99 27.60
C GLU A 315 -1.34 -18.87 29.09
N LEU A 316 -0.63 -17.97 29.77
CA LEU A 316 -0.91 -17.57 31.14
C LEU A 316 -1.77 -16.32 31.17
N VAL A 317 -1.53 -15.40 30.26
CA VAL A 317 -2.31 -14.17 30.19
C VAL A 317 -3.73 -14.45 29.71
N SER A 318 -3.85 -15.18 28.61
CA SER A 318 -5.16 -15.51 28.06
C SER A 318 -5.82 -16.69 28.77
N LEU A 319 -5.37 -17.02 29.97
CA LEU A 319 -6.02 -17.96 30.85
C LEU A 319 -6.56 -17.30 32.10
N LYS A 320 -5.95 -16.20 32.54
CA LYS A 320 -6.52 -15.41 33.62
C LYS A 320 -7.15 -14.11 33.11
N TRP A 321 -7.34 -14.00 31.80
CA TRP A 321 -8.22 -13.00 31.23
C TRP A 321 -9.55 -13.57 30.79
N LYS A 322 -9.56 -14.77 30.21
CA LYS A 322 -10.81 -15.43 29.88
C LYS A 322 -11.58 -15.83 31.12
N ARG A 323 -10.88 -16.42 32.09
CA ARG A 323 -11.54 -16.90 33.31
C ARG A 323 -11.96 -15.75 34.20
N TYR A 324 -11.00 -14.94 34.64
CA TYR A 324 -11.18 -14.04 35.77
C TYR A 324 -10.99 -12.58 35.43
N GLY A 325 -10.30 -12.26 34.35
CA GLY A 325 -10.01 -10.89 34.02
C GLY A 325 -11.16 -10.21 33.31
N ARG A 326 -11.83 -10.91 32.40
CA ARG A 326 -12.94 -10.30 31.68
C ARG A 326 -14.23 -10.19 32.50
N PRO A 327 -14.65 -11.17 33.32
CA PRO A 327 -15.83 -10.90 34.18
C PRO A 327 -15.63 -9.81 35.22
N TYR A 328 -14.42 -9.60 35.71
CA TYR A 328 -14.17 -8.52 36.66
C TYR A 328 -13.86 -7.21 35.97
N PHE A 329 -13.93 -7.15 34.65
CA PHE A 329 -13.71 -5.91 33.92
C PHE A 329 -14.96 -5.44 33.21
N CYS A 330 -15.88 -6.34 32.90
CA CYS A 330 -17.19 -5.97 32.41
C CYS A 330 -18.19 -5.76 33.54
N MET A 331 -17.84 -6.12 34.77
CA MET A 331 -18.59 -5.66 35.92
C MET A 331 -18.19 -4.26 36.33
N LEU A 332 -16.91 -3.91 36.20
CA LEU A 332 -16.51 -2.54 36.49
C LEU A 332 -16.83 -1.60 35.34
N GLY A 333 -17.05 -2.12 34.15
CA GLY A 333 -17.48 -1.30 33.04
C GLY A 333 -18.97 -1.11 32.94
N ALA A 334 -19.73 -1.94 33.65
CA ALA A 334 -21.16 -1.75 33.77
C ALA A 334 -21.55 -0.96 35.01
N ILE A 335 -20.72 -0.98 36.06
CA ILE A 335 -20.98 -0.09 37.18
C ILE A 335 -20.63 1.34 36.81
N TYR A 336 -19.51 1.55 36.11
CA TYR A 336 -19.10 2.90 35.76
C TYR A 336 -20.01 3.52 34.72
N LEU A 337 -20.45 2.75 33.72
CA LEU A 337 -21.39 3.28 32.74
C LEU A 337 -22.75 3.55 33.33
N LEU A 338 -23.10 2.89 34.43
CA LEU A 338 -24.34 3.16 35.14
C LEU A 338 -24.14 4.18 36.25
N TYR A 339 -22.91 4.35 36.73
CA TYR A 339 -22.60 5.47 37.61
C TYR A 339 -22.73 6.80 36.89
N ILE A 340 -22.47 6.84 35.59
CA ILE A 340 -22.37 8.12 34.90
C ILE A 340 -23.65 8.45 34.14
N ILE A 341 -24.60 7.53 34.07
CA ILE A 341 -25.96 7.92 33.69
C ILE A 341 -26.63 8.63 34.86
N CYS A 342 -26.32 8.29 36.10
CA CYS A 342 -26.87 9.03 37.22
C CYS A 342 -26.00 10.23 37.60
N PHE A 343 -24.90 10.46 36.90
CA PHE A 343 -24.26 11.77 36.93
C PHE A 343 -24.76 12.69 35.82
N THR A 344 -25.08 12.12 34.66
CA THR A 344 -25.67 12.92 33.59
C THR A 344 -27.03 13.46 33.99
N MET A 345 -27.90 12.61 34.56
CA MET A 345 -29.24 13.04 34.92
C MET A 345 -29.28 14.00 36.10
N CYS A 346 -28.22 14.09 36.90
CA CYS A 346 -28.18 15.10 37.94
C CYS A 346 -27.51 16.37 37.46
N CYS A 347 -27.21 16.45 36.17
CA CYS A 347 -26.80 17.68 35.52
C CYS A 347 -27.82 18.18 34.51
N ILE A 348 -28.58 17.26 33.88
CA ILE A 348 -29.75 17.65 33.10
C ILE A 348 -30.80 18.32 33.96
N TYR A 349 -31.06 17.82 35.17
CA TYR A 349 -32.15 18.30 36.00
C TYR A 349 -31.67 19.26 37.09
N ARG A 350 -30.62 20.02 36.84
CA ARG A 350 -30.02 20.90 37.85
C ARG A 350 -30.98 22.04 38.19
N PRO A 351 -30.89 22.61 39.41
CA PRO A 351 -31.84 23.67 39.80
C PRO A 351 -31.54 24.96 39.05
N LEU A 352 -32.61 25.58 38.53
CA LEU A 352 -32.43 26.62 37.53
C LEU A 352 -33.68 27.49 37.50
N LYS A 353 -33.60 28.67 38.11
CA LYS A 353 -34.74 29.58 38.20
C LYS A 353 -34.81 30.41 36.93
N PRO A 354 -35.78 31.30 36.79
CA PRO A 354 -35.67 32.35 35.76
C PRO A 354 -34.94 33.58 36.28
N ARG A 355 -34.69 34.49 35.35
CA ARG A 355 -33.80 35.61 35.56
C ARG A 355 -34.53 36.76 36.26
N THR A 356 -33.78 37.53 37.07
CA THR A 356 -34.35 38.64 37.83
C THR A 356 -33.74 39.99 37.51
N ASN A 357 -32.55 40.06 36.92
CA ASN A 357 -31.82 41.32 36.85
C ASN A 357 -32.10 42.13 35.57
N ASN A 358 -33.27 41.92 34.94
CA ASN A 358 -33.87 42.82 33.95
C ASN A 358 -33.12 42.97 32.63
N ARG A 359 -32.01 42.22 32.46
CA ARG A 359 -31.05 42.33 31.34
C ARG A 359 -30.73 43.78 30.95
N THR A 360 -30.15 44.50 31.92
CA THR A 360 -29.62 45.84 31.72
C THR A 360 -28.15 45.77 31.35
N SER A 361 -27.78 44.69 30.68
CA SER A 361 -26.51 44.32 30.11
C SER A 361 -26.35 45.04 28.77
N PRO A 362 -25.28 44.81 27.99
CA PRO A 362 -25.31 45.27 26.58
C PRO A 362 -26.36 44.53 25.79
N ARG A 363 -27.59 45.07 25.88
CA ARG A 363 -28.84 44.65 25.28
C ARG A 363 -28.69 44.17 23.84
N ASP A 364 -29.40 43.08 23.52
CA ASP A 364 -29.45 42.31 22.27
C ASP A 364 -28.20 41.48 22.05
N ASN A 365 -27.15 41.70 22.83
CA ASN A 365 -26.00 40.81 22.88
C ASN A 365 -26.03 40.00 24.16
N THR A 366 -27.23 39.76 24.70
CA THR A 366 -27.37 38.91 25.86
C THR A 366 -28.66 38.12 25.74
N LEU A 367 -28.59 36.83 26.05
CA LEU A 367 -29.75 35.96 26.01
C LEU A 367 -29.76 34.95 27.16
N LEU A 368 -28.78 35.01 28.06
CA LEU A 368 -28.82 34.18 29.24
C LEU A 368 -29.98 34.64 30.11
N GLN A 369 -30.85 33.68 30.46
CA GLN A 369 -32.10 34.08 31.09
C GLN A 369 -32.53 33.17 32.24
N GLN A 370 -31.59 32.41 32.82
CA GLN A 370 -31.96 31.55 33.93
C GLN A 370 -31.27 31.88 35.25
N LYS A 371 -29.94 31.90 35.29
CA LYS A 371 -29.11 32.16 36.49
C LYS A 371 -29.50 31.33 37.72
N LEU A 372 -29.03 30.09 37.74
CA LEU A 372 -29.40 29.00 38.62
C LEU A 372 -29.55 29.35 40.11
N LEU A 373 -30.38 28.54 40.79
CA LEU A 373 -30.80 28.68 42.18
C LEU A 373 -29.62 28.58 43.15
N GLN A 374 -29.88 28.89 44.43
CA GLN A 374 -28.80 28.83 45.40
C GLN A 374 -29.07 27.93 46.62
N GLU A 375 -30.20 28.05 47.31
CA GLU A 375 -30.52 27.12 48.39
C GLU A 375 -31.93 26.54 48.26
N ALA A 376 -32.50 26.61 47.06
CA ALA A 376 -33.85 26.13 46.81
C ALA A 376 -33.83 24.64 46.47
N TYR A 377 -34.09 23.79 47.48
CA TYR A 377 -34.35 22.37 47.25
C TYR A 377 -35.75 21.93 47.67
N MET A 378 -36.68 22.84 47.94
CA MET A 378 -37.98 22.48 48.50
C MET A 378 -38.91 21.94 47.42
N THR A 379 -38.61 20.73 46.94
CA THR A 379 -39.36 20.07 45.88
C THR A 379 -39.11 18.57 46.00
N PRO A 380 -40.14 17.73 45.87
CA PRO A 380 -39.89 16.27 45.87
C PRO A 380 -39.16 15.76 44.64
N LYS A 381 -38.98 16.58 43.60
CA LYS A 381 -38.06 16.25 42.52
C LYS A 381 -36.65 16.76 42.78
N ASP A 382 -36.48 17.70 43.71
CA ASP A 382 -35.15 18.11 44.13
C ASP A 382 -34.57 17.19 45.20
N ASP A 383 -35.38 16.30 45.77
CA ASP A 383 -34.86 15.34 46.75
C ASP A 383 -34.44 14.04 46.07
N ILE A 384 -35.11 13.69 44.97
CA ILE A 384 -34.70 12.53 44.18
C ILE A 384 -33.38 12.83 43.47
N ARG A 385 -33.20 14.08 43.03
CA ARG A 385 -31.92 14.49 42.48
C ARG A 385 -30.86 14.55 43.57
N LEU A 386 -31.25 14.93 44.79
CA LEU A 386 -30.32 15.03 45.91
C LEU A 386 -29.70 13.69 46.24
N VAL A 387 -30.47 12.60 46.15
CA VAL A 387 -29.91 11.27 46.26
C VAL A 387 -29.00 10.98 45.06
N GLY A 388 -29.46 11.33 43.87
CA GLY A 388 -28.71 11.05 42.66
C GLY A 388 -27.49 11.92 42.43
N GLU A 389 -27.39 13.07 43.09
CA GLU A 389 -26.18 13.87 43.02
C GLU A 389 -25.33 13.74 44.27
N LEU A 390 -25.75 12.91 45.22
CA LEU A 390 -24.89 12.55 46.34
C LEU A 390 -24.24 11.20 46.10
N VAL A 391 -24.80 10.40 45.18
CA VAL A 391 -24.10 9.21 44.69
C VAL A 391 -22.88 9.62 43.89
N THR A 392 -23.02 10.62 43.02
CA THR A 392 -21.89 11.06 42.22
C THR A 392 -20.85 11.83 43.02
N VAL A 393 -21.18 12.30 44.22
CA VAL A 393 -20.15 12.84 45.10
C VAL A 393 -19.37 11.70 45.76
N ILE A 394 -20.08 10.70 46.29
CA ILE A 394 -19.44 9.54 46.88
C ILE A 394 -18.66 8.77 45.82
N GLY A 395 -19.22 8.66 44.62
CA GLY A 395 -18.53 7.97 43.55
C GLY A 395 -17.31 8.68 43.01
N ALA A 396 -17.14 9.97 43.33
CA ALA A 396 -15.95 10.70 42.94
C ALA A 396 -14.96 10.86 44.08
N ILE A 397 -15.34 10.48 45.31
CA ILE A 397 -14.37 10.38 46.39
C ILE A 397 -13.66 9.03 46.34
N ILE A 398 -14.41 7.98 45.99
CA ILE A 398 -13.84 6.63 45.90
C ILE A 398 -12.84 6.54 44.75
N ILE A 399 -13.00 7.35 43.70
CA ILE A 399 -11.97 7.42 42.67
C ILE A 399 -10.69 8.06 43.24
N LEU A 400 -10.84 9.12 44.03
CA LEU A 400 -9.67 9.76 44.62
C LEU A 400 -9.13 9.06 45.86
N LEU A 401 -9.66 7.89 46.20
CA LEU A 401 -9.08 7.08 47.28
C LEU A 401 -8.41 5.81 46.78
N VAL A 402 -8.56 5.46 45.50
CA VAL A 402 -7.89 4.31 44.92
C VAL A 402 -6.97 4.71 43.77
N GLU A 403 -6.82 6.00 43.51
CA GLU A 403 -5.95 6.50 42.45
C GLU A 403 -4.87 7.43 42.96
N VAL A 404 -5.20 8.34 43.87
CA VAL A 404 -4.22 9.20 44.53
C VAL A 404 -3.28 8.39 45.44
N PRO A 405 -3.72 7.31 46.17
CA PRO A 405 -2.71 6.46 46.82
C PRO A 405 -1.91 5.55 45.90
N ASP A 406 -1.96 5.76 44.59
CA ASP A 406 -1.06 5.08 43.67
C ASP A 406 -0.05 6.06 43.10
N ILE A 407 -0.48 7.29 42.86
CA ILE A 407 0.39 8.32 42.26
C ILE A 407 1.43 8.75 43.27
N PHE A 408 1.02 8.96 44.51
CA PHE A 408 1.92 9.41 45.57
C PHE A 408 2.42 8.25 46.42
N ARG A 409 2.48 7.05 45.82
CA ARG A 409 3.03 5.90 46.52
C ARG A 409 3.87 5.06 45.54
N MET A 410 3.85 5.45 44.26
CA MET A 410 4.66 4.76 43.26
C MET A 410 5.51 5.76 42.49
N GLY A 411 6.23 6.61 43.20
CA GLY A 411 7.05 7.63 42.57
C GLY A 411 6.23 8.84 42.17
N VAL A 412 6.44 9.33 40.95
CA VAL A 412 5.53 10.30 40.34
C VAL A 412 5.11 9.69 39.00
N THR A 413 5.99 8.88 38.43
CA THR A 413 5.75 8.27 37.12
C THR A 413 4.79 7.08 37.22
N PRO A 424 -3.14 7.23 29.88
CA PRO A 424 -3.88 8.49 29.82
C PRO A 424 -5.12 8.49 30.68
N PHE A 425 -5.74 7.32 30.82
CA PHE A 425 -6.99 7.23 31.57
C PHE A 425 -6.80 7.25 33.07
N HIS A 426 -5.56 7.28 33.56
CA HIS A 426 -5.35 7.73 34.92
C HIS A 426 -5.71 9.19 35.05
N VAL A 427 -5.16 10.02 34.16
CA VAL A 427 -5.29 11.48 34.25
C VAL A 427 -6.73 11.91 34.03
N LEU A 428 -7.42 11.27 33.09
CA LEU A 428 -8.80 11.63 32.76
C LEU A 428 -9.82 11.15 33.79
N ILE A 429 -9.42 10.48 34.86
CA ILE A 429 -10.35 10.08 35.89
C ILE A 429 -10.01 10.67 37.25
N ILE A 430 -8.77 11.15 37.47
CA ILE A 430 -8.57 12.10 38.55
C ILE A 430 -9.17 13.44 38.17
N THR A 431 -9.03 13.85 36.90
CA THR A 431 -9.60 15.11 36.43
C THR A 431 -11.12 15.11 36.48
N TYR A 432 -11.74 13.98 36.14
CA TYR A 432 -13.18 13.84 36.33
C TYR A 432 -13.56 13.96 37.80
N ALA A 433 -12.84 13.24 38.68
CA ALA A 433 -13.19 13.23 40.09
C ALA A 433 -12.85 14.54 40.77
N PHE A 434 -11.97 15.35 40.17
CA PHE A 434 -11.72 16.68 40.71
C PHE A 434 -12.81 17.66 40.29
N MET A 435 -13.30 17.54 39.05
CA MET A 435 -14.34 18.44 38.57
C MET A 435 -15.69 18.19 39.22
N VAL A 436 -15.91 16.99 39.74
CA VAL A 436 -17.14 16.72 40.49
C VAL A 436 -17.04 17.34 41.88
N LEU A 437 -15.84 17.35 42.46
CA LEU A 437 -15.68 18.02 43.74
C LEU A 437 -15.61 19.53 43.63
N VAL A 438 -15.22 20.07 42.47
CA VAL A 438 -15.29 21.51 42.27
C VAL A 438 -16.73 21.97 42.14
N THR A 439 -17.54 21.24 41.36
CA THR A 439 -18.95 21.61 41.24
C THR A 439 -19.76 21.26 42.46
N MET A 440 -19.21 20.51 43.42
CA MET A 440 -19.81 20.40 44.74
C MET A 440 -19.55 21.63 45.59
N VAL A 441 -18.30 22.11 45.63
CA VAL A 441 -17.97 23.30 46.41
C VAL A 441 -18.71 24.51 45.87
N MET A 442 -18.85 24.61 44.55
CA MET A 442 -19.65 25.69 43.95
C MET A 442 -21.14 25.54 44.25
N ARG A 443 -21.62 24.34 44.47
CA ARG A 443 -23.01 24.16 44.87
C ARG A 443 -23.24 24.56 46.32
N LEU A 444 -22.27 24.30 47.20
CA LEU A 444 -22.44 24.63 48.61
C LEU A 444 -22.33 26.13 48.85
N ILE A 445 -21.28 26.76 48.31
CA ILE A 445 -21.07 28.19 48.55
C ILE A 445 -21.91 29.06 47.63
N SER A 446 -22.74 28.45 46.77
CA SER A 446 -23.60 29.12 45.79
C SER A 446 -22.79 30.00 44.85
N ALA A 447 -21.73 29.43 44.29
CA ALA A 447 -20.91 30.14 43.32
C ALA A 447 -21.65 30.28 42.00
N SER A 448 -21.23 31.26 41.21
CA SER A 448 -21.99 31.66 40.05
C SER A 448 -21.84 30.70 38.88
N GLY A 449 -20.64 30.57 38.34
CA GLY A 449 -20.48 29.81 37.13
C GLY A 449 -20.26 28.34 37.39
N GLU A 450 -21.34 27.57 37.35
CA GLU A 450 -21.29 26.15 37.63
C GLU A 450 -21.38 25.32 36.34
N VAL A 451 -21.69 25.96 35.22
CA VAL A 451 -21.72 25.25 33.95
C VAL A 451 -20.31 24.89 33.49
N VAL A 452 -19.28 25.49 34.06
CA VAL A 452 -17.91 25.24 33.64
C VAL A 452 -17.35 23.95 34.22
N PRO A 453 -17.45 23.63 35.53
CA PRO A 453 -16.96 22.31 35.95
C PRO A 453 -17.83 21.16 35.48
N MET A 454 -19.14 21.38 35.28
CA MET A 454 -19.98 20.30 34.77
C MET A 454 -19.68 19.99 33.32
N SER A 455 -19.36 21.01 32.52
CA SER A 455 -19.09 20.77 31.10
C SER A 455 -17.82 19.98 30.90
N PHE A 456 -16.83 20.14 31.78
CA PHE A 456 -15.67 19.26 31.74
C PHE A 456 -16.01 17.87 32.25
N ALA A 457 -16.77 17.78 33.34
CA ALA A 457 -17.04 16.50 33.97
C ALA A 457 -18.02 15.65 33.17
N LEU A 458 -18.83 16.25 32.31
CA LEU A 458 -19.69 15.47 31.41
C LEU A 458 -18.96 14.94 30.19
N VAL A 459 -17.76 15.42 29.89
CA VAL A 459 -17.02 14.94 28.74
C VAL A 459 -15.70 14.30 29.13
N LEU A 460 -15.07 14.71 30.23
CA LEU A 460 -14.00 13.89 30.80
C LEU A 460 -14.57 12.63 31.41
N GLY A 461 -15.84 12.66 31.79
CA GLY A 461 -16.49 11.50 32.32
C GLY A 461 -16.95 10.51 31.27
N TRP A 462 -17.64 10.97 30.23
CA TRP A 462 -18.11 10.03 29.21
C TRP A 462 -16.97 9.48 28.37
N CYS A 463 -15.94 10.26 28.12
CA CYS A 463 -14.80 9.73 27.37
C CYS A 463 -13.93 8.79 28.18
N ASN A 464 -14.24 8.52 29.44
CA ASN A 464 -13.61 7.43 30.18
C ASN A 464 -14.30 6.10 29.96
N VAL A 465 -15.43 6.08 29.26
CA VAL A 465 -16.04 4.81 28.87
C VAL A 465 -15.23 4.19 27.73
N MET A 466 -14.39 4.99 27.06
CA MET A 466 -13.42 4.44 26.12
C MET A 466 -12.33 3.62 26.78
N TYR A 467 -12.14 3.75 28.10
CA TYR A 467 -11.20 2.87 28.79
C TYR A 467 -11.67 1.44 28.73
N PHE A 468 -12.97 1.22 28.91
CA PHE A 468 -13.52 -0.13 28.95
C PHE A 468 -13.70 -0.73 27.57
N ALA A 469 -13.29 -0.02 26.53
CA ALA A 469 -13.16 -0.58 25.19
C ALA A 469 -11.77 -1.14 24.97
N ARG A 470 -11.30 -1.93 25.92
CA ARG A 470 -10.11 -2.75 25.74
C ARG A 470 -10.35 -4.17 26.19
N GLY A 471 -11.46 -4.45 26.83
CA GLY A 471 -11.87 -5.82 27.07
C GLY A 471 -12.49 -6.50 25.88
N PHE A 472 -12.63 -5.77 24.77
CA PHE A 472 -13.25 -6.27 23.56
C PHE A 472 -12.21 -6.15 22.45
N GLN A 473 -11.92 -7.26 21.79
CA GLN A 473 -10.85 -7.28 20.79
C GLN A 473 -11.22 -6.50 19.53
N MET A 474 -12.51 -6.32 19.28
CA MET A 474 -12.96 -5.57 18.12
C MET A 474 -12.64 -4.09 18.27
N LEU A 475 -13.21 -3.46 19.30
CA LEU A 475 -13.05 -2.04 19.56
C LEU A 475 -11.94 -1.76 20.58
N GLY A 476 -10.96 -2.65 20.66
CA GLY A 476 -9.82 -2.49 21.54
C GLY A 476 -8.68 -1.69 20.97
N PRO A 477 -8.10 -2.13 19.84
CA PRO A 477 -7.05 -1.34 19.19
C PRO A 477 -7.53 -0.04 18.57
N PHE A 478 -8.84 0.17 18.45
CA PHE A 478 -9.39 1.43 17.96
C PHE A 478 -9.21 2.55 18.97
N THR A 479 -8.96 2.23 20.24
CA THR A 479 -8.65 3.23 21.26
C THR A 479 -7.15 3.55 21.30
N ILE A 480 -6.30 2.59 20.94
CA ILE A 480 -4.87 2.85 20.72
C ILE A 480 -4.61 3.86 19.62
N MET A 481 -5.23 3.71 18.45
CA MET A 481 -4.95 4.60 17.33
C MET A 481 -5.79 5.88 17.37
N ILE A 482 -6.41 6.16 18.51
CA ILE A 482 -6.80 7.51 18.86
C ILE A 482 -5.72 8.21 19.68
N GLN A 483 -5.08 7.52 20.62
CA GLN A 483 -3.92 8.05 21.32
C GLN A 483 -2.75 8.32 20.38
N LYS A 484 -2.47 7.40 19.46
CA LYS A 484 -1.36 7.57 18.53
C LYS A 484 -1.61 8.62 17.46
N MET A 485 -2.80 9.20 17.42
CA MET A 485 -3.08 10.29 16.49
C MET A 485 -3.28 11.62 17.18
N ILE A 486 -3.79 11.66 18.41
CA ILE A 486 -3.84 12.92 19.16
C ILE A 486 -2.43 13.39 19.47
N PHE A 487 -1.62 12.50 20.04
CA PHE A 487 -0.24 12.81 20.38
C PHE A 487 0.71 12.38 19.28
N GLY A 488 0.23 12.36 18.05
CA GLY A 488 0.92 11.90 16.87
C GLY A 488 0.66 12.89 15.75
N ASP A 489 -0.05 12.39 14.73
CA ASP A 489 -0.30 13.13 13.49
C ASP A 489 -1.04 14.44 13.71
N LEU A 490 -1.83 14.57 14.77
CA LEU A 490 -2.55 15.80 15.02
C LEU A 490 -1.79 16.76 15.92
N MET A 491 -0.76 16.29 16.63
CA MET A 491 0.04 17.21 17.42
C MET A 491 1.07 17.92 16.57
N ARG A 492 1.53 17.32 15.47
CA ARG A 492 2.43 18.02 14.55
C ARG A 492 1.66 18.84 13.53
N PHE A 493 0.41 18.51 13.28
CA PHE A 493 -0.47 19.34 12.47
C PHE A 493 -1.00 20.54 13.25
N CYS A 494 -1.01 20.45 14.58
CA CYS A 494 -1.48 21.53 15.43
C CYS A 494 -0.63 22.78 15.29
N TRP A 495 0.67 22.61 15.19
CA TRP A 495 1.56 23.76 15.22
C TRP A 495 1.72 24.42 13.86
N LEU A 496 1.29 23.78 12.79
CA LEU A 496 1.24 24.45 11.50
C LEU A 496 -0.16 24.85 11.10
N MET A 497 -1.20 24.25 11.70
CA MET A 497 -2.54 24.80 11.53
C MET A 497 -2.68 26.13 12.24
N ALA A 498 -2.13 26.24 13.45
CA ALA A 498 -2.23 27.49 14.21
C ALA A 498 -1.42 28.61 13.60
N VAL A 499 -0.43 28.29 12.77
CA VAL A 499 0.24 29.30 11.97
C VAL A 499 -0.69 29.86 10.90
N VAL A 500 -1.46 29.00 10.24
CA VAL A 500 -2.35 29.44 9.19
C VAL A 500 -3.56 30.18 9.77
N ILE A 501 -4.16 29.63 10.84
CA ILE A 501 -5.37 30.25 11.36
C ILE A 501 -5.07 31.40 12.31
N LEU A 502 -3.81 31.80 12.46
CA LEU A 502 -3.46 33.10 13.00
C LEU A 502 -3.13 34.11 11.92
N GLY A 503 -2.71 33.64 10.75
CA GLY A 503 -2.38 34.53 9.68
C GLY A 503 -3.60 34.98 8.92
N PHE A 504 -4.51 34.04 8.64
CA PHE A 504 -5.73 34.41 7.94
C PHE A 504 -6.78 34.99 8.87
N ALA A 505 -6.80 34.62 10.15
CA ALA A 505 -7.76 35.24 11.05
C ALA A 505 -7.41 36.69 11.34
N SER A 506 -6.13 37.03 11.33
CA SER A 506 -5.70 38.40 11.46
C SER A 506 -5.78 39.17 10.16
N ALA A 507 -5.88 38.46 9.03
CA ALA A 507 -6.12 39.11 7.75
C ALA A 507 -7.60 39.32 7.54
N PHE A 508 -8.42 38.35 7.92
CA PHE A 508 -9.88 38.47 7.85
C PHE A 508 -10.41 39.53 8.80
N TYR A 509 -9.75 39.72 9.94
CA TYR A 509 -10.24 40.69 10.91
C TYR A 509 -10.09 42.11 10.40
N ILE A 510 -8.90 42.46 9.89
CA ILE A 510 -8.66 43.82 9.45
C ILE A 510 -9.33 44.15 8.13
N ILE A 511 -9.82 43.15 7.40
CA ILE A 511 -10.60 43.42 6.20
C ILE A 511 -12.02 43.82 6.58
N PHE A 512 -12.63 43.07 7.49
CA PHE A 512 -13.96 43.38 8.00
C PHE A 512 -13.91 44.24 9.25
N GLN A 513 -12.86 45.04 9.40
CA GLN A 513 -12.79 45.97 10.51
C GLN A 513 -13.43 47.29 10.13
N THR A 514 -13.32 47.65 8.85
CA THR A 514 -13.93 48.85 8.29
C THR A 514 -15.26 48.50 7.60
N GLU A 515 -16.19 48.01 8.41
CA GLU A 515 -17.27 47.18 7.92
C GLU A 515 -18.45 47.30 8.88
N ASP A 516 -19.61 46.81 8.45
CA ASP A 516 -20.81 46.75 9.29
C ASP A 516 -20.96 45.31 9.78
N PRO A 517 -20.80 45.05 11.08
CA PRO A 517 -20.83 43.66 11.56
C PRO A 517 -22.24 43.11 11.70
N GLU A 518 -23.23 43.95 11.44
CA GLU A 518 -24.64 43.59 11.44
C GLU A 518 -24.96 42.52 10.41
N GLU A 519 -24.21 42.49 9.31
CA GLU A 519 -24.39 41.53 8.24
C GLU A 519 -23.02 41.03 7.79
N LEU A 520 -22.86 39.70 7.77
CA LEU A 520 -21.56 39.01 7.78
C LEU A 520 -20.72 39.48 8.96
N GLY A 521 -21.14 39.11 10.16
CA GLY A 521 -20.38 39.42 11.35
C GLY A 521 -19.58 38.24 11.85
N HIS A 522 -18.96 37.50 10.94
CA HIS A 522 -18.10 36.40 11.33
C HIS A 522 -16.87 36.87 12.09
N PHE A 523 -16.38 38.08 11.77
CA PHE A 523 -15.10 38.58 12.25
C PHE A 523 -15.41 39.96 12.82
N TYR A 524 -15.99 40.03 14.02
CA TYR A 524 -16.36 41.34 14.55
C TYR A 524 -15.49 41.78 15.71
N ASP A 525 -14.90 40.86 16.44
CA ASP A 525 -13.79 41.15 17.33
C ASP A 525 -12.77 40.03 17.20
N TYR A 526 -11.54 40.30 17.62
CA TYR A 526 -10.42 39.43 17.32
C TYR A 526 -10.46 38.02 17.93
N PRO A 527 -11.08 37.78 19.10
CA PRO A 527 -11.35 36.38 19.44
C PRO A 527 -12.28 35.68 18.47
N MET A 528 -13.36 36.32 18.03
CA MET A 528 -14.32 35.63 17.17
C MET A 528 -13.77 35.41 15.76
N ALA A 529 -12.83 36.25 15.31
CA ALA A 529 -12.18 36.01 14.05
C ALA A 529 -11.26 34.79 14.12
N LEU A 530 -10.72 34.50 15.30
CA LEU A 530 -9.93 33.28 15.48
C LEU A 530 -10.82 32.05 15.46
N PHE A 531 -12.00 32.14 16.06
CA PHE A 531 -12.85 30.97 16.14
C PHE A 531 -13.65 30.76 14.87
N SER A 532 -13.95 31.82 14.13
CA SER A 532 -14.55 31.64 12.81
C SER A 532 -13.56 31.02 11.84
N THR A 533 -12.29 31.45 11.89
CA THR A 533 -11.30 30.95 10.95
C THR A 533 -10.89 29.51 11.29
N PHE A 534 -10.89 29.15 12.56
CA PHE A 534 -10.73 27.75 12.94
C PHE A 534 -11.86 26.90 12.41
N GLU A 535 -13.09 27.42 12.48
CA GLU A 535 -14.22 26.69 11.93
C GLU A 535 -14.19 26.66 10.41
N LEU A 536 -13.75 27.73 9.78
CA LEU A 536 -13.63 27.73 8.32
C LEU A 536 -12.49 26.86 7.84
N PHE A 537 -11.50 26.59 8.69
CA PHE A 537 -10.42 25.68 8.33
C PHE A 537 -10.96 24.27 8.17
N LEU A 538 -11.79 23.85 9.10
CA LEU A 538 -12.32 22.50 9.15
C LEU A 538 -13.58 22.33 8.33
N THR A 539 -14.09 23.41 7.73
CA THR A 539 -15.37 23.50 7.03
C THR A 539 -16.52 22.99 7.91
N ILE A 540 -16.58 23.51 9.13
CA ILE A 540 -17.65 23.19 10.05
C ILE A 540 -18.50 24.42 10.37
N ILE A 541 -18.31 25.51 9.65
CA ILE A 541 -19.35 26.48 9.39
C ILE A 541 -19.38 26.70 7.90
N ASP A 542 -20.29 27.57 7.46
CA ASP A 542 -20.62 27.61 6.04
C ASP A 542 -19.49 28.24 5.25
N GLY A 543 -19.29 29.54 5.41
CA GLY A 543 -18.41 30.29 4.56
C GLY A 543 -19.05 31.63 4.29
N PRO A 544 -18.37 32.70 4.67
CA PRO A 544 -19.02 34.02 4.78
C PRO A 544 -19.42 34.60 3.43
N ALA A 545 -20.70 34.89 3.30
CA ALA A 545 -21.26 35.42 2.07
C ALA A 545 -22.54 36.16 2.40
N ASN A 546 -22.76 37.28 1.72
CA ASN A 546 -23.95 38.08 1.96
C ASN A 546 -24.83 38.24 0.72
N TYR A 547 -24.23 38.45 -0.46
CA TYR A 547 -24.90 38.46 -1.78
C TYR A 547 -25.87 39.61 -1.99
N ASN A 548 -26.13 40.40 -0.96
CA ASN A 548 -26.94 41.59 -1.05
C ASN A 548 -26.13 42.85 -0.93
N VAL A 549 -25.00 42.79 -0.21
CA VAL A 549 -24.15 43.94 0.01
C VAL A 549 -22.76 43.58 -0.49
N ASP A 550 -22.07 44.54 -1.10
CA ASP A 550 -20.74 44.29 -1.65
C ASP A 550 -19.73 44.10 -0.53
N LEU A 551 -19.12 42.93 -0.48
CA LEU A 551 -18.04 42.62 0.44
C LEU A 551 -16.78 43.37 0.01
N PRO A 552 -15.75 43.44 0.85
CA PRO A 552 -14.49 44.01 0.38
C PRO A 552 -13.88 43.17 -0.73
N PHE A 553 -13.22 43.85 -1.66
CA PHE A 553 -12.55 43.18 -2.77
C PHE A 553 -11.43 42.29 -2.27
N MET A 554 -10.76 42.71 -1.19
CA MET A 554 -9.64 41.95 -0.67
C MET A 554 -10.10 40.65 -0.02
N TYR A 555 -11.36 40.56 0.39
CA TYR A 555 -11.86 39.33 1.02
C TYR A 555 -11.93 38.17 0.03
N SER A 556 -12.38 38.43 -1.19
CA SER A 556 -12.54 37.35 -2.16
C SER A 556 -11.22 36.76 -2.61
N ILE A 557 -10.13 37.52 -2.52
CA ILE A 557 -8.82 36.99 -2.85
C ILE A 557 -8.26 36.18 -1.68
N THR A 558 -8.27 36.76 -0.48
CA THR A 558 -7.68 36.10 0.67
C THR A 558 -8.52 34.97 1.22
N TYR A 559 -9.76 34.79 0.78
CA TYR A 559 -10.51 33.61 1.14
C TYR A 559 -10.39 32.53 0.08
N ALA A 560 -10.13 32.89 -1.17
CA ALA A 560 -9.79 31.90 -2.17
C ALA A 560 -8.40 31.34 -1.93
N ALA A 561 -7.52 32.10 -1.28
CA ALA A 561 -6.24 31.55 -0.86
C ALA A 561 -6.39 30.69 0.38
N PHE A 562 -7.26 31.10 1.31
CA PHE A 562 -7.55 30.28 2.49
C PHE A 562 -8.33 29.03 2.14
N ALA A 563 -9.10 29.05 1.06
CA ALA A 563 -9.82 27.86 0.66
C ALA A 563 -8.88 26.79 0.14
N ILE A 564 -7.82 27.21 -0.55
CA ILE A 564 -6.93 26.25 -1.19
C ILE A 564 -5.91 25.72 -0.20
N ILE A 565 -5.13 26.60 0.43
CA ILE A 565 -4.00 26.14 1.22
C ILE A 565 -4.39 25.66 2.59
N ALA A 566 -5.65 25.76 2.97
CA ALA A 566 -6.06 25.36 4.30
C ALA A 566 -7.16 24.31 4.28
N THR A 567 -8.23 24.55 3.53
CA THR A 567 -9.27 23.54 3.37
C THR A 567 -8.85 22.45 2.38
N LEU A 568 -8.42 22.84 1.18
CA LEU A 568 -8.14 21.86 0.14
C LEU A 568 -6.80 21.16 0.38
N LEU A 569 -5.74 21.92 0.58
CA LEU A 569 -4.41 21.34 0.70
C LEU A 569 -4.19 20.68 2.05
N MET A 570 -4.34 21.45 3.11
CA MET A 570 -3.72 21.12 4.38
C MET A 570 -4.63 20.33 5.28
N LEU A 571 -5.95 20.43 5.09
CA LEU A 571 -6.87 19.57 5.80
C LEU A 571 -6.82 18.15 5.26
N ASN A 572 -6.76 18.00 3.93
CA ASN A 572 -6.67 16.68 3.32
C ASN A 572 -5.27 16.12 3.33
N LEU A 573 -4.28 16.95 3.69
CA LEU A 573 -2.95 16.44 4.01
C LEU A 573 -2.96 15.70 5.33
N LEU A 574 -3.83 16.10 6.25
CA LEU A 574 -3.90 15.50 7.57
C LEU A 574 -4.77 14.25 7.60
N ILE A 575 -5.73 14.13 6.69
CA ILE A 575 -6.48 12.89 6.61
C ILE A 575 -5.79 11.86 5.73
N ALA A 576 -4.70 12.25 5.07
CA ALA A 576 -3.88 11.35 4.27
C ALA A 576 -2.60 10.98 4.98
N MET A 577 -2.30 11.62 6.10
CA MET A 577 -1.23 11.17 6.97
C MET A 577 -1.76 10.47 8.20
N MET A 578 -3.09 10.36 8.33
CA MET A 578 -3.70 9.39 9.22
C MET A 578 -4.06 8.10 8.51
N GLY A 579 -4.08 8.10 7.19
CA GLY A 579 -4.39 6.92 6.40
C GLY A 579 -3.13 6.27 5.89
N ASP A 580 -2.05 7.04 5.94
CA ASP A 580 -0.70 6.52 5.79
C ASP A 580 -0.12 6.05 7.11
N THR A 581 -0.70 6.47 8.24
CA THR A 581 -0.28 5.97 9.53
C THR A 581 -0.66 4.51 9.72
N HIS A 582 -1.92 4.15 9.39
CA HIS A 582 -2.51 2.84 9.69
C HIS A 582 -1.70 1.66 9.18
N TRP A 583 -1.51 1.58 7.86
CA TRP A 583 -0.99 0.36 7.26
C TRP A 583 0.48 0.12 7.57
N ARG A 584 1.19 1.10 8.12
CA ARG A 584 2.51 0.89 8.67
C ARG A 584 2.53 0.94 10.19
N VAL A 585 1.37 0.97 10.85
CA VAL A 585 1.33 0.70 12.29
C VAL A 585 0.34 -0.41 12.54
N ALA A 586 -0.16 -1.05 11.48
CA ALA A 586 -1.23 -2.04 11.59
C ALA A 586 -0.80 -3.28 12.36
N HIS A 587 0.50 -3.56 12.37
CA HIS A 587 1.01 -4.68 13.15
C HIS A 587 1.27 -4.27 14.59
N GLU A 588 1.83 -3.08 14.78
CA GLU A 588 2.14 -2.58 16.11
C GLU A 588 0.88 -2.30 16.91
N ARG A 589 -0.10 -1.64 16.29
CA ARG A 589 -1.36 -1.30 16.93
C ARG A 589 -2.18 -2.55 17.26
N ASP A 590 -2.00 -3.65 16.53
CA ASP A 590 -2.77 -4.85 16.82
C ASP A 590 -2.07 -5.79 17.78
N GLU A 591 -0.75 -5.68 17.93
CA GLU A 591 -0.08 -6.44 19.00
C GLU A 591 -0.03 -5.65 20.29
N LEU A 592 -0.45 -4.38 20.25
CA LEU A 592 -0.51 -3.58 21.46
C LEU A 592 -1.88 -3.70 22.13
N TRP A 593 -2.76 -4.56 21.61
CA TRP A 593 -4.00 -4.83 22.32
C TRP A 593 -3.76 -5.79 23.49
N ARG A 594 -3.01 -6.86 23.28
CA ARG A 594 -2.83 -7.79 24.38
C ARG A 594 -1.76 -7.32 25.34
N ALA A 595 -1.07 -6.22 25.05
CA ALA A 595 -0.30 -5.56 26.09
C ALA A 595 -1.19 -4.70 26.97
N GLN A 596 -2.37 -4.31 26.47
CA GLN A 596 -3.38 -3.68 27.31
C GLN A 596 -4.12 -4.69 28.17
N ILE A 597 -4.16 -5.94 27.73
CA ILE A 597 -4.80 -6.99 28.52
C ILE A 597 -3.93 -7.37 29.69
N VAL A 598 -2.60 -7.41 29.50
CA VAL A 598 -1.68 -7.72 30.59
C VAL A 598 -1.69 -6.61 31.62
N ALA A 599 -1.70 -5.35 31.17
CA ALA A 599 -1.70 -4.23 32.10
C ALA A 599 -3.00 -4.13 32.87
N THR A 600 -4.09 -4.59 32.27
CA THR A 600 -5.37 -4.63 32.96
C THR A 600 -5.46 -5.82 33.92
N THR A 601 -5.00 -7.00 33.49
CA THR A 601 -5.03 -8.19 34.33
C THR A 601 -4.11 -8.04 35.53
N VAL A 602 -2.98 -7.36 35.37
CA VAL A 602 -2.10 -7.06 36.50
C VAL A 602 -2.78 -6.09 37.46
N MET A 603 -3.44 -5.05 36.93
CA MET A 603 -4.11 -4.08 37.78
C MET A 603 -5.31 -4.69 38.50
N LEU A 604 -6.08 -5.54 37.81
CA LEU A 604 -7.23 -6.19 38.44
C LEU A 604 -6.79 -7.21 39.48
N GLU A 605 -5.56 -7.70 39.39
CA GLU A 605 -5.09 -8.69 40.35
C GLU A 605 -4.54 -8.02 41.60
N ARG A 606 -3.92 -6.85 41.45
CA ARG A 606 -3.36 -6.15 42.59
C ARG A 606 -4.45 -5.50 43.45
N LYS A 607 -5.50 -4.98 42.81
CA LYS A 607 -6.53 -4.26 43.55
C LYS A 607 -7.49 -5.22 44.24
N LEU A 608 -7.90 -6.27 43.54
CA LEU A 608 -8.87 -7.22 44.08
C LEU A 608 -8.22 -8.08 45.17
N PRO A 609 -8.96 -8.49 46.19
CA PRO A 609 -8.36 -9.30 47.25
C PRO A 609 -8.14 -10.74 46.83
N ARG A 610 -7.51 -11.49 47.73
CA ARG A 610 -7.19 -12.90 47.46
C ARG A 610 -8.38 -13.82 47.72
N CYS A 611 -9.45 -13.32 48.34
CA CYS A 611 -10.67 -14.11 48.46
C CYS A 611 -11.32 -14.35 47.10
N LEU A 612 -11.40 -13.30 46.28
CA LEU A 612 -11.65 -13.47 44.85
C LEU A 612 -10.31 -13.73 44.17
N TRP A 613 -10.36 -13.85 42.84
CA TRP A 613 -9.19 -14.07 41.96
C TRP A 613 -8.34 -15.27 42.39
N PRO A 614 -8.74 -16.51 42.10
CA PRO A 614 -7.87 -17.65 42.36
C PRO A 614 -6.57 -17.58 41.56
N ARG A 615 -5.52 -18.16 42.12
CA ARG A 615 -4.22 -18.12 41.49
C ARG A 615 -4.20 -18.97 40.23
N SER A 616 -3.32 -18.60 39.31
CA SER A 616 -3.25 -19.25 38.01
C SER A 616 -2.39 -20.49 38.07
N GLY A 617 -2.85 -21.55 37.43
CA GLY A 617 -2.10 -22.79 37.39
C GLY A 617 -2.54 -23.77 38.46
N ILE A 618 -1.84 -24.89 38.48
CA ILE A 618 -2.17 -26.01 39.37
C ILE A 618 -1.04 -26.14 40.38
N CYS A 619 -1.37 -25.97 41.66
CA CYS A 619 -0.37 -26.11 42.71
C CYS A 619 0.08 -27.55 42.84
N GLY A 620 1.35 -27.74 43.13
CA GLY A 620 1.91 -29.08 43.16
C GLY A 620 2.22 -29.64 44.53
N ARG A 621 1.49 -29.22 45.55
CA ARG A 621 1.69 -29.82 46.88
C ARG A 621 1.09 -31.21 46.94
N GLU A 622 -0.08 -31.38 46.35
CA GLU A 622 -0.78 -32.67 46.36
C GLU A 622 -0.40 -33.54 45.18
N TYR A 623 0.68 -33.22 44.47
CA TYR A 623 1.12 -34.01 43.32
C TYR A 623 2.61 -34.28 43.35
N GLY A 624 3.26 -34.02 44.49
CA GLY A 624 4.67 -34.35 44.63
C GLY A 624 5.62 -33.48 43.86
N LEU A 625 5.22 -32.28 43.47
CA LEU A 625 6.04 -31.39 42.67
C LEU A 625 6.61 -30.23 43.46
N GLY A 626 6.31 -30.11 44.74
CA GLY A 626 6.84 -29.05 45.56
C GLY A 626 5.77 -28.07 46.00
N ASP A 627 6.19 -26.84 46.20
CA ASP A 627 5.28 -25.76 46.56
C ASP A 627 5.04 -24.80 45.40
N ARG A 628 5.40 -25.20 44.19
CA ARG A 628 5.34 -24.30 43.06
C ARG A 628 4.03 -24.50 42.29
N TRP A 629 3.69 -23.53 41.47
CA TRP A 629 2.43 -23.48 40.76
C TRP A 629 2.67 -23.66 39.27
N PHE A 630 2.23 -24.78 38.72
CA PHE A 630 2.58 -25.20 37.36
C PHE A 630 1.44 -24.93 36.40
N LEU A 631 1.79 -24.83 35.12
CA LEU A 631 0.80 -24.62 34.05
C LEU A 631 1.19 -25.53 32.90
N ARG A 632 0.41 -26.58 32.65
CA ARG A 632 0.71 -27.47 31.54
C ARG A 632 0.00 -27.01 30.28
N VAL A 633 0.55 -27.40 29.14
CA VAL A 633 -0.09 -27.18 27.86
C VAL A 633 0.34 -28.31 26.93
N GLU A 634 -0.58 -28.82 26.14
CA GLU A 634 -0.25 -29.82 25.14
C GLU A 634 -0.42 -29.23 23.75
N ASP A 635 0.38 -29.73 22.81
CA ASP A 635 0.38 -29.20 21.46
C ASP A 635 0.92 -30.23 20.49
N ARG A 636 0.48 -30.13 19.24
CA ARG A 636 1.04 -30.94 18.17
C ARG A 636 2.34 -30.33 17.69
N GLN A 637 3.30 -31.20 17.40
CA GLN A 637 4.62 -30.78 16.95
C GLN A 637 4.94 -31.39 15.59
N ASP A 638 3.95 -32.02 14.97
CA ASP A 638 4.00 -32.59 13.62
C ASP A 638 5.13 -33.62 13.43
N TRP B 22 -20.32 -23.47 37.66
CA TRP B 22 -21.68 -23.73 37.24
C TRP B 22 -21.74 -24.05 35.74
N PHE B 23 -22.43 -23.22 34.98
CA PHE B 23 -22.48 -23.35 33.53
C PHE B 23 -21.50 -22.41 32.83
N GLN B 24 -21.08 -21.33 33.50
CA GLN B 24 -20.18 -20.35 32.89
C GLN B 24 -18.78 -20.93 32.71
N ARG B 25 -18.41 -21.93 33.51
CA ARG B 25 -17.11 -22.57 33.42
C ARG B 25 -17.17 -23.70 32.39
N ARG B 26 -16.79 -23.40 31.16
CA ARG B 26 -16.45 -24.43 30.19
C ARG B 26 -14.96 -24.76 30.24
N GLU B 27 -14.18 -23.98 30.99
CA GLU B 27 -12.78 -24.29 31.25
C GLU B 27 -12.60 -25.09 32.53
N SER B 28 -13.67 -25.61 33.10
CA SER B 28 -13.56 -26.48 34.26
C SER B 28 -13.39 -27.94 33.88
N TRP B 29 -13.46 -28.27 32.58
CA TRP B 29 -13.05 -29.58 32.12
C TRP B 29 -11.62 -29.59 31.61
N ALA B 30 -11.16 -28.48 31.04
CA ALA B 30 -9.74 -28.35 30.75
C ALA B 30 -8.93 -28.26 32.03
N GLN B 31 -9.48 -27.65 33.06
CA GLN B 31 -8.89 -27.70 34.39
C GLN B 31 -8.96 -29.11 34.98
N SER B 32 -10.01 -29.86 34.67
CA SER B 32 -10.17 -31.19 35.23
C SER B 32 -9.29 -32.24 34.56
N ARG B 33 -8.76 -31.97 33.38
CA ARG B 33 -7.82 -32.89 32.78
C ARG B 33 -6.38 -32.43 32.94
N ASP B 34 -6.14 -31.17 33.27
CA ASP B 34 -4.80 -30.76 33.64
C ASP B 34 -4.41 -31.35 34.98
N GLU B 35 -5.32 -31.31 35.95
CA GLU B 35 -5.07 -31.95 37.23
C GLU B 35 -5.29 -33.46 37.20
N GLN B 36 -5.65 -34.01 36.05
CA GLN B 36 -5.72 -35.45 35.87
C GLN B 36 -4.45 -36.00 35.24
N ASN B 37 -3.75 -35.20 34.43
CA ASN B 37 -2.43 -35.60 33.94
C ASN B 37 -1.36 -35.49 35.02
N LEU B 38 -1.49 -34.51 35.92
CA LEU B 38 -0.57 -34.42 37.05
C LEU B 38 -0.78 -35.55 38.04
N LEU B 39 -2.03 -35.98 38.23
CA LEU B 39 -2.30 -37.10 39.13
C LEU B 39 -1.87 -38.42 38.51
N GLN B 40 -1.79 -38.50 37.18
CA GLN B 40 -1.19 -39.65 36.52
C GLN B 40 0.28 -39.78 36.87
N GLN B 41 1.01 -38.66 36.80
CA GLN B 41 2.44 -38.68 37.08
C GLN B 41 2.75 -38.85 38.56
N LYS B 42 1.76 -38.65 39.44
CA LYS B 42 1.95 -38.92 40.85
C LYS B 42 1.87 -40.42 41.14
N ARG B 43 0.88 -41.09 40.54
CA ARG B 43 0.67 -42.51 40.79
C ARG B 43 1.79 -43.36 40.21
N ILE B 44 2.48 -42.87 39.18
CA ILE B 44 3.63 -43.58 38.64
C ILE B 44 4.78 -43.54 39.64
N TRP B 45 4.98 -42.40 40.31
CA TRP B 45 6.13 -42.25 41.19
C TRP B 45 5.95 -43.02 42.49
N GLU B 46 4.75 -43.03 43.05
CA GLU B 46 4.51 -43.66 44.33
C GLU B 46 4.17 -45.15 44.21
N SER B 47 4.35 -45.75 43.04
CA SER B 47 4.21 -47.18 42.86
C SER B 47 5.47 -47.73 42.20
N PRO B 48 5.97 -48.89 42.65
CA PRO B 48 7.33 -49.28 42.26
C PRO B 48 7.48 -49.76 40.83
N LEU B 49 6.52 -50.51 40.29
CA LEU B 49 6.73 -51.05 38.95
C LEU B 49 6.23 -50.13 37.84
N LEU B 50 5.33 -49.19 38.14
CA LEU B 50 4.96 -48.21 37.14
C LEU B 50 6.08 -47.21 36.89
N LEU B 51 6.84 -46.86 37.93
CA LEU B 51 8.06 -46.10 37.70
C LEU B 51 9.12 -46.98 37.06
N ALA B 52 9.12 -48.27 37.36
CA ALA B 52 10.07 -49.17 36.72
C ALA B 52 9.73 -49.43 35.26
N ALA B 53 8.48 -49.19 34.86
CA ALA B 53 8.11 -49.26 33.45
C ALA B 53 8.25 -47.93 32.74
N LYS B 54 8.14 -46.82 33.47
CA LYS B 54 8.33 -45.50 32.87
C LYS B 54 9.79 -45.30 32.46
N ASP B 55 10.72 -45.66 33.34
CA ASP B 55 12.10 -45.84 32.96
C ASP B 55 12.28 -47.25 32.40
N ASN B 56 13.51 -47.59 31.97
CA ASN B 56 13.72 -48.97 31.56
C ASN B 56 13.81 -49.88 32.78
N ASP B 57 14.86 -49.71 33.59
CA ASP B 57 15.06 -50.34 34.91
C ASP B 57 14.79 -51.84 34.90
N VAL B 58 15.28 -52.51 33.85
CA VAL B 58 14.86 -53.88 33.58
C VAL B 58 15.47 -54.85 34.58
N GLN B 59 16.65 -54.53 35.15
CA GLN B 59 17.19 -55.36 36.22
C GLN B 59 16.41 -55.18 37.51
N ALA B 60 15.80 -54.01 37.70
CA ALA B 60 14.88 -53.81 38.81
C ALA B 60 13.47 -54.25 38.47
N LEU B 61 13.14 -54.38 37.19
CA LEU B 61 11.80 -54.80 36.79
C LEU B 61 11.65 -56.32 36.84
N ASN B 62 12.74 -57.08 36.70
CA ASN B 62 12.64 -58.51 36.93
C ASN B 62 12.39 -58.82 38.39
N LYS B 63 12.94 -58.02 39.31
CA LYS B 63 12.82 -58.29 40.74
C LYS B 63 11.40 -58.05 41.25
N LEU B 64 10.74 -57.01 40.74
CA LEU B 64 9.44 -56.61 41.28
C LEU B 64 8.33 -57.57 40.88
N LEU B 65 8.51 -58.33 39.80
CA LEU B 65 7.46 -59.22 39.34
C LEU B 65 7.62 -60.65 39.83
N LYS B 66 8.77 -61.01 40.39
CA LYS B 66 8.97 -62.35 40.94
C LYS B 66 8.66 -62.39 42.44
N TYR B 67 7.49 -61.86 42.78
CA TYR B 67 7.03 -61.79 44.15
C TYR B 67 5.77 -62.64 44.32
N GLU B 68 5.24 -62.67 45.55
CA GLU B 68 4.08 -63.48 45.86
C GLU B 68 2.79 -62.84 45.34
N ASP B 69 2.54 -61.59 45.75
CA ASP B 69 1.32 -60.87 45.38
C ASP B 69 1.67 -59.48 44.86
N CYS B 70 2.61 -59.42 43.92
CA CYS B 70 2.86 -58.19 43.21
C CYS B 70 1.70 -57.89 42.26
N LYS B 71 1.23 -56.65 42.26
CA LYS B 71 0.06 -56.27 41.48
C LYS B 71 0.52 -55.80 40.11
N VAL B 72 0.49 -56.70 39.13
CA VAL B 72 0.72 -56.28 37.75
C VAL B 72 -0.55 -55.72 37.12
N HIS B 73 -1.71 -55.96 37.72
CA HIS B 73 -2.98 -55.47 37.20
C HIS B 73 -3.47 -54.24 37.95
N GLN B 74 -2.58 -53.52 38.63
CA GLN B 74 -2.99 -52.31 39.32
C GLN B 74 -3.00 -51.14 38.33
N ARG B 75 -3.80 -50.13 38.62
CA ARG B 75 -4.03 -49.04 37.69
C ARG B 75 -3.38 -47.75 38.18
N GLY B 76 -3.19 -46.83 37.25
CA GLY B 76 -2.82 -45.47 37.55
C GLY B 76 -4.05 -44.59 37.69
N ALA B 77 -3.87 -43.30 37.41
CA ALA B 77 -4.99 -42.38 37.46
C ALA B 77 -5.85 -42.43 36.21
N MET B 78 -5.22 -42.63 35.05
CA MET B 78 -5.95 -42.84 33.81
C MET B 78 -6.37 -44.29 33.62
N GLY B 79 -6.10 -45.15 34.59
CA GLY B 79 -6.35 -46.56 34.40
C GLY B 79 -5.28 -47.27 33.59
N GLU B 80 -4.06 -46.76 33.59
CA GLU B 80 -2.98 -47.47 32.91
C GLU B 80 -2.57 -48.71 33.69
N THR B 81 -2.35 -49.79 32.95
CA THR B 81 -1.56 -50.88 33.48
C THR B 81 -0.09 -50.55 33.29
N ALA B 82 0.79 -51.44 33.75
CA ALA B 82 2.22 -51.20 33.57
C ALA B 82 2.65 -51.37 32.12
N LEU B 83 1.88 -52.10 31.32
CA LEU B 83 2.19 -52.21 29.90
C LEU B 83 1.82 -50.94 29.15
N HIS B 84 0.80 -50.22 29.62
CA HIS B 84 0.48 -48.91 29.04
C HIS B 84 1.59 -47.92 29.27
N ILE B 85 2.19 -47.93 30.47
CA ILE B 85 3.27 -47.01 30.80
C ILE B 85 4.52 -47.34 29.98
N ALA B 86 4.79 -48.63 29.78
CA ALA B 86 5.95 -49.03 28.99
C ALA B 86 5.76 -48.74 27.51
N ALA B 87 4.53 -48.81 27.03
CA ALA B 87 4.25 -48.49 25.63
C ALA B 87 4.12 -47.00 25.39
N LEU B 88 3.84 -46.22 26.42
CA LEU B 88 3.67 -44.78 26.25
C LEU B 88 5.00 -44.07 26.25
N TYR B 89 5.96 -44.56 27.04
CA TYR B 89 7.31 -44.04 27.06
C TYR B 89 8.27 -44.89 26.25
N ASP B 90 7.73 -45.55 25.21
CA ASP B 90 8.32 -46.43 24.19
C ASP B 90 9.51 -47.25 24.66
N ASN B 91 9.35 -47.89 25.82
CA ASN B 91 10.38 -48.75 26.38
C ASN B 91 10.14 -50.16 25.85
N LEU B 92 10.94 -50.55 24.86
CA LEU B 92 10.77 -51.85 24.21
C LEU B 92 11.17 -52.97 25.15
N GLU B 93 12.30 -52.80 25.85
CA GLU B 93 12.83 -53.88 26.68
C GLU B 93 12.01 -54.07 27.94
N ALA B 94 11.47 -53.00 28.49
CA ALA B 94 10.66 -53.11 29.70
C ALA B 94 9.28 -53.69 29.38
N ALA B 95 8.76 -53.45 28.18
CA ALA B 95 7.45 -53.94 27.81
C ALA B 95 7.45 -55.43 27.48
N MET B 96 8.60 -55.98 27.09
CA MET B 96 8.70 -57.42 26.89
C MET B 96 8.55 -58.17 28.21
N VAL B 97 9.07 -57.58 29.29
CA VAL B 97 9.06 -58.23 30.60
C VAL B 97 7.64 -58.28 31.16
N LEU B 98 6.83 -57.26 30.88
CA LEU B 98 5.45 -57.27 31.35
C LEU B 98 4.58 -58.24 30.59
N MET B 99 4.97 -58.63 29.37
CA MET B 99 4.18 -59.58 28.61
C MET B 99 4.61 -61.02 28.86
N GLU B 100 5.87 -61.23 29.25
CA GLU B 100 6.32 -62.57 29.61
C GLU B 100 5.72 -63.03 30.92
N ALA B 101 5.81 -62.20 31.95
CA ALA B 101 5.28 -62.54 33.25
C ALA B 101 3.81 -62.17 33.41
N ALA B 102 3.21 -61.53 32.42
CA ALA B 102 1.76 -61.33 32.40
C ALA B 102 1.28 -61.28 30.96
N PRO B 103 0.99 -62.43 30.35
CA PRO B 103 0.43 -62.43 28.99
C PRO B 103 -1.01 -61.95 28.94
N GLU B 104 -1.72 -61.92 30.07
CA GLU B 104 -3.08 -61.42 30.13
C GLU B 104 -3.13 -59.89 30.14
N LEU B 105 -1.98 -59.24 30.32
CA LEU B 105 -1.95 -57.79 30.50
C LEU B 105 -2.13 -57.07 29.16
N VAL B 106 -1.95 -57.80 28.05
CA VAL B 106 -2.04 -57.25 26.70
C VAL B 106 -3.47 -56.88 26.36
N PHE B 107 -4.43 -57.69 26.82
CA PHE B 107 -5.83 -57.56 26.46
C PHE B 107 -6.56 -56.50 27.26
N GLU B 108 -5.86 -55.78 28.15
CA GLU B 108 -6.52 -54.96 29.14
C GLU B 108 -6.51 -53.50 28.69
N PRO B 109 -7.66 -52.85 28.58
CA PRO B 109 -7.68 -51.44 28.15
C PRO B 109 -7.60 -50.49 29.33
N MET B 110 -7.46 -49.20 28.98
CA MET B 110 -7.65 -48.15 29.97
C MET B 110 -9.14 -48.01 30.27
N THR B 111 -9.45 -47.57 31.50
CA THR B 111 -10.83 -47.49 31.94
C THR B 111 -11.25 -46.09 32.40
N SER B 112 -10.37 -45.10 32.35
CA SER B 112 -10.79 -43.76 32.74
C SER B 112 -11.67 -43.16 31.67
N GLU B 113 -12.49 -42.19 32.08
CA GLU B 113 -13.46 -41.57 31.18
C GLU B 113 -12.78 -40.76 30.09
N LEU B 114 -11.58 -40.25 30.36
CA LEU B 114 -10.86 -39.46 29.37
C LEU B 114 -10.29 -40.37 28.28
N TYR B 115 -9.70 -41.50 28.66
CA TYR B 115 -9.15 -42.46 27.72
C TYR B 115 -9.84 -43.81 27.95
N GLU B 116 -10.99 -44.01 27.33
CA GLU B 116 -11.70 -45.28 27.43
C GLU B 116 -11.21 -46.23 26.35
N GLY B 117 -11.04 -47.49 26.72
CA GLY B 117 -10.81 -48.55 25.75
C GLY B 117 -9.48 -48.52 25.03
N GLN B 118 -8.59 -47.58 25.33
CA GLN B 118 -7.32 -47.47 24.63
C GLN B 118 -6.41 -48.59 25.11
N THR B 119 -6.28 -49.62 24.28
CA THR B 119 -5.43 -50.75 24.64
C THR B 119 -3.97 -50.39 24.44
N ALA B 120 -3.08 -51.31 24.83
CA ALA B 120 -1.65 -51.10 24.64
C ALA B 120 -1.24 -51.14 23.19
N LEU B 121 -2.06 -51.75 22.33
CA LEU B 121 -1.79 -51.75 20.90
C LEU B 121 -2.02 -50.37 20.29
N HIS B 122 -2.96 -49.60 20.85
CA HIS B 122 -3.18 -48.25 20.37
C HIS B 122 -1.99 -47.35 20.64
N ILE B 123 -1.34 -47.52 21.79
CA ILE B 123 -0.30 -46.58 22.19
C ILE B 123 0.98 -46.85 21.43
N ALA B 124 1.30 -48.13 21.19
CA ALA B 124 2.50 -48.49 20.45
C ALA B 124 2.38 -48.19 18.96
N VAL B 125 1.19 -47.90 18.47
CA VAL B 125 0.95 -47.54 17.08
C VAL B 125 1.08 -46.04 16.84
N VAL B 126 0.59 -45.22 17.76
CA VAL B 126 0.60 -43.76 17.63
C VAL B 126 2.01 -43.19 17.57
N ASN B 127 2.98 -43.84 18.20
CA ASN B 127 4.37 -43.35 18.26
C ASN B 127 5.11 -43.49 16.92
N GLN B 128 4.41 -43.83 15.83
CA GLN B 128 4.81 -43.80 14.42
C GLN B 128 5.83 -44.90 14.11
N ASN B 129 6.20 -45.64 15.14
CA ASN B 129 7.20 -46.70 15.14
C ASN B 129 6.94 -47.49 16.41
N MET B 130 7.25 -48.79 16.36
CA MET B 130 7.70 -49.69 17.42
C MET B 130 8.02 -51.04 16.79
N ASN B 131 8.88 -51.78 17.48
CA ASN B 131 9.01 -53.21 17.30
C ASN B 131 8.14 -53.95 18.30
N LEU B 132 7.32 -53.20 19.05
CA LEU B 132 6.36 -53.76 20.01
C LEU B 132 5.06 -54.17 19.34
N VAL B 133 4.71 -53.54 18.22
CA VAL B 133 3.51 -53.92 17.49
C VAL B 133 3.66 -55.27 16.81
N ARG B 134 4.90 -55.71 16.54
CA ARG B 134 5.10 -57.11 16.21
C ARG B 134 4.85 -57.97 17.44
N ALA B 135 5.30 -57.51 18.60
CA ALA B 135 5.24 -58.31 19.82
C ALA B 135 3.84 -58.34 20.40
N LEU B 136 3.10 -57.23 20.31
CA LEU B 136 1.74 -57.22 20.84
C LEU B 136 0.81 -58.07 19.97
N LEU B 137 0.96 -58.02 18.65
CA LEU B 137 0.15 -58.84 17.79
C LEU B 137 0.57 -60.30 17.82
N ALA B 138 1.81 -60.59 18.21
CA ALA B 138 2.21 -61.97 18.48
C ALA B 138 1.51 -62.54 19.72
N ARG B 139 1.13 -61.67 20.66
CA ARG B 139 0.31 -62.07 21.80
C ARG B 139 -1.18 -61.92 21.52
N ARG B 140 -1.58 -61.99 20.24
CA ARG B 140 -2.94 -61.84 19.72
C ARG B 140 -3.72 -60.67 20.32
N ALA B 141 -3.12 -59.49 20.29
CA ALA B 141 -3.79 -58.28 20.72
C ALA B 141 -4.93 -57.94 19.76
N SER B 142 -5.99 -57.34 20.31
CA SER B 142 -7.21 -57.09 19.56
C SER B 142 -7.00 -55.92 18.61
N VAL B 143 -7.16 -56.17 17.30
CA VAL B 143 -7.11 -55.10 16.31
C VAL B 143 -8.44 -54.40 16.13
N SER B 144 -9.46 -54.81 16.87
CA SER B 144 -10.78 -54.18 16.79
C SER B 144 -11.14 -53.54 18.12
N ALA B 145 -10.15 -52.96 18.79
CA ALA B 145 -10.36 -52.25 20.04
C ALA B 145 -10.74 -50.81 19.74
N ARG B 146 -11.78 -50.33 20.41
CA ARG B 146 -12.36 -49.01 20.14
C ARG B 146 -11.93 -48.05 21.24
N ALA B 147 -11.06 -47.10 20.91
CA ALA B 147 -10.66 -46.05 21.85
C ALA B 147 -11.77 -45.01 21.91
N THR B 148 -12.80 -45.32 22.70
CA THR B 148 -14.01 -44.54 22.75
C THR B 148 -13.98 -43.44 23.80
N GLY B 149 -12.81 -43.05 24.26
CA GLY B 149 -12.73 -42.04 25.31
C GLY B 149 -12.88 -40.64 24.78
N THR B 150 -13.16 -39.72 25.71
CA THR B 150 -13.45 -38.33 25.35
C THR B 150 -12.22 -37.55 24.93
N ALA B 151 -11.02 -38.11 25.05
CA ALA B 151 -9.84 -37.47 24.50
C ALA B 151 -9.57 -37.87 23.07
N PHE B 152 -10.44 -38.67 22.46
CA PHE B 152 -10.28 -39.08 21.08
C PHE B 152 -11.40 -38.62 20.17
N ARG B 153 -12.48 -38.07 20.72
CA ARG B 153 -13.50 -37.45 19.89
C ARG B 153 -12.94 -36.21 19.23
N ARG B 154 -13.53 -35.83 18.09
CA ARG B 154 -13.13 -34.59 17.46
C ARG B 154 -13.82 -33.43 18.18
N SER B 155 -13.03 -32.42 18.49
CA SER B 155 -13.49 -31.26 19.23
C SER B 155 -12.47 -30.15 19.02
N PRO B 156 -12.83 -28.90 19.30
CA PRO B 156 -11.78 -27.87 19.39
C PRO B 156 -11.16 -27.79 20.77
N CYS B 157 -10.96 -28.94 21.41
CA CYS B 157 -10.20 -29.05 22.64
C CYS B 157 -9.34 -30.29 22.66
N ASN B 158 -9.36 -31.10 21.60
CA ASN B 158 -8.44 -32.21 21.42
C ASN B 158 -7.59 -31.89 20.21
N LEU B 159 -6.27 -31.98 20.37
CA LEU B 159 -5.39 -31.63 19.26
C LEU B 159 -5.39 -32.69 18.18
N ILE B 160 -5.80 -33.92 18.51
CA ILE B 160 -5.84 -35.01 17.54
C ILE B 160 -7.28 -35.46 17.36
N TYR B 161 -7.58 -35.93 16.15
CA TYR B 161 -8.72 -36.82 15.92
C TYR B 161 -8.18 -37.94 15.06
N PHE B 162 -7.79 -39.02 15.71
CA PHE B 162 -7.22 -40.15 14.98
C PHE B 162 -8.23 -41.24 14.69
N GLY B 163 -9.36 -41.28 15.40
CA GLY B 163 -10.35 -42.31 15.20
C GLY B 163 -10.60 -43.11 16.46
N GLU B 164 -10.82 -44.41 16.28
CA GLU B 164 -11.00 -45.31 17.41
C GLU B 164 -10.19 -46.58 17.30
N HIS B 165 -9.81 -46.94 16.10
CA HIS B 165 -9.27 -48.26 15.80
C HIS B 165 -7.76 -48.18 15.59
N PRO B 166 -7.03 -49.31 15.74
CA PRO B 166 -5.57 -49.27 15.57
C PRO B 166 -5.10 -48.89 14.17
N LEU B 167 -5.80 -49.32 13.12
CA LEU B 167 -5.40 -48.89 11.78
C LEU B 167 -5.89 -47.49 11.47
N SER B 168 -6.86 -46.98 12.22
CA SER B 168 -7.15 -45.55 12.15
C SER B 168 -6.06 -44.75 12.83
N PHE B 169 -5.43 -45.30 13.87
CA PHE B 169 -4.31 -44.62 14.50
C PHE B 169 -3.06 -44.73 13.64
N ALA B 170 -2.89 -45.83 12.92
CA ALA B 170 -1.69 -46.06 12.13
C ALA B 170 -1.70 -45.30 10.83
N ALA B 171 -2.87 -45.08 10.25
CA ALA B 171 -2.94 -44.37 8.98
C ALA B 171 -2.85 -42.87 9.15
N CYS B 172 -3.07 -42.35 10.35
CA CYS B 172 -3.00 -40.93 10.60
C CYS B 172 -1.64 -40.47 11.08
N VAL B 173 -0.73 -41.39 11.37
CA VAL B 173 0.65 -41.04 11.69
C VAL B 173 1.59 -41.30 10.52
N ASN B 174 1.05 -41.70 9.37
CA ASN B 174 1.77 -42.02 8.13
C ASN B 174 2.82 -43.11 8.39
N SER B 175 2.33 -44.28 8.77
CA SER B 175 3.17 -45.44 9.00
C SER B 175 2.72 -46.53 8.05
N GLU B 176 3.31 -46.58 6.85
CA GLU B 176 2.88 -47.55 5.86
C GLU B 176 3.36 -48.95 6.21
N GLU B 177 4.37 -49.09 7.07
CA GLU B 177 4.76 -50.43 7.51
C GLU B 177 3.81 -50.98 8.55
N ILE B 178 3.23 -50.11 9.37
CA ILE B 178 2.36 -50.57 10.44
C ILE B 178 0.94 -50.80 9.93
N VAL B 179 0.48 -50.01 8.96
CA VAL B 179 -0.85 -50.20 8.38
C VAL B 179 -0.94 -51.54 7.66
N ARG B 180 0.10 -51.88 6.89
CA ARG B 180 0.14 -53.17 6.22
C ARG B 180 0.25 -54.32 7.21
N LEU B 181 0.92 -54.10 8.33
CA LEU B 181 1.07 -55.15 9.33
C LEU B 181 -0.15 -55.29 10.22
N LEU B 182 -0.98 -54.25 10.31
CA LEU B 182 -2.27 -54.40 11.00
C LEU B 182 -3.29 -55.13 10.16
N ILE B 183 -3.31 -54.87 8.84
CA ILE B 183 -4.30 -55.48 7.96
C ILE B 183 -4.02 -56.97 7.77
N GLU B 184 -2.75 -57.35 7.75
CA GLU B 184 -2.38 -58.77 7.65
C GLU B 184 -2.77 -59.57 8.89
N HIS B 185 -2.99 -58.92 10.03
CA HIS B 185 -3.47 -59.58 11.22
C HIS B 185 -4.98 -59.46 11.40
N GLY B 186 -5.69 -58.98 10.38
CA GLY B 186 -7.13 -58.99 10.39
C GLY B 186 -7.81 -57.70 10.78
N ALA B 187 -7.19 -56.55 10.54
CA ALA B 187 -7.82 -55.27 10.84
C ALA B 187 -8.92 -55.02 9.82
N ASP B 188 -10.11 -54.70 10.31
CA ASP B 188 -11.25 -54.46 9.42
C ASP B 188 -11.06 -53.16 8.68
N ILE B 189 -11.19 -53.20 7.36
CA ILE B 189 -10.94 -52.02 6.54
C ILE B 189 -12.14 -51.08 6.59
N ARG B 190 -13.28 -51.55 7.08
CA ARG B 190 -14.54 -50.83 7.04
C ARG B 190 -15.01 -50.38 8.41
N ALA B 191 -14.12 -50.37 9.40
CA ALA B 191 -14.53 -50.01 10.75
C ALA B 191 -14.82 -48.52 10.84
N GLN B 192 -15.89 -48.19 11.55
CA GLN B 192 -16.37 -46.82 11.64
C GLN B 192 -16.33 -46.36 13.09
N ASP B 193 -16.42 -45.05 13.28
CA ASP B 193 -16.29 -44.44 14.59
C ASP B 193 -17.65 -44.29 15.24
N SER B 194 -17.71 -43.46 16.28
CA SER B 194 -18.99 -42.97 16.78
C SER B 194 -19.57 -41.91 15.85
N LEU B 195 -18.71 -41.20 15.12
CA LEU B 195 -19.17 -40.23 14.13
C LEU B 195 -19.55 -40.88 12.81
N GLY B 196 -19.34 -42.18 12.66
CA GLY B 196 -19.59 -42.85 11.40
C GLY B 196 -18.44 -42.84 10.43
N ASN B 197 -17.37 -42.11 10.74
CA ASN B 197 -16.23 -41.99 9.85
C ASN B 197 -15.48 -43.32 9.74
N THR B 198 -15.27 -43.80 8.52
CA THR B 198 -14.41 -44.94 8.31
C THR B 198 -12.96 -44.47 8.30
N VAL B 199 -12.03 -45.36 7.94
CA VAL B 199 -10.61 -45.01 7.89
C VAL B 199 -10.36 -43.92 6.85
N LEU B 200 -11.13 -43.94 5.76
CA LEU B 200 -10.88 -43.06 4.64
C LEU B 200 -11.44 -41.66 4.87
N HIS B 201 -12.39 -41.51 5.80
CA HIS B 201 -12.85 -40.18 6.18
C HIS B 201 -11.85 -39.47 7.04
N ILE B 202 -11.17 -40.21 7.93
CA ILE B 202 -10.32 -39.60 8.93
C ILE B 202 -9.07 -39.03 8.29
N LEU B 203 -8.57 -39.65 7.21
CA LEU B 203 -7.40 -39.15 6.49
C LEU B 203 -7.65 -37.79 5.87
N ILE B 204 -8.90 -37.45 5.59
CA ILE B 204 -9.19 -36.19 4.92
C ILE B 204 -9.07 -35.02 5.88
N LEU B 205 -9.54 -35.18 7.11
CA LEU B 205 -9.52 -34.09 8.07
C LEU B 205 -8.32 -34.16 9.00
N GLN B 206 -7.14 -34.62 8.49
CA GLN B 206 -5.82 -34.58 9.11
C GLN B 206 -5.09 -33.30 8.70
N PRO B 207 -4.19 -32.78 9.55
CA PRO B 207 -3.52 -31.52 9.22
C PRO B 207 -2.44 -31.62 8.16
N ASN B 208 -1.95 -32.81 7.85
CA ASN B 208 -0.86 -32.96 6.88
C ASN B 208 -1.48 -33.58 5.63
N LYS B 209 -1.81 -32.72 4.67
CA LYS B 209 -2.63 -33.08 3.53
C LYS B 209 -1.87 -33.84 2.47
N THR B 210 -0.54 -33.69 2.42
CA THR B 210 0.25 -34.36 1.39
C THR B 210 0.46 -35.84 1.72
N PHE B 211 0.75 -36.14 2.98
CA PHE B 211 0.97 -37.52 3.40
C PHE B 211 -0.32 -38.32 3.47
N ALA B 212 -1.48 -37.67 3.50
CA ALA B 212 -2.74 -38.38 3.45
C ALA B 212 -3.10 -38.83 2.04
N CYS B 213 -2.49 -38.24 1.01
CA CYS B 213 -2.74 -38.70 -0.34
C CYS B 213 -2.01 -40.00 -0.63
N GLN B 214 -0.84 -40.21 -0.02
CA GLN B 214 -0.17 -41.49 -0.14
C GLN B 214 -0.91 -42.57 0.63
N MET B 215 -1.55 -42.21 1.74
CA MET B 215 -2.29 -43.17 2.53
C MET B 215 -3.66 -43.47 1.98
N TYR B 216 -4.28 -42.51 1.29
CA TYR B 216 -5.59 -42.75 0.70
C TYR B 216 -5.52 -43.81 -0.38
N ASN B 217 -4.40 -43.87 -1.10
CA ASN B 217 -4.21 -44.87 -2.14
C ASN B 217 -3.88 -46.23 -1.54
N LEU B 218 -3.20 -46.25 -0.39
CA LEU B 218 -2.81 -47.52 0.22
C LEU B 218 -3.99 -48.23 0.84
N LEU B 219 -4.90 -47.48 1.46
CA LEU B 219 -6.05 -48.09 2.11
C LEU B 219 -7.08 -48.57 1.09
N LEU B 220 -7.10 -47.99 -0.11
CA LEU B 220 -7.98 -48.51 -1.15
C LEU B 220 -7.40 -49.73 -1.84
N SER B 221 -6.08 -49.89 -1.81
CA SER B 221 -5.47 -51.05 -2.45
C SER B 221 -5.81 -52.33 -1.70
N TYR B 222 -6.03 -52.24 -0.39
CA TYR B 222 -6.41 -53.38 0.42
C TYR B 222 -7.91 -53.57 0.49
N ASP B 223 -8.68 -52.91 -0.37
CA ASP B 223 -10.11 -53.15 -0.36
C ASP B 223 -10.43 -54.48 -1.03
N ARG B 224 -10.23 -54.54 -2.36
CA ARG B 224 -10.47 -55.67 -3.27
C ARG B 224 -11.70 -56.51 -2.93
N HIS B 225 -12.78 -55.83 -2.56
CA HIS B 225 -13.84 -56.45 -1.78
C HIS B 225 -14.94 -56.94 -2.72
N GLY B 226 -15.05 -58.26 -2.84
CA GLY B 226 -15.95 -58.90 -3.78
C GLY B 226 -17.41 -58.58 -3.51
N ASP B 227 -17.75 -58.49 -2.23
CA ASP B 227 -19.00 -57.86 -1.85
C ASP B 227 -18.80 -56.35 -1.92
N HIS B 228 -19.02 -55.76 -3.11
CA HIS B 228 -18.57 -54.38 -3.31
C HIS B 228 -19.45 -53.38 -2.59
N LEU B 229 -20.70 -53.22 -3.06
CA LEU B 229 -21.83 -52.57 -2.35
C LEU B 229 -21.49 -51.26 -1.66
N GLN B 230 -21.31 -50.18 -2.43
CA GLN B 230 -20.67 -48.89 -2.11
C GLN B 230 -19.26 -49.20 -1.58
N PRO B 231 -18.29 -49.39 -2.51
CA PRO B 231 -17.09 -50.22 -2.25
C PRO B 231 -16.23 -49.84 -1.06
N LEU B 232 -15.57 -48.69 -1.06
CA LEU B 232 -14.91 -48.26 0.16
C LEU B 232 -14.96 -46.75 0.33
N ASP B 233 -15.05 -46.04 -0.79
CA ASP B 233 -15.09 -44.58 -0.77
C ASP B 233 -16.44 -44.05 -1.18
N LEU B 234 -17.46 -44.90 -1.19
CA LEU B 234 -18.83 -44.49 -1.42
C LEU B 234 -19.69 -44.71 -0.18
N VAL B 235 -19.11 -45.19 0.91
CA VAL B 235 -19.85 -45.43 2.15
C VAL B 235 -19.83 -44.13 2.98
N PRO B 236 -20.98 -43.67 3.45
CA PRO B 236 -21.03 -42.39 4.16
C PRO B 236 -20.88 -42.53 5.67
N ASN B 237 -20.61 -41.40 6.31
CA ASN B 237 -20.59 -41.32 7.76
C ASN B 237 -22.01 -41.04 8.27
N HIS B 238 -22.14 -40.68 9.54
CA HIS B 238 -23.45 -40.50 10.16
C HIS B 238 -24.07 -39.14 9.86
N GLN B 239 -23.57 -38.39 8.89
CA GLN B 239 -24.29 -37.24 8.35
C GLN B 239 -24.35 -37.27 6.83
N GLY B 240 -24.17 -38.44 6.23
CA GLY B 240 -24.45 -38.61 4.81
C GLY B 240 -23.40 -38.11 3.87
N LEU B 241 -22.15 -38.01 4.33
CA LEU B 241 -21.06 -37.52 3.50
C LEU B 241 -20.11 -38.66 3.18
N THR B 242 -19.80 -38.82 1.90
CA THR B 242 -18.78 -39.75 1.43
C THR B 242 -17.41 -39.13 1.67
N PRO B 243 -16.30 -39.87 1.42
CA PRO B 243 -14.99 -39.19 1.46
C PRO B 243 -14.83 -38.08 0.44
N PHE B 244 -15.49 -38.17 -0.71
CA PHE B 244 -15.37 -37.11 -1.70
C PHE B 244 -16.10 -35.85 -1.26
N LYS B 245 -17.28 -36.00 -0.67
CA LYS B 245 -18.02 -34.82 -0.20
C LYS B 245 -17.41 -34.25 1.07
N LEU B 246 -16.72 -35.06 1.86
CA LEU B 246 -16.12 -34.56 3.09
C LEU B 246 -14.91 -33.69 2.80
N ALA B 247 -14.19 -33.97 1.71
CA ALA B 247 -13.12 -33.08 1.30
C ALA B 247 -13.65 -31.77 0.76
N GLY B 248 -14.90 -31.73 0.32
CA GLY B 248 -15.53 -30.50 -0.07
C GLY B 248 -15.90 -29.63 1.11
N VAL B 249 -16.44 -30.26 2.16
CA VAL B 249 -16.89 -29.51 3.32
C VAL B 249 -15.71 -29.02 4.15
N GLU B 250 -14.72 -29.89 4.37
CA GLU B 250 -13.60 -29.56 5.24
C GLU B 250 -12.59 -28.62 4.60
N GLY B 251 -12.75 -28.28 3.34
CA GLY B 251 -11.83 -27.36 2.70
C GLY B 251 -10.56 -28.00 2.21
N ASN B 252 -10.51 -29.32 2.16
CA ASN B 252 -9.30 -30.00 1.74
C ASN B 252 -9.15 -29.88 0.23
N THR B 253 -8.30 -28.94 -0.20
CA THR B 253 -8.07 -28.75 -1.62
C THR B 253 -7.17 -29.84 -2.18
N VAL B 254 -6.22 -30.32 -1.39
CA VAL B 254 -5.25 -31.31 -1.87
C VAL B 254 -5.91 -32.67 -2.03
N MET B 255 -6.72 -33.08 -1.08
CA MET B 255 -7.48 -34.31 -1.20
C MET B 255 -8.75 -34.16 -2.03
N PHE B 256 -8.99 -33.00 -2.63
CA PHE B 256 -10.09 -32.90 -3.59
C PHE B 256 -9.60 -33.14 -5.00
N GLN B 257 -8.43 -32.63 -5.34
CA GLN B 257 -7.85 -32.88 -6.66
C GLN B 257 -7.43 -34.33 -6.81
N HIS B 258 -7.00 -34.95 -5.72
CA HIS B 258 -6.61 -36.36 -5.77
C HIS B 258 -7.83 -37.26 -5.82
N LEU B 259 -8.91 -36.87 -5.14
CA LEU B 259 -10.15 -37.62 -5.21
C LEU B 259 -10.83 -37.48 -6.56
N MET B 260 -10.53 -36.41 -7.29
CA MET B 260 -11.16 -36.18 -8.58
C MET B 260 -10.50 -36.99 -9.69
N GLN B 261 -9.34 -37.59 -9.42
CA GLN B 261 -8.59 -38.31 -10.44
C GLN B 261 -9.28 -39.60 -10.86
N LYS B 262 -10.12 -40.17 -10.01
CA LYS B 262 -10.84 -41.37 -10.39
C LYS B 262 -12.20 -41.07 -11.00
N ARG B 263 -12.48 -39.80 -11.29
CA ARG B 263 -13.73 -39.39 -11.92
C ARG B 263 -13.54 -38.84 -13.32
N LYS B 264 -12.45 -38.12 -13.56
CA LYS B 264 -12.12 -37.74 -14.93
C LYS B 264 -11.54 -38.93 -15.68
N HIS B 265 -11.64 -38.88 -17.00
CA HIS B 265 -10.86 -39.76 -17.86
C HIS B 265 -10.72 -39.11 -19.22
N THR B 266 -9.50 -39.12 -19.75
CA THR B 266 -9.21 -38.44 -20.99
C THR B 266 -9.80 -39.20 -22.17
N GLN B 267 -10.69 -38.55 -22.91
CA GLN B 267 -11.19 -39.12 -24.15
C GLN B 267 -10.09 -39.21 -25.18
N TRP B 268 -9.41 -38.09 -25.42
CA TRP B 268 -8.33 -38.05 -26.38
C TRP B 268 -7.36 -36.94 -26.02
N THR B 269 -6.11 -37.15 -26.39
CA THR B 269 -5.10 -36.11 -26.35
C THR B 269 -4.65 -35.85 -27.79
N TYR B 270 -4.48 -34.58 -28.13
CA TYR B 270 -4.21 -34.19 -29.51
C TYR B 270 -3.11 -33.15 -29.46
N GLY B 271 -1.87 -33.61 -29.47
CA GLY B 271 -0.73 -32.74 -29.29
C GLY B 271 -0.75 -32.10 -27.93
N PRO B 272 -0.86 -30.76 -27.90
CA PRO B 272 -0.98 -30.05 -26.62
C PRO B 272 -2.38 -30.04 -26.03
N LEU B 273 -3.32 -30.75 -26.62
CA LEU B 273 -4.74 -30.52 -26.40
C LEU B 273 -5.40 -31.83 -25.98
N THR B 274 -5.80 -31.92 -24.72
CA THR B 274 -6.46 -33.08 -24.16
C THR B 274 -7.93 -32.78 -23.95
N SER B 275 -8.73 -33.83 -23.76
CA SER B 275 -10.17 -33.68 -23.60
C SER B 275 -10.67 -34.64 -22.51
N THR B 276 -10.67 -34.18 -21.28
CA THR B 276 -11.15 -35.01 -20.17
C THR B 276 -12.66 -34.97 -20.09
N LEU B 277 -13.22 -35.85 -19.28
CA LEU B 277 -14.66 -36.04 -19.19
C LEU B 277 -15.00 -36.32 -17.73
N TYR B 278 -15.51 -35.32 -17.02
CA TYR B 278 -15.70 -35.40 -15.59
C TYR B 278 -17.01 -36.09 -15.24
N ASP B 279 -17.02 -36.81 -14.11
CA ASP B 279 -18.13 -37.70 -13.81
C ASP B 279 -19.35 -36.91 -13.34
N LEU B 280 -19.15 -35.92 -12.48
CA LEU B 280 -20.14 -34.90 -12.11
C LEU B 280 -21.38 -35.51 -11.42
N THR B 281 -21.25 -36.72 -10.86
CA THR B 281 -22.40 -37.37 -10.25
C THR B 281 -22.49 -37.13 -8.75
N GLU B 282 -21.48 -36.52 -8.14
CA GLU B 282 -21.56 -36.12 -6.75
C GLU B 282 -21.31 -34.64 -6.57
N ILE B 283 -21.36 -33.86 -7.66
CA ILE B 283 -21.19 -32.43 -7.61
C ILE B 283 -22.49 -31.70 -7.95
N ASP B 284 -23.16 -32.13 -9.00
CA ASP B 284 -24.41 -31.53 -9.45
C ASP B 284 -25.58 -32.14 -8.69
N SER B 285 -26.65 -31.36 -8.59
CA SER B 285 -27.84 -31.75 -7.83
C SER B 285 -28.57 -32.88 -8.56
N SER B 286 -28.37 -34.10 -8.08
CA SER B 286 -29.00 -35.26 -8.70
C SER B 286 -30.49 -35.32 -8.36
N GLY B 287 -30.81 -35.47 -7.08
CA GLY B 287 -32.18 -35.53 -6.64
C GLY B 287 -32.40 -34.75 -5.36
N ASP B 288 -33.03 -35.40 -4.38
CA ASP B 288 -33.25 -34.79 -3.08
C ASP B 288 -32.02 -34.83 -2.19
N GLU B 289 -30.95 -35.49 -2.62
CA GLU B 289 -29.72 -35.54 -1.85
C GLU B 289 -28.99 -34.21 -1.95
N GLN B 290 -28.28 -33.86 -0.88
CA GLN B 290 -27.52 -32.62 -0.84
C GLN B 290 -26.27 -32.76 -1.70
N SER B 291 -26.20 -32.01 -2.79
CA SER B 291 -25.05 -32.04 -3.67
C SER B 291 -23.90 -31.26 -3.07
N LEU B 292 -22.72 -31.44 -3.65
CA LEU B 292 -21.51 -30.83 -3.10
C LEU B 292 -21.47 -29.32 -3.28
N LEU B 293 -22.23 -28.78 -4.24
CA LEU B 293 -22.32 -27.32 -4.33
C LEU B 293 -23.18 -26.76 -3.20
N GLU B 294 -24.10 -27.55 -2.66
CA GLU B 294 -24.91 -27.08 -1.56
C GLU B 294 -24.17 -27.20 -0.24
N LEU B 295 -23.21 -28.12 -0.15
CA LEU B 295 -22.46 -28.29 1.09
C LEU B 295 -21.42 -27.20 1.28
N ILE B 296 -20.83 -26.71 0.20
CA ILE B 296 -19.82 -25.66 0.32
C ILE B 296 -20.46 -24.34 0.74
N ILE B 297 -21.66 -24.07 0.23
CA ILE B 297 -22.34 -22.82 0.58
C ILE B 297 -22.86 -22.88 2.01
N THR B 298 -23.44 -24.00 2.41
CA THR B 298 -24.03 -24.09 3.74
C THR B 298 -23.06 -24.64 4.77
N THR B 299 -21.78 -24.35 4.62
CA THR B 299 -20.80 -24.67 5.65
C THR B 299 -20.18 -23.37 6.14
N LYS B 300 -19.52 -23.46 7.29
CA LYS B 300 -19.01 -22.28 7.98
C LYS B 300 -17.50 -22.15 7.90
N LYS B 301 -16.90 -22.64 6.83
CA LYS B 301 -15.46 -22.57 6.63
C LYS B 301 -15.12 -21.61 5.51
N ARG B 302 -14.04 -20.86 5.69
CA ARG B 302 -13.56 -19.96 4.65
C ARG B 302 -12.76 -20.71 3.59
N GLU B 303 -12.03 -21.75 3.99
CA GLU B 303 -11.21 -22.52 3.07
C GLU B 303 -12.02 -23.54 2.27
N ALA B 304 -13.29 -23.74 2.58
CA ALA B 304 -14.12 -24.64 1.79
C ALA B 304 -14.50 -24.04 0.45
N ARG B 305 -14.53 -22.72 0.34
CA ARG B 305 -14.95 -22.02 -0.87
C ARG B 305 -13.82 -21.83 -1.85
N GLN B 306 -12.69 -22.50 -1.67
CA GLN B 306 -11.66 -22.57 -2.68
C GLN B 306 -11.81 -23.79 -3.58
N ILE B 307 -12.78 -24.65 -3.29
CA ILE B 307 -13.13 -25.76 -4.16
C ILE B 307 -14.02 -25.30 -5.31
N LEU B 308 -14.55 -24.09 -5.20
CA LEU B 308 -15.27 -23.41 -6.27
C LEU B 308 -14.36 -22.93 -7.39
N ASP B 309 -13.04 -23.04 -7.23
CA ASP B 309 -12.08 -22.65 -8.24
C ASP B 309 -11.43 -23.87 -8.88
N GLN B 310 -11.92 -25.07 -8.61
CA GLN B 310 -11.35 -26.29 -9.13
C GLN B 310 -11.96 -26.63 -10.47
N THR B 311 -11.20 -27.35 -11.30
CA THR B 311 -11.54 -27.56 -12.70
C THR B 311 -12.82 -28.30 -13.08
N PRO B 312 -13.46 -29.16 -12.27
CA PRO B 312 -14.82 -29.57 -12.62
C PRO B 312 -15.93 -28.72 -12.00
N VAL B 313 -15.60 -27.80 -11.11
CA VAL B 313 -16.58 -27.05 -10.35
C VAL B 313 -16.69 -25.61 -10.84
N LYS B 314 -15.57 -24.96 -11.15
CA LYS B 314 -15.65 -23.60 -11.68
C LYS B 314 -16.14 -23.57 -13.11
N GLU B 315 -16.14 -24.70 -13.80
CA GLU B 315 -16.66 -24.81 -15.15
C GLU B 315 -18.05 -25.44 -15.17
N LEU B 316 -18.56 -25.83 -14.02
CA LEU B 316 -19.94 -26.24 -13.83
C LEU B 316 -20.80 -25.08 -13.36
N VAL B 317 -20.25 -24.24 -12.49
CA VAL B 317 -20.97 -23.09 -11.99
C VAL B 317 -21.15 -22.03 -13.08
N SER B 318 -20.07 -21.68 -13.76
CA SER B 318 -20.13 -20.70 -14.83
C SER B 318 -20.62 -21.29 -16.14
N LEU B 319 -21.27 -22.43 -16.11
CA LEU B 319 -21.99 -22.99 -17.24
C LEU B 319 -23.48 -23.04 -17.00
N LYS B 320 -23.93 -23.13 -15.75
CA LYS B 320 -25.34 -22.98 -15.44
C LYS B 320 -25.65 -21.64 -14.80
N TRP B 321 -24.71 -20.70 -14.86
CA TRP B 321 -24.99 -19.30 -14.61
C TRP B 321 -25.07 -18.48 -15.88
N LYS B 322 -24.21 -18.74 -16.85
CA LYS B 322 -24.30 -18.08 -18.14
C LYS B 322 -25.54 -18.51 -18.89
N ARG B 323 -25.81 -19.82 -18.92
CA ARG B 323 -26.95 -20.34 -19.67
C ARG B 323 -28.27 -20.01 -18.98
N TYR B 324 -28.44 -20.46 -17.75
CA TYR B 324 -29.75 -20.55 -17.12
C TYR B 324 -29.87 -19.74 -15.85
N GLY B 325 -28.77 -19.40 -15.20
CA GLY B 325 -28.83 -18.69 -13.94
C GLY B 325 -29.01 -17.21 -14.11
N ARG B 326 -28.36 -16.61 -15.10
CA ARG B 326 -28.50 -15.17 -15.30
C ARG B 326 -29.81 -14.77 -15.97
N PRO B 327 -30.35 -15.46 -16.99
CA PRO B 327 -31.69 -15.07 -17.46
C PRO B 327 -32.81 -15.24 -16.45
N TYR B 328 -32.71 -16.19 -15.54
CA TYR B 328 -33.73 -16.35 -14.51
C TYR B 328 -33.46 -15.50 -13.30
N PHE B 329 -32.43 -14.65 -13.32
CA PHE B 329 -32.15 -13.76 -12.22
C PHE B 329 -32.32 -12.30 -12.61
N CYS B 330 -32.20 -12.00 -13.89
CA CYS B 330 -32.54 -10.68 -14.41
C CYS B 330 -34.01 -10.59 -14.81
N MET B 331 -34.72 -11.70 -14.86
CA MET B 331 -36.18 -11.65 -14.92
C MET B 331 -36.79 -11.44 -13.55
N LEU B 332 -36.20 -12.01 -12.51
CA LEU B 332 -36.69 -11.75 -11.16
C LEU B 332 -36.22 -10.41 -10.62
N GLY B 333 -35.18 -9.84 -11.21
CA GLY B 333 -34.75 -8.50 -10.84
C GLY B 333 -35.44 -7.40 -11.60
N ALA B 334 -36.10 -7.74 -12.70
CA ALA B 334 -36.94 -6.80 -13.41
C ALA B 334 -38.39 -6.86 -12.98
N ILE B 335 -38.86 -8.00 -12.48
CA ILE B 335 -40.19 -8.04 -11.90
C ILE B 335 -40.20 -7.33 -10.56
N TYR B 336 -39.17 -7.54 -9.74
CA TYR B 336 -39.14 -6.92 -8.42
C TYR B 336 -38.93 -5.42 -8.50
N LEU B 337 -38.07 -4.95 -9.41
CA LEU B 337 -37.88 -3.51 -9.56
C LEU B 337 -39.10 -2.85 -10.16
N LEU B 338 -39.94 -3.59 -10.88
CA LEU B 338 -41.19 -3.07 -11.39
C LEU B 338 -42.35 -3.33 -10.43
N TYR B 339 -42.23 -4.30 -9.54
CA TYR B 339 -43.17 -4.44 -8.44
C TYR B 339 -43.08 -3.27 -7.47
N ILE B 340 -41.92 -2.68 -7.32
CA ILE B 340 -41.73 -1.69 -6.27
C ILE B 340 -41.82 -0.26 -6.78
N ILE B 341 -41.92 -0.08 -8.10
CA ILE B 341 -42.37 1.21 -8.61
C ILE B 341 -43.88 1.33 -8.42
N CYS B 342 -44.62 0.23 -8.48
CA CYS B 342 -46.05 0.32 -8.20
C CYS B 342 -46.35 0.14 -6.71
N PHE B 343 -45.34 -0.04 -5.87
CA PHE B 343 -45.49 0.18 -4.45
C PHE B 343 -45.13 1.61 -4.05
N THR B 344 -44.15 2.21 -4.72
CA THR B 344 -43.82 3.61 -4.46
C THR B 344 -44.97 4.52 -4.85
N MET B 345 -45.55 4.32 -6.02
CA MET B 345 -46.63 5.19 -6.49
C MET B 345 -47.94 5.01 -5.72
N CYS B 346 -48.11 3.92 -4.99
CA CYS B 346 -49.30 3.80 -4.14
C CYS B 346 -49.01 4.30 -2.73
N CYS B 347 -47.84 4.88 -2.52
CA CYS B 347 -47.53 5.62 -1.31
C CYS B 347 -47.35 7.10 -1.56
N ILE B 348 -46.89 7.49 -2.75
CA ILE B 348 -46.92 8.89 -3.17
C ILE B 348 -48.35 9.41 -3.25
N TYR B 349 -49.28 8.62 -3.78
CA TYR B 349 -50.64 9.08 -4.03
C TYR B 349 -51.63 8.63 -2.97
N ARG B 350 -51.19 8.49 -1.71
CA ARG B 350 -52.02 7.96 -0.64
C ARG B 350 -53.13 8.95 -0.30
N PRO B 351 -54.28 8.47 0.22
CA PRO B 351 -55.39 9.39 0.52
C PRO B 351 -55.07 10.29 1.69
N LEU B 352 -55.36 11.58 1.54
CA LEU B 352 -54.80 12.57 2.46
C LEU B 352 -55.67 13.83 2.39
N LYS B 353 -56.52 14.02 3.38
CA LYS B 353 -57.44 15.16 3.43
C LYS B 353 -56.70 16.36 4.02
N PRO B 354 -57.34 17.52 4.14
CA PRO B 354 -56.81 18.56 5.02
C PRO B 354 -57.29 18.42 6.45
N ARG B 355 -56.72 19.26 7.31
CA ARG B 355 -56.85 19.11 8.74
C ARG B 355 -58.16 19.76 9.23
N THR B 356 -58.71 19.20 10.30
CA THR B 356 -59.97 19.68 10.87
C THR B 356 -59.88 20.17 12.30
N ASN B 357 -58.86 19.79 13.07
CA ASN B 357 -58.88 19.99 14.52
C ASN B 357 -58.23 21.32 14.95
N ASN B 358 -58.21 22.33 14.07
CA ASN B 358 -57.98 23.73 14.40
C ASN B 358 -56.60 24.09 14.94
N ARG B 359 -55.69 23.11 15.01
CA ARG B 359 -54.36 23.18 15.65
C ARG B 359 -54.37 23.93 16.99
N THR B 360 -55.13 23.36 17.94
CA THR B 360 -55.16 23.82 19.32
C THR B 360 -54.14 23.05 20.15
N SER B 361 -53.07 22.65 19.50
CA SER B 361 -51.87 21.98 19.95
C SER B 361 -50.94 23.03 20.58
N PRO B 362 -49.72 22.67 21.04
CA PRO B 362 -48.75 23.73 21.35
C PRO B 362 -48.35 24.50 20.11
N ARG B 363 -49.18 25.49 19.80
CA ARG B 363 -49.14 26.43 18.69
C ARG B 363 -47.74 26.94 18.37
N ASP B 364 -47.44 27.02 17.06
CA ASP B 364 -46.19 27.39 16.39
C ASP B 364 -45.14 26.29 16.47
N ASN B 365 -45.36 25.28 17.30
CA ASN B 365 -44.55 24.07 17.29
C ASN B 365 -45.35 22.94 16.68
N THR B 366 -46.27 23.28 15.76
CA THR B 366 -47.01 22.26 15.02
C THR B 366 -47.26 22.76 13.61
N LEU B 367 -47.05 21.89 12.64
CA LEU B 367 -47.27 22.22 11.24
C LEU B 367 -47.87 21.06 10.46
N LEU B 368 -48.15 19.94 11.12
CA LEU B 368 -48.86 18.86 10.45
C LEU B 368 -50.28 19.33 10.14
N GLN B 369 -50.66 19.21 8.87
CA GLN B 369 -51.89 19.84 8.44
C GLN B 369 -52.72 18.99 7.48
N GLN B 370 -52.51 17.68 7.46
CA GLN B 370 -53.30 16.84 6.58
C GLN B 370 -54.16 15.80 7.29
N LYS B 371 -53.56 14.93 8.12
CA LYS B 371 -54.24 13.84 8.85
C LYS B 371 -55.16 12.96 7.98
N LEU B 372 -54.53 12.02 7.28
CA LEU B 372 -55.06 11.20 6.19
C LEU B 372 -56.46 10.61 6.43
N LEU B 373 -57.14 10.35 5.29
CA LEU B 373 -58.51 9.88 5.19
C LEU B 373 -58.72 8.51 5.85
N GLN B 374 -59.99 8.10 5.96
CA GLN B 374 -60.26 6.81 6.60
C GLN B 374 -61.08 5.83 5.75
N GLU B 375 -62.22 6.21 5.18
CA GLU B 375 -62.93 5.33 4.26
C GLU B 375 -63.30 6.01 2.95
N ALA B 376 -62.61 7.11 2.63
CA ALA B 376 -62.89 7.88 1.42
C ALA B 376 -62.10 7.31 0.24
N TYR B 377 -62.76 6.46 -0.57
CA TYR B 377 -62.22 6.05 -1.85
C TYR B 377 -63.08 6.48 -3.05
N MET B 378 -64.04 7.38 -2.88
CA MET B 378 -64.99 7.71 -3.94
C MET B 378 -64.36 8.66 -4.97
N THR B 379 -63.42 8.13 -5.74
CA THR B 379 -62.69 8.89 -6.75
C THR B 379 -62.18 7.91 -7.80
N PRO B 380 -62.27 8.21 -9.10
CA PRO B 380 -61.67 7.32 -10.10
C PRO B 380 -60.14 7.31 -10.10
N LYS B 381 -59.48 8.21 -9.36
CA LYS B 381 -58.06 8.07 -9.09
C LYS B 381 -57.79 7.28 -7.83
N ASP B 382 -58.78 7.10 -6.96
CA ASP B 382 -58.62 6.21 -5.82
C ASP B 382 -58.91 4.76 -6.16
N ASP B 383 -59.47 4.49 -7.35
CA ASP B 383 -59.70 3.12 -7.77
C ASP B 383 -58.52 2.59 -8.57
N ILE B 384 -57.82 3.48 -9.28
CA ILE B 384 -56.59 3.09 -9.97
C ILE B 384 -55.50 2.80 -8.96
N ARG B 385 -55.47 3.57 -7.87
CA ARG B 385 -54.54 3.27 -6.79
C ARG B 385 -54.95 1.98 -6.07
N LEU B 386 -56.26 1.73 -5.97
CA LEU B 386 -56.78 0.53 -5.30
C LEU B 386 -56.30 -0.73 -5.98
N VAL B 387 -56.23 -0.73 -7.32
CA VAL B 387 -55.60 -1.83 -8.03
C VAL B 387 -54.11 -1.86 -7.75
N GLY B 388 -53.46 -0.70 -7.77
CA GLY B 388 -52.02 -0.63 -7.57
C GLY B 388 -51.55 -0.85 -6.16
N GLU B 389 -52.44 -0.71 -5.17
CA GLU B 389 -52.08 -1.04 -3.79
C GLU B 389 -52.64 -2.38 -3.36
N LEU B 390 -53.35 -3.07 -4.24
CA LEU B 390 -53.73 -4.45 -4.00
C LEU B 390 -52.77 -5.41 -4.68
N VAL B 391 -52.02 -4.92 -5.67
CA VAL B 391 -50.90 -5.69 -6.20
C VAL B 391 -49.80 -5.81 -5.16
N THR B 392 -49.50 -4.70 -4.46
CA THR B 392 -48.46 -4.75 -3.45
C THR B 392 -48.88 -5.48 -2.19
N VAL B 393 -50.17 -5.74 -1.98
CA VAL B 393 -50.58 -6.63 -0.92
C VAL B 393 -50.37 -8.08 -1.34
N ILE B 394 -50.80 -8.44 -2.55
CA ILE B 394 -50.59 -9.79 -3.07
C ILE B 394 -49.11 -10.06 -3.24
N GLY B 395 -48.35 -9.05 -3.69
CA GLY B 395 -46.92 -9.23 -3.86
C GLY B 395 -46.15 -9.35 -2.56
N ALA B 396 -46.75 -8.98 -1.42
CA ALA B 396 -46.12 -9.16 -0.13
C ALA B 396 -46.64 -10.37 0.62
N ILE B 397 -47.69 -11.03 0.12
CA ILE B 397 -48.08 -12.33 0.65
C ILE B 397 -47.26 -13.43 0.00
N ILE B 398 -46.96 -13.27 -1.30
CA ILE B 398 -46.18 -14.27 -2.03
C ILE B 398 -44.74 -14.30 -1.52
N ILE B 399 -44.23 -13.18 -1.00
CA ILE B 399 -42.93 -13.21 -0.34
C ILE B 399 -43.00 -14.03 0.95
N LEU B 400 -44.06 -13.86 1.72
CA LEU B 400 -44.20 -14.63 2.96
C LEU B 400 -44.73 -16.04 2.75
N LEU B 401 -44.88 -16.51 1.51
CA LEU B 401 -45.21 -17.89 1.24
C LEU B 401 -44.05 -18.67 0.62
N VAL B 402 -42.97 -18.02 0.22
CA VAL B 402 -41.79 -18.70 -0.30
C VAL B 402 -40.56 -18.43 0.55
N GLU B 403 -40.71 -17.71 1.66
CA GLU B 403 -39.60 -17.41 2.55
C GLU B 403 -39.81 -17.92 3.97
N VAL B 404 -41.02 -17.79 4.51
CA VAL B 404 -41.37 -18.35 5.81
C VAL B 404 -41.40 -19.89 5.75
N PRO B 405 -41.85 -20.57 4.64
CA PRO B 405 -41.62 -22.03 4.58
C PRO B 405 -40.18 -22.47 4.33
N ASP B 406 -39.20 -21.58 4.43
CA ASP B 406 -37.80 -21.98 4.41
C ASP B 406 -37.19 -21.79 5.79
N ILE B 407 -37.60 -20.75 6.51
CA ILE B 407 -37.06 -20.44 7.82
C ILE B 407 -37.53 -21.48 8.83
N PHE B 408 -38.81 -21.84 8.78
CA PHE B 408 -39.40 -22.79 9.71
C PHE B 408 -39.47 -24.19 9.10
N ARG B 409 -38.55 -24.49 8.17
CA ARG B 409 -38.47 -25.83 7.60
C ARG B 409 -37.00 -26.22 7.42
N MET B 410 -36.10 -25.27 7.69
CA MET B 410 -34.67 -25.56 7.60
C MET B 410 -33.97 -25.15 8.90
N GLY B 411 -34.49 -25.60 10.03
CA GLY B 411 -33.93 -25.25 11.32
C GLY B 411 -34.40 -23.89 11.78
N VAL B 412 -33.48 -23.06 12.26
CA VAL B 412 -33.72 -21.64 12.47
C VAL B 412 -32.63 -20.91 11.70
N THR B 413 -31.47 -21.55 11.57
CA THR B 413 -30.32 -20.95 10.91
C THR B 413 -30.46 -20.98 9.40
N PRO B 424 -28.26 -11.58 4.54
CA PRO B 424 -28.98 -10.43 5.11
C PRO B 424 -30.26 -10.14 4.37
N PHE B 425 -30.29 -10.41 3.06
CA PHE B 425 -31.45 -10.08 2.25
C PHE B 425 -32.59 -11.06 2.42
N HIS B 426 -32.42 -12.12 3.21
CA HIS B 426 -33.58 -12.83 3.72
C HIS B 426 -34.34 -11.92 4.67
N VAL B 427 -33.63 -11.35 5.65
CA VAL B 427 -34.26 -10.58 6.73
C VAL B 427 -34.90 -9.31 6.19
N LEU B 428 -34.25 -8.64 5.24
CA LEU B 428 -34.75 -7.39 4.69
C LEU B 428 -35.91 -7.57 3.71
N ILE B 429 -36.37 -8.79 3.46
CA ILE B 429 -37.51 -8.99 2.59
C ILE B 429 -38.67 -9.69 3.32
N ILE B 430 -38.42 -10.38 4.43
CA ILE B 430 -39.52 -10.65 5.34
C ILE B 430 -39.95 -9.36 6.04
N THR B 431 -38.98 -8.52 6.42
CA THR B 431 -39.29 -7.25 7.08
C THR B 431 -40.04 -6.30 6.14
N TYR B 432 -39.68 -6.27 4.86
CA TYR B 432 -40.48 -5.53 3.88
C TYR B 432 -41.89 -6.08 3.78
N ALA B 433 -42.02 -7.40 3.67
CA ALA B 433 -43.33 -8.00 3.49
C ALA B 433 -44.17 -7.95 4.75
N PHE B 434 -43.54 -7.77 5.91
CA PHE B 434 -44.30 -7.57 7.13
C PHE B 434 -44.80 -6.14 7.24
N MET B 435 -43.98 -5.17 6.83
CA MET B 435 -44.38 -3.76 6.90
C MET B 435 -45.46 -3.40 5.90
N VAL B 436 -45.59 -4.16 4.81
CA VAL B 436 -46.70 -3.95 3.89
C VAL B 436 -47.99 -4.50 4.47
N LEU B 437 -47.91 -5.59 5.22
CA LEU B 437 -49.10 -6.10 5.87
C LEU B 437 -49.48 -5.31 7.11
N VAL B 438 -48.52 -4.63 7.76
CA VAL B 438 -48.87 -3.75 8.86
C VAL B 438 -49.60 -2.51 8.35
N THR B 439 -49.11 -1.91 7.27
CA THR B 439 -49.78 -0.74 6.71
C THR B 439 -51.05 -1.11 5.96
N MET B 440 -51.32 -2.39 5.72
CA MET B 440 -52.64 -2.82 5.30
C MET B 440 -53.63 -2.87 6.45
N VAL B 441 -53.24 -3.45 7.58
CA VAL B 441 -54.12 -3.51 8.76
C VAL B 441 -54.44 -2.11 9.26
N MET B 442 -53.45 -1.20 9.24
CA MET B 442 -53.70 0.19 9.59
C MET B 442 -54.59 0.90 8.58
N ARG B 443 -54.60 0.47 7.33
CA ARG B 443 -55.52 1.04 6.37
C ARG B 443 -56.95 0.56 6.57
N LEU B 444 -57.12 -0.70 6.97
CA LEU B 444 -58.47 -1.24 7.16
C LEU B 444 -59.11 -0.70 8.43
N ILE B 445 -58.38 -0.74 9.56
CA ILE B 445 -58.96 -0.29 10.83
C ILE B 445 -58.89 1.22 11.00
N SER B 446 -58.38 1.93 9.98
CA SER B 446 -58.21 3.39 9.97
C SER B 446 -57.36 3.87 11.15
N ALA B 447 -56.21 3.23 11.31
CA ALA B 447 -55.28 3.60 12.36
C ALA B 447 -54.59 4.91 11.99
N SER B 448 -54.07 5.59 13.01
CA SER B 448 -53.62 6.96 12.84
C SER B 448 -52.27 7.05 12.14
N GLY B 449 -51.22 6.53 12.75
CA GLY B 449 -49.90 6.74 12.21
C GLY B 449 -49.52 5.71 11.18
N GLU B 450 -49.75 6.04 9.92
CA GLU B 450 -49.47 5.13 8.82
C GLU B 450 -48.19 5.51 8.07
N VAL B 451 -47.63 6.69 8.37
CA VAL B 451 -46.36 7.08 7.76
C VAL B 451 -45.21 6.27 8.30
N VAL B 452 -45.39 5.57 9.42
CA VAL B 452 -44.31 4.82 10.05
C VAL B 452 -44.10 3.47 9.36
N PRO B 453 -45.11 2.61 9.08
CA PRO B 453 -44.78 1.39 8.33
C PRO B 453 -44.41 1.64 6.88
N MET B 454 -44.94 2.70 6.26
CA MET B 454 -44.57 2.99 4.89
C MET B 454 -43.14 3.49 4.78
N SER B 455 -42.68 4.25 5.77
CA SER B 455 -41.31 4.78 5.71
C SER B 455 -40.27 3.68 5.84
N PHE B 456 -40.59 2.62 6.59
CA PHE B 456 -39.71 1.45 6.59
C PHE B 456 -39.82 0.68 5.29
N ALA B 457 -41.04 0.49 4.79
CA ALA B 457 -41.25 -0.35 3.62
C ALA B 457 -40.78 0.31 2.33
N LEU B 458 -40.65 1.63 2.29
CA LEU B 458 -40.06 2.30 1.13
C LEU B 458 -38.55 2.28 1.12
N VAL B 459 -37.91 1.93 2.22
CA VAL B 459 -36.46 1.88 2.26
C VAL B 459 -35.93 0.47 2.56
N LEU B 460 -36.67 -0.36 3.30
CA LEU B 460 -36.36 -1.78 3.31
C LEU B 460 -36.71 -2.40 1.97
N GLY B 461 -37.62 -1.79 1.24
CA GLY B 461 -37.98 -2.28 -0.07
C GLY B 461 -37.01 -1.86 -1.16
N TRP B 462 -36.63 -0.58 -1.24
CA TRP B 462 -35.72 -0.17 -2.29
C TRP B 462 -34.32 -0.69 -2.06
N CYS B 463 -33.87 -0.82 -0.81
CA CYS B 463 -32.55 -1.38 -0.58
C CYS B 463 -32.48 -2.89 -0.78
N ASN B 464 -33.57 -3.55 -1.15
CA ASN B 464 -33.51 -4.93 -1.62
C ASN B 464 -33.21 -5.03 -3.10
N VAL B 465 -33.17 -3.91 -3.82
CA VAL B 465 -32.71 -3.94 -5.20
C VAL B 465 -31.20 -4.10 -5.24
N MET B 466 -30.51 -3.87 -4.11
CA MET B 466 -29.11 -4.21 -3.99
C MET B 466 -28.86 -5.71 -3.96
N TYR B 467 -29.89 -6.53 -3.71
CA TYR B 467 -29.71 -7.97 -3.83
C TYR B 467 -29.41 -8.36 -5.26
N PHE B 468 -30.09 -7.74 -6.21
CA PHE B 468 -29.94 -8.09 -7.60
C PHE B 468 -28.70 -7.47 -8.23
N ALA B 469 -27.89 -6.78 -7.44
CA ALA B 469 -26.55 -6.38 -7.85
C ALA B 469 -25.53 -7.42 -7.45
N ARG B 470 -25.82 -8.67 -7.78
CA ARG B 470 -24.85 -9.74 -7.72
C ARG B 470 -24.84 -10.57 -8.98
N GLY B 471 -25.79 -10.38 -9.87
CA GLY B 471 -25.72 -10.94 -11.19
C GLY B 471 -24.82 -10.19 -12.12
N PHE B 472 -24.23 -9.09 -11.67
CA PHE B 472 -23.36 -8.25 -12.46
C PHE B 472 -22.01 -8.22 -11.77
N GLN B 473 -20.95 -8.57 -12.49
CA GLN B 473 -19.63 -8.69 -11.89
C GLN B 473 -19.04 -7.34 -11.53
N MET B 474 -19.51 -6.28 -12.17
CA MET B 474 -19.01 -4.93 -11.87
C MET B 474 -19.49 -4.48 -10.49
N LEU B 475 -20.80 -4.39 -10.31
CA LEU B 475 -21.41 -3.93 -9.06
C LEU B 475 -21.81 -5.09 -8.16
N GLY B 476 -21.13 -6.22 -8.27
CA GLY B 476 -21.36 -7.36 -7.43
C GLY B 476 -20.61 -7.37 -6.11
N PRO B 477 -19.28 -7.32 -6.14
CA PRO B 477 -18.52 -7.21 -4.89
C PRO B 477 -18.68 -5.89 -4.17
N PHE B 478 -19.27 -4.88 -4.80
CA PHE B 478 -19.55 -3.61 -4.13
C PHE B 478 -20.66 -3.75 -3.10
N THR B 479 -21.47 -4.79 -3.19
CA THR B 479 -22.49 -5.08 -2.18
C THR B 479 -21.93 -5.90 -1.02
N ILE B 480 -20.90 -6.73 -1.27
CA ILE B 480 -20.14 -7.39 -0.20
C ILE B 480 -19.45 -6.40 0.73
N MET B 481 -18.74 -5.41 0.22
CA MET B 481 -18.00 -4.49 1.07
C MET B 481 -18.85 -3.34 1.58
N ILE B 482 -20.17 -3.45 1.45
CA ILE B 482 -21.10 -2.73 2.30
C ILE B 482 -21.48 -3.53 3.53
N GLN B 483 -21.72 -4.84 3.38
CA GLN B 483 -21.91 -5.72 4.52
C GLN B 483 -20.69 -5.80 5.42
N LYS B 484 -19.50 -5.90 4.85
CA LYS B 484 -18.27 -5.99 5.62
C LYS B 484 -17.87 -4.69 6.28
N MET B 485 -18.58 -3.60 6.02
CA MET B 485 -18.33 -2.34 6.69
C MET B 485 -19.43 -1.93 7.65
N ILE B 486 -20.68 -2.30 7.40
CA ILE B 486 -21.73 -2.07 8.39
C ILE B 486 -21.49 -2.92 9.63
N PHE B 487 -21.27 -4.21 9.43
CA PHE B 487 -21.00 -5.14 10.51
C PHE B 487 -19.51 -5.34 10.73
N GLY B 488 -18.74 -4.32 10.39
CA GLY B 488 -17.30 -4.31 10.42
C GLY B 488 -16.82 -3.00 11.01
N ASP B 489 -16.16 -2.21 10.16
CA ASP B 489 -15.52 -0.96 10.56
C ASP B 489 -16.48 0.05 11.17
N LEU B 490 -17.77 0.01 10.81
CA LEU B 490 -18.73 0.96 11.37
C LEU B 490 -19.41 0.42 12.62
N MET B 491 -19.34 -0.88 12.88
CA MET B 491 -19.93 -1.40 14.11
C MET B 491 -18.99 -1.19 15.29
N ARG B 492 -17.67 -1.17 15.06
CA ARG B 492 -16.74 -0.85 16.13
C ARG B 492 -16.53 0.64 16.31
N PHE B 493 -16.81 1.42 15.27
CA PHE B 493 -16.84 2.88 15.38
C PHE B 493 -18.13 3.36 16.03
N CYS B 494 -19.20 2.55 15.99
CA CYS B 494 -20.47 2.92 16.60
C CYS B 494 -20.37 3.08 18.09
N TRP B 495 -19.61 2.21 18.75
CA TRP B 495 -19.61 2.22 20.20
C TRP B 495 -18.64 3.22 20.80
N LEU B 496 -17.76 3.80 19.99
CA LEU B 496 -16.95 4.92 20.46
C LEU B 496 -17.42 6.25 19.93
N MET B 497 -18.20 6.27 18.85
CA MET B 497 -18.87 7.50 18.46
C MET B 497 -19.97 7.85 19.45
N ALA B 498 -20.73 6.85 19.90
CA ALA B 498 -21.81 7.11 20.85
C ALA B 498 -21.31 7.50 22.22
N VAL B 499 -20.06 7.19 22.54
CA VAL B 499 -19.42 7.72 23.73
C VAL B 499 -19.18 9.22 23.59
N VAL B 500 -18.72 9.67 22.43
CA VAL B 500 -18.43 11.08 22.22
C VAL B 500 -19.72 11.88 22.09
N ILE B 501 -20.69 11.38 21.31
CA ILE B 501 -21.90 12.16 21.09
C ILE B 501 -22.92 12.00 22.21
N LEU B 502 -22.57 11.30 23.29
CA LEU B 502 -23.29 11.43 24.55
C LEU B 502 -22.59 12.35 25.52
N GLY B 503 -21.28 12.51 25.38
CA GLY B 503 -20.54 13.38 26.27
C GLY B 503 -20.65 14.83 25.86
N PHE B 504 -20.55 15.09 24.57
CA PHE B 504 -20.68 16.46 24.11
C PHE B 504 -22.12 16.90 23.95
N ALA B 505 -23.04 15.99 23.69
CA ALA B 505 -24.44 16.39 23.61
C ALA B 505 -25.00 16.73 24.98
N SER B 506 -24.50 16.08 26.02
CA SER B 506 -24.86 16.43 27.38
C SER B 506 -24.08 17.61 27.91
N ALA B 507 -22.98 17.97 27.26
CA ALA B 507 -22.28 19.19 27.60
C ALA B 507 -22.87 20.38 26.87
N PHE B 508 -23.24 20.20 25.61
CA PHE B 508 -23.91 21.23 24.83
C PHE B 508 -25.29 21.55 25.36
N TYR B 509 -25.97 20.58 25.95
CA TYR B 509 -27.32 20.81 26.44
C TYR B 509 -27.31 21.72 27.66
N ILE B 510 -26.44 21.43 28.63
CA ILE B 510 -26.43 22.22 29.86
C ILE B 510 -25.78 23.58 29.68
N ILE B 511 -25.07 23.81 28.59
CA ILE B 511 -24.56 25.15 28.29
C ILE B 511 -25.67 26.04 27.76
N PHE B 512 -26.46 25.52 26.81
CA PHE B 512 -27.59 26.23 26.27
C PHE B 512 -28.88 25.91 27.02
N GLN B 513 -28.78 25.55 28.29
CA GLN B 513 -29.97 25.34 29.10
C GLN B 513 -30.39 26.64 29.76
N THR B 514 -29.42 27.49 30.09
CA THR B 514 -29.64 28.81 30.65
C THR B 514 -29.60 29.88 29.55
N GLU B 515 -30.54 29.76 28.62
CA GLU B 515 -30.36 30.32 27.29
C GLU B 515 -31.75 30.58 26.70
N ASP B 516 -31.79 31.33 25.60
CA ASP B 516 -33.01 31.58 24.84
C ASP B 516 -33.01 30.68 23.62
N PRO B 517 -33.89 29.68 23.54
CA PRO B 517 -33.84 28.73 22.42
C PRO B 517 -34.44 29.28 21.14
N GLU B 518 -34.97 30.49 21.20
CA GLU B 518 -35.51 31.21 20.06
C GLU B 518 -34.47 31.47 18.99
N GLU B 519 -33.21 31.61 19.39
CA GLU B 519 -32.10 31.86 18.50
C GLU B 519 -30.92 30.99 18.91
N LEU B 520 -30.39 30.21 17.96
CA LEU B 520 -29.54 29.04 18.19
C LEU B 520 -30.27 28.05 19.10
N GLY B 521 -31.33 27.45 18.58
CA GLY B 521 -32.04 26.43 19.32
C GLY B 521 -31.68 25.03 18.88
N HIS B 522 -30.39 24.79 18.64
CA HIS B 522 -29.93 23.44 18.29
C HIS B 522 -30.13 22.47 19.43
N PHE B 523 -30.05 22.94 20.68
CA PHE B 523 -30.01 22.09 21.86
C PHE B 523 -31.08 22.65 22.80
N TYR B 524 -32.34 22.38 22.52
CA TYR B 524 -33.39 22.96 23.35
C TYR B 524 -34.07 21.96 24.25
N ASP B 525 -34.08 20.69 23.89
CA ASP B 525 -34.38 19.61 24.82
C ASP B 525 -33.42 18.47 24.54
N TYR B 526 -33.29 17.57 25.52
CA TYR B 526 -32.20 16.59 25.48
C TYR B 526 -32.27 15.56 24.35
N PRO B 527 -33.43 15.15 23.81
CA PRO B 527 -33.37 14.42 22.54
C PRO B 527 -32.78 15.22 21.40
N MET B 528 -33.14 16.50 21.25
CA MET B 528 -32.66 17.26 20.10
C MET B 528 -31.18 17.60 20.23
N ALA B 529 -30.66 17.70 21.46
CA ALA B 529 -29.22 17.88 21.62
C ALA B 529 -28.45 16.64 21.21
N LEU B 530 -29.06 15.46 21.33
CA LEU B 530 -28.42 14.23 20.84
C LEU B 530 -28.41 14.20 19.32
N PHE B 531 -29.49 14.65 18.70
CA PHE B 531 -29.57 14.56 17.25
C PHE B 531 -28.84 15.70 16.56
N SER B 532 -28.73 16.86 17.22
CA SER B 532 -27.88 17.91 16.68
C SER B 532 -26.41 17.53 16.76
N THR B 533 -26.00 16.90 17.86
CA THR B 533 -24.59 16.55 18.04
C THR B 533 -24.20 15.37 17.17
N PHE B 534 -25.12 14.46 16.90
CA PHE B 534 -24.88 13.43 15.90
C PHE B 534 -24.70 14.04 14.52
N GLU B 535 -25.51 15.04 14.18
CA GLU B 535 -25.37 15.72 12.91
C GLU B 535 -24.09 16.56 12.87
N LEU B 536 -23.72 17.18 13.99
CA LEU B 536 -22.47 17.95 14.01
C LEU B 536 -21.25 17.05 14.00
N PHE B 537 -21.39 15.80 14.42
CA PHE B 537 -20.28 14.85 14.33
C PHE B 537 -19.93 14.58 12.88
N LEU B 538 -20.94 14.37 12.06
CA LEU B 538 -20.78 13.99 10.67
C LEU B 538 -20.66 15.19 9.74
N THR B 539 -20.77 16.40 10.29
CA THR B 539 -20.84 17.68 9.56
C THR B 539 -21.92 17.65 8.49
N ILE B 540 -23.12 17.25 8.89
CA ILE B 540 -24.27 17.25 8.02
C ILE B 540 -25.33 18.22 8.48
N ILE B 541 -25.03 19.06 9.45
CA ILE B 541 -25.63 20.37 9.58
C ILE B 541 -24.50 21.37 9.71
N ASP B 542 -24.86 22.64 9.84
CA ASP B 542 -23.87 23.69 9.65
C ASP B 542 -22.91 23.74 10.80
N GLY B 543 -23.38 24.17 11.96
CA GLY B 543 -22.51 24.48 13.07
C GLY B 543 -23.05 25.72 13.74
N PRO B 544 -23.39 25.60 15.03
CA PRO B 544 -24.23 26.62 15.68
C PRO B 544 -23.52 27.95 15.86
N ALA B 545 -24.12 29.00 15.32
CA ALA B 545 -23.55 30.34 15.37
C ALA B 545 -24.66 31.35 15.20
N ASN B 546 -24.59 32.44 15.95
CA ASN B 546 -25.61 33.47 15.86
C ASN B 546 -25.08 34.83 15.44
N TYR B 547 -23.90 35.24 15.93
CA TYR B 547 -23.14 36.42 15.51
C TYR B 547 -23.81 37.76 15.83
N ASN B 548 -25.04 37.72 16.33
CA ASN B 548 -25.75 38.90 16.78
C ASN B 548 -25.89 38.93 18.29
N VAL B 549 -25.92 37.77 18.93
CA VAL B 549 -26.08 37.68 20.37
C VAL B 549 -24.90 36.89 20.90
N ASP B 550 -24.39 37.28 22.07
CA ASP B 550 -23.24 36.62 22.67
C ASP B 550 -23.61 35.23 23.16
N LEU B 551 -22.96 34.22 22.59
CA LEU B 551 -23.11 32.84 23.02
C LEU B 551 -22.41 32.67 24.37
N PRO B 552 -22.63 31.55 25.07
CA PRO B 552 -21.84 31.30 26.28
C PRO B 552 -20.37 31.12 25.95
N PHE B 553 -19.53 31.59 26.87
CA PHE B 553 -18.09 31.46 26.71
C PHE B 553 -17.66 29.99 26.69
N MET B 554 -18.36 29.15 27.45
CA MET B 554 -18.01 27.76 27.53
C MET B 554 -18.32 27.02 26.25
N TYR B 555 -19.22 27.54 25.41
CA TYR B 555 -19.56 26.89 24.15
C TYR B 555 -18.40 26.91 23.17
N SER B 556 -17.69 28.03 23.06
CA SER B 556 -16.63 28.16 22.08
C SER B 556 -15.43 27.28 22.40
N ILE B 557 -15.25 26.91 23.67
CA ILE B 557 -14.18 25.98 24.03
C ILE B 557 -14.61 24.54 23.76
N THR B 558 -15.78 24.15 24.23
CA THR B 558 -16.22 22.77 24.10
C THR B 558 -16.69 22.42 22.70
N TYR B 559 -16.85 23.38 21.80
CA TYR B 559 -17.11 23.06 20.41
C TYR B 559 -15.83 23.05 19.61
N ALA B 560 -14.81 23.79 20.03
CA ALA B 560 -13.50 23.66 19.41
C ALA B 560 -12.85 22.34 19.80
N ALA B 561 -13.21 21.78 20.96
CA ALA B 561 -12.77 20.44 21.30
C ALA B 561 -13.57 19.39 20.56
N PHE B 562 -14.87 19.61 20.38
CA PHE B 562 -15.69 18.70 19.59
C PHE B 562 -15.37 18.77 18.11
N ALA B 563 -14.86 19.90 17.64
CA ALA B 563 -14.47 19.99 16.23
C ALA B 563 -13.24 19.16 15.95
N ILE B 564 -12.33 19.08 16.91
CA ILE B 564 -11.06 18.40 16.67
C ILE B 564 -11.21 16.91 16.88
N ILE B 565 -11.64 16.49 18.07
CA ILE B 565 -11.60 15.08 18.41
C ILE B 565 -12.74 14.28 17.82
N ALA B 566 -13.68 14.92 17.15
CA ALA B 566 -14.83 14.21 16.61
C ALA B 566 -14.98 14.41 15.10
N THR B 567 -14.95 15.64 14.63
CA THR B 567 -14.97 15.90 13.21
C THR B 567 -13.61 15.66 12.57
N LEU B 568 -12.56 16.28 13.10
CA LEU B 568 -11.25 16.19 12.48
C LEU B 568 -10.58 14.84 12.72
N LEU B 569 -10.49 14.43 13.97
CA LEU B 569 -9.77 13.21 14.32
C LEU B 569 -10.54 11.96 13.96
N MET B 570 -11.73 11.83 14.52
CA MET B 570 -12.38 10.54 14.66
C MET B 570 -13.27 10.20 13.49
N LEU B 571 -13.77 11.21 12.78
CA LEU B 571 -14.50 10.95 11.55
C LEU B 571 -13.56 10.51 10.44
N ASN B 572 -12.39 11.16 10.32
CA ASN B 572 -11.42 10.80 9.30
C ASN B 572 -10.57 9.61 9.72
N LEU B 573 -10.68 9.18 10.97
CA LEU B 573 -10.15 7.90 11.38
C LEU B 573 -10.98 6.76 10.82
N LEU B 574 -12.27 6.99 10.63
CA LEU B 574 -13.18 5.96 10.14
C LEU B 574 -13.20 5.88 8.63
N ILE B 575 -12.87 6.96 7.93
CA ILE B 575 -12.74 6.87 6.47
C ILE B 575 -11.36 6.41 6.06
N ALA B 576 -10.44 6.29 7.02
CA ALA B 576 -9.10 5.77 6.77
C ALA B 576 -8.94 4.35 7.28
N MET B 577 -9.93 3.83 7.98
CA MET B 577 -9.99 2.42 8.30
C MET B 577 -11.00 1.70 7.44
N MET B 578 -11.70 2.42 6.57
CA MET B 578 -12.40 1.81 5.44
C MET B 578 -11.55 1.80 4.18
N GLY B 579 -10.47 2.58 4.14
CA GLY B 579 -9.60 2.64 2.98
C GLY B 579 -8.37 1.79 3.22
N ASP B 580 -8.15 1.46 4.49
CA ASP B 580 -7.21 0.41 4.88
C ASP B 580 -7.87 -0.96 4.89
N THR B 581 -9.20 -1.02 4.89
CA THR B 581 -9.88 -2.29 4.79
C THR B 581 -9.73 -2.89 3.39
N HIS B 582 -9.94 -2.08 2.35
CA HIS B 582 -10.03 -2.52 0.95
C HIS B 582 -8.83 -3.34 0.49
N TRP B 583 -7.64 -2.75 0.51
CA TRP B 583 -6.49 -3.35 -0.16
C TRP B 583 -5.98 -4.60 0.54
N ARG B 584 -6.41 -4.87 1.77
CA ARG B 584 -6.17 -6.14 2.40
C ARG B 584 -7.42 -7.02 2.50
N VAL B 585 -8.51 -6.64 1.84
CA VAL B 585 -9.61 -7.58 1.64
C VAL B 585 -9.92 -7.65 0.14
N ALA B 586 -9.07 -7.03 -0.69
CA ALA B 586 -9.34 -6.91 -2.12
C ALA B 586 -9.34 -8.25 -2.83
N HIS B 587 -8.66 -9.24 -2.26
CA HIS B 587 -8.67 -10.58 -2.83
C HIS B 587 -9.86 -11.36 -2.31
N GLU B 588 -10.14 -11.24 -1.01
CA GLU B 588 -11.26 -11.96 -0.40
C GLU B 588 -12.59 -11.46 -0.92
N ARG B 589 -12.76 -10.15 -1.01
CA ARG B 589 -13.99 -9.54 -1.49
C ARG B 589 -14.25 -9.83 -2.97
N ASP B 590 -13.19 -10.09 -3.75
CA ASP B 590 -13.39 -10.36 -5.17
C ASP B 590 -13.53 -11.83 -5.47
N GLU B 591 -13.07 -12.72 -4.57
CA GLU B 591 -13.36 -14.14 -4.74
C GLU B 591 -14.66 -14.53 -4.05
N LEU B 592 -15.26 -13.60 -3.31
CA LEU B 592 -16.54 -13.85 -2.67
C LEU B 592 -17.69 -13.42 -3.59
N TRP B 593 -17.39 -12.99 -4.81
CA TRP B 593 -18.47 -12.75 -5.77
C TRP B 593 -18.99 -14.05 -6.34
N ARG B 594 -18.10 -14.95 -6.75
CA ARG B 594 -18.60 -16.18 -7.37
C ARG B 594 -19.04 -17.19 -6.31
N ALA B 595 -18.85 -16.89 -5.03
CA ALA B 595 -19.55 -17.67 -4.02
C ALA B 595 -20.98 -17.17 -3.85
N GLN B 596 -21.26 -15.93 -4.25
CA GLN B 596 -22.63 -15.44 -4.34
C GLN B 596 -23.34 -15.97 -5.58
N ILE B 597 -22.58 -16.32 -6.61
CA ILE B 597 -23.18 -16.90 -7.81
C ILE B 597 -23.60 -18.33 -7.56
N VAL B 598 -22.79 -19.08 -6.80
CA VAL B 598 -23.15 -20.46 -6.46
C VAL B 598 -24.37 -20.49 -5.56
N ALA B 599 -24.42 -19.59 -4.57
CA ALA B 599 -25.56 -19.56 -3.65
C ALA B 599 -26.83 -19.12 -4.35
N THR B 600 -26.71 -18.32 -5.40
CA THR B 600 -27.86 -17.91 -6.18
C THR B 600 -28.28 -19.01 -7.16
N THR B 601 -27.32 -19.65 -7.83
CA THR B 601 -27.63 -20.71 -8.78
C THR B 601 -28.22 -21.92 -8.07
N VAL B 602 -27.77 -22.22 -6.85
CA VAL B 602 -28.39 -23.28 -6.05
C VAL B 602 -29.82 -22.91 -5.67
N MET B 603 -30.04 -21.66 -5.25
CA MET B 603 -31.39 -21.22 -4.87
C MET B 603 -32.33 -21.18 -6.06
N LEU B 604 -31.84 -20.72 -7.22
CA LEU B 604 -32.68 -20.67 -8.41
C LEU B 604 -32.99 -22.06 -8.94
N GLU B 605 -32.16 -23.05 -8.59
CA GLU B 605 -32.39 -24.41 -9.07
C GLU B 605 -33.38 -25.15 -8.17
N ARG B 606 -33.36 -24.86 -6.87
CA ARG B 606 -34.26 -25.53 -5.95
C ARG B 606 -35.69 -25.00 -6.07
N LYS B 607 -35.84 -23.70 -6.30
CA LYS B 607 -37.17 -23.10 -6.34
C LYS B 607 -37.86 -23.37 -7.67
N LEU B 608 -37.14 -23.23 -8.77
CA LEU B 608 -37.72 -23.40 -10.09
C LEU B 608 -38.01 -24.88 -10.35
N PRO B 609 -39.05 -25.20 -11.11
CA PRO B 609 -39.37 -26.61 -11.37
C PRO B 609 -38.44 -27.22 -12.40
N ARG B 610 -38.62 -28.53 -12.60
CA ARG B 610 -37.79 -29.29 -13.51
C ARG B 610 -38.24 -29.14 -14.97
N CYS B 611 -39.42 -28.56 -15.20
CA CYS B 611 -39.84 -28.24 -16.56
C CYS B 611 -38.96 -27.16 -17.18
N LEU B 612 -38.67 -26.10 -16.43
CA LEU B 612 -37.58 -25.20 -16.73
C LEU B 612 -36.30 -25.80 -16.15
N TRP B 613 -35.19 -25.07 -16.30
CA TRP B 613 -33.86 -25.43 -15.80
C TRP B 613 -33.39 -26.82 -16.22
N PRO B 614 -32.93 -27.02 -17.46
CA PRO B 614 -32.35 -28.31 -17.84
C PRO B 614 -31.12 -28.63 -17.01
N ARG B 615 -30.89 -29.93 -16.83
CA ARG B 615 -29.76 -30.37 -16.02
C ARG B 615 -28.45 -30.09 -16.72
N SER B 616 -27.40 -29.94 -15.91
CA SER B 616 -26.10 -29.56 -16.42
C SER B 616 -25.32 -30.77 -16.88
N GLY B 617 -24.66 -30.64 -18.02
CA GLY B 617 -23.87 -31.73 -18.55
C GLY B 617 -24.61 -32.55 -19.58
N ILE B 618 -23.93 -33.59 -20.05
CA ILE B 618 -24.43 -34.44 -21.11
C ILE B 618 -24.68 -35.82 -20.51
N CYS B 619 -25.93 -36.26 -20.55
CA CYS B 619 -26.27 -37.59 -20.03
C CYS B 619 -25.69 -38.67 -20.91
N GLY B 620 -25.27 -39.76 -20.27
CA GLY B 620 -24.57 -40.80 -21.01
C GLY B 620 -25.35 -42.07 -21.23
N ARG B 621 -26.68 -41.99 -21.32
CA ARG B 621 -27.46 -43.17 -21.64
C ARG B 621 -27.33 -43.53 -23.11
N GLU B 622 -27.35 -42.53 -23.97
CA GLU B 622 -27.25 -42.73 -25.41
C GLU B 622 -25.82 -42.74 -25.90
N TYR B 623 -24.83 -42.85 -25.01
CA TYR B 623 -23.44 -42.87 -25.41
C TYR B 623 -22.66 -43.99 -24.72
N GLY B 624 -23.36 -44.93 -24.08
CA GLY B 624 -22.71 -46.09 -23.50
C GLY B 624 -21.92 -45.81 -22.24
N LEU B 625 -22.20 -44.72 -21.55
CA LEU B 625 -21.44 -44.34 -20.36
C LEU B 625 -22.22 -44.57 -19.07
N GLY B 626 -23.44 -45.07 -19.13
CA GLY B 626 -24.21 -45.34 -17.95
C GLY B 626 -25.40 -44.42 -17.81
N ASP B 627 -25.79 -44.17 -16.56
CA ASP B 627 -26.87 -43.26 -16.25
C ASP B 627 -26.35 -41.96 -15.65
N ARG B 628 -25.07 -41.68 -15.78
CA ARG B 628 -24.47 -40.53 -15.13
C ARG B 628 -24.40 -39.36 -16.10
N TRP B 629 -24.21 -38.17 -15.54
CA TRP B 629 -24.24 -36.92 -16.29
C TRP B 629 -22.85 -36.31 -16.31
N PHE B 630 -22.23 -36.27 -17.48
CA PHE B 630 -20.83 -35.94 -17.64
C PHE B 630 -20.66 -34.50 -18.14
N LEU B 631 -19.49 -33.93 -17.89
CA LEU B 631 -19.15 -32.58 -18.34
C LEU B 631 -17.72 -32.62 -18.86
N ARG B 632 -17.55 -32.51 -20.17
CA ARG B 632 -16.20 -32.50 -20.72
C ARG B 632 -15.66 -31.08 -20.81
N VAL B 633 -14.34 -30.98 -20.81
CA VAL B 633 -13.67 -29.72 -21.07
C VAL B 633 -12.32 -30.02 -21.72
N GLU B 634 -11.95 -29.24 -22.71
CA GLU B 634 -10.65 -29.38 -23.32
C GLU B 634 -9.79 -28.17 -23.00
N ASP B 635 -8.48 -28.39 -22.94
CA ASP B 635 -7.56 -27.34 -22.54
C ASP B 635 -6.16 -27.65 -23.06
N ARG B 636 -5.38 -26.59 -23.27
CA ARG B 636 -3.98 -26.73 -23.60
C ARG B 636 -3.17 -27.00 -22.34
N GLN B 637 -2.19 -27.88 -22.46
CA GLN B 637 -1.34 -28.25 -21.34
C GLN B 637 0.12 -27.98 -21.65
N ASP B 638 0.37 -27.30 -22.77
CA ASP B 638 1.69 -26.84 -23.22
C ASP B 638 2.72 -27.97 -23.37
N TRP C 22 -32.46 -20.58 -30.10
CA TRP C 22 -32.68 -19.58 -31.15
C TRP C 22 -31.38 -18.86 -31.47
N PHE C 23 -31.37 -17.54 -31.25
CA PHE C 23 -30.16 -16.74 -31.40
C PHE C 23 -29.44 -16.50 -30.08
N GLN C 24 -30.14 -16.60 -28.95
CA GLN C 24 -29.54 -16.33 -27.65
C GLN C 24 -28.54 -17.42 -27.26
N ARG C 25 -28.70 -18.62 -27.83
CA ARG C 25 -27.79 -19.74 -27.55
C ARG C 25 -26.61 -19.66 -28.51
N ARG C 26 -25.52 -19.05 -28.06
CA ARG C 26 -24.22 -19.23 -28.71
C ARG C 26 -23.45 -20.36 -28.07
N GLU C 27 -23.95 -20.92 -26.96
CA GLU C 27 -23.40 -22.12 -26.35
C GLU C 27 -24.08 -23.38 -26.85
N SER C 28 -24.89 -23.28 -27.91
CA SER C 28 -25.48 -24.47 -28.50
C SER C 28 -24.61 -25.08 -29.58
N TRP C 29 -23.48 -24.46 -29.90
CA TRP C 29 -22.46 -25.10 -30.72
C TRP C 29 -21.38 -25.74 -29.87
N ALA C 30 -21.06 -25.14 -28.72
CA ALA C 30 -20.19 -25.81 -27.77
C ALA C 30 -20.87 -27.04 -27.18
N GLN C 31 -22.19 -26.97 -27.00
CA GLN C 31 -22.98 -28.15 -26.65
C GLN C 31 -23.01 -29.15 -27.79
N SER C 32 -23.01 -28.67 -29.04
CA SER C 32 -23.10 -29.56 -30.19
C SER C 32 -21.79 -30.28 -30.51
N ARG C 33 -20.66 -29.79 -30.00
CA ARG C 33 -19.41 -30.51 -30.17
C ARG C 33 -19.02 -31.31 -28.94
N ASP C 34 -19.60 -31.01 -27.78
CA ASP C 34 -19.40 -31.88 -26.63
C ASP C 34 -20.11 -33.20 -26.84
N GLU C 35 -21.35 -33.16 -27.33
CA GLU C 35 -22.07 -34.38 -27.66
C GLU C 35 -21.64 -34.97 -28.99
N GLN C 36 -20.68 -34.36 -29.68
CA GLN C 36 -20.08 -34.94 -30.88
C GLN C 36 -18.78 -35.67 -30.57
N ASN C 37 -18.05 -35.25 -29.53
CA ASN C 37 -16.90 -36.01 -29.06
C ASN C 37 -17.33 -37.26 -28.29
N LEU C 38 -18.45 -37.21 -27.58
CA LEU C 38 -18.95 -38.41 -26.92
C LEU C 38 -19.49 -39.41 -27.92
N LEU C 39 -20.09 -38.94 -29.01
CA LEU C 39 -20.57 -39.85 -30.05
C LEU C 39 -19.42 -40.43 -30.86
N GLN C 40 -18.28 -39.75 -30.90
CA GLN C 40 -17.07 -40.34 -31.47
C GLN C 40 -16.62 -41.55 -30.68
N GLN C 41 -16.59 -41.42 -29.35
CA GLN C 41 -16.13 -42.50 -28.49
C GLN C 41 -17.14 -43.64 -28.41
N LYS C 42 -18.39 -43.41 -28.83
CA LYS C 42 -19.36 -44.49 -28.89
C LYS C 42 -19.14 -45.35 -30.12
N ARG C 43 -18.88 -44.71 -31.27
CA ARG C 43 -18.72 -45.44 -32.53
C ARG C 43 -17.42 -46.25 -32.54
N ILE C 44 -16.43 -45.84 -31.75
CA ILE C 44 -15.21 -46.63 -31.64
C ILE C 44 -15.48 -47.93 -30.89
N TRP C 45 -16.32 -47.87 -29.85
CA TRP C 45 -16.55 -49.04 -29.02
C TRP C 45 -17.43 -50.07 -29.71
N GLU C 46 -18.45 -49.62 -30.43
CA GLU C 46 -19.40 -50.53 -31.05
C GLU C 46 -18.97 -50.99 -32.44
N SER C 47 -17.72 -50.72 -32.83
CA SER C 47 -17.17 -51.26 -34.06
C SER C 47 -15.85 -51.95 -33.75
N PRO C 48 -15.60 -53.12 -34.36
CA PRO C 48 -14.50 -53.97 -33.86
C PRO C 48 -13.10 -53.49 -34.19
N LEU C 49 -12.86 -52.93 -35.38
CA LEU C 49 -11.49 -52.56 -35.72
C LEU C 49 -11.13 -51.14 -35.31
N LEU C 50 -12.11 -50.27 -35.10
CA LEU C 50 -11.80 -48.95 -34.57
C LEU C 50 -11.40 -49.01 -33.10
N LEU C 51 -12.00 -49.93 -32.33
CA LEU C 51 -11.49 -50.20 -31.00
C LEU C 51 -10.17 -50.95 -31.06
N ALA C 52 -9.98 -51.77 -32.09
CA ALA C 52 -8.72 -52.47 -32.25
C ALA C 52 -7.61 -51.52 -32.69
N ALA C 53 -7.95 -50.38 -33.27
CA ALA C 53 -6.95 -49.37 -33.59
C ALA C 53 -6.74 -48.37 -32.45
N LYS C 54 -7.77 -48.15 -31.63
CA LYS C 54 -7.63 -47.27 -30.47
C LYS C 54 -6.69 -47.87 -29.43
N ASP C 55 -6.83 -49.16 -29.14
CA ASP C 55 -5.80 -49.91 -28.45
C ASP C 55 -4.79 -50.42 -29.48
N ASN C 56 -3.76 -51.12 -29.04
CA ASN C 56 -2.85 -51.72 -30.02
C ASN C 56 -3.51 -52.94 -30.66
N ASP C 57 -3.72 -53.99 -29.86
CA ASP C 57 -4.49 -55.21 -30.21
C ASP C 57 -4.11 -55.79 -31.57
N VAL C 58 -2.80 -55.83 -31.83
CA VAL C 58 -2.31 -56.09 -33.18
C VAL C 58 -2.53 -57.56 -33.57
N GLN C 59 -2.54 -58.47 -32.59
CA GLN C 59 -2.88 -59.86 -32.90
C GLN C 59 -4.35 -60.01 -33.20
N ALA C 60 -5.19 -59.14 -32.62
CA ALA C 60 -6.59 -59.09 -32.99
C ALA C 60 -6.84 -58.22 -34.21
N LEU C 61 -5.91 -57.33 -34.54
CA LEU C 61 -6.08 -56.45 -35.69
C LEU C 61 -5.68 -57.13 -37.00
N ASN C 62 -4.80 -58.14 -36.94
CA ASN C 62 -4.55 -58.94 -38.13
C ASN C 62 -5.76 -59.78 -38.50
N LYS C 63 -6.51 -60.25 -37.51
CA LYS C 63 -7.65 -61.14 -37.77
C LYS C 63 -8.81 -60.41 -38.41
N LEU C 64 -9.06 -59.17 -38.00
CA LEU C 64 -10.25 -58.45 -38.45
C LEU C 64 -10.13 -57.99 -39.90
N LEU C 65 -8.91 -57.86 -40.42
CA LEU C 65 -8.73 -57.37 -41.78
C LEU C 65 -8.57 -58.47 -42.81
N LYS C 66 -8.36 -59.71 -42.38
CA LYS C 66 -8.26 -60.84 -43.31
C LYS C 66 -9.62 -61.52 -43.49
N TYR C 67 -10.63 -60.70 -43.77
CA TYR C 67 -12.00 -61.17 -43.97
C TYR C 67 -12.45 -60.89 -45.40
N GLU C 68 -13.68 -61.27 -45.71
CA GLU C 68 -14.21 -61.11 -47.05
C GLU C 68 -14.62 -59.68 -47.33
N ASP C 69 -15.49 -59.11 -46.49
CA ASP C 69 -16.01 -57.75 -46.66
C ASP C 69 -15.88 -56.98 -45.35
N CYS C 70 -14.69 -57.02 -44.75
CA CYS C 70 -14.40 -56.13 -43.63
C CYS C 70 -14.28 -54.70 -44.13
N LYS C 71 -14.92 -53.77 -43.42
CA LYS C 71 -14.97 -52.37 -43.84
C LYS C 71 -13.80 -51.64 -43.22
N VAL C 72 -12.70 -51.50 -43.99
CA VAL C 72 -11.61 -50.65 -43.54
C VAL C 72 -11.89 -49.18 -43.87
N HIS C 73 -12.84 -48.91 -44.76
CA HIS C 73 -13.18 -47.54 -45.14
C HIS C 73 -14.44 -47.04 -44.44
N GLN C 74 -14.81 -47.64 -43.31
CA GLN C 74 -15.97 -47.16 -42.58
C GLN C 74 -15.56 -46.01 -41.68
N ARG C 75 -16.51 -45.15 -41.35
CA ARG C 75 -16.23 -43.92 -40.63
C ARG C 75 -16.76 -43.96 -39.20
N GLY C 76 -16.22 -43.08 -38.38
CA GLY C 76 -16.75 -42.81 -37.06
C GLY C 76 -17.72 -41.66 -37.11
N ALA C 77 -17.84 -40.97 -35.98
CA ALA C 77 -18.72 -39.82 -35.92
C ALA C 77 -18.09 -38.57 -36.50
N MET C 78 -16.78 -38.40 -36.32
CA MET C 78 -16.05 -37.32 -36.95
C MET C 78 -15.60 -37.67 -38.36
N GLY C 79 -15.98 -38.84 -38.87
CA GLY C 79 -15.46 -39.28 -40.14
C GLY C 79 -14.07 -39.84 -40.09
N GLU C 80 -13.65 -40.38 -38.93
CA GLU C 80 -12.36 -41.04 -38.86
C GLU C 80 -12.38 -42.37 -39.59
N THR C 81 -11.32 -42.62 -40.34
CA THR C 81 -11.01 -43.99 -40.72
C THR C 81 -10.27 -44.66 -39.57
N ALA C 82 -9.93 -45.93 -39.73
CA ALA C 82 -9.19 -46.62 -38.68
C ALA C 82 -7.74 -46.16 -38.59
N LEU C 83 -7.21 -45.57 -39.65
CA LEU C 83 -5.87 -44.99 -39.59
C LEU C 83 -5.86 -43.68 -38.82
N HIS C 84 -6.97 -42.93 -38.85
CA HIS C 84 -7.08 -41.74 -38.03
C HIS C 84 -7.07 -42.09 -36.55
N ILE C 85 -7.77 -43.17 -36.17
CA ILE C 85 -7.83 -43.58 -34.77
C ILE C 85 -6.47 -44.09 -34.30
N ALA C 86 -5.74 -44.78 -35.18
CA ALA C 86 -4.42 -45.28 -34.81
C ALA C 86 -3.40 -44.15 -34.73
N ALA C 87 -3.56 -43.10 -35.54
CA ALA C 87 -2.66 -41.97 -35.49
C ALA C 87 -3.02 -41.00 -34.38
N LEU C 88 -4.26 -41.02 -33.91
CA LEU C 88 -4.69 -40.09 -32.87
C LEU C 88 -4.29 -40.59 -31.50
N TYR C 89 -4.32 -41.90 -31.29
CA TYR C 89 -3.87 -42.52 -30.05
C TYR C 89 -2.47 -43.09 -30.18
N ASP C 90 -1.66 -42.47 -31.06
CA ASP C 90 -0.26 -42.70 -31.42
C ASP C 90 0.20 -44.16 -31.35
N ASN C 91 -0.61 -45.05 -31.93
CA ASN C 91 -0.29 -46.47 -31.98
C ASN C 91 0.51 -46.72 -33.26
N LEU C 92 1.82 -46.84 -33.10
CA LEU C 92 2.69 -47.02 -34.25
C LEU C 92 2.51 -48.39 -34.88
N GLU C 93 2.41 -49.43 -34.05
CA GLU C 93 2.35 -50.79 -34.57
C GLU C 93 0.99 -51.09 -35.19
N ALA C 94 -0.07 -50.52 -34.65
CA ALA C 94 -1.40 -50.76 -35.21
C ALA C 94 -1.61 -49.98 -36.50
N ALA C 95 -0.95 -48.83 -36.65
CA ALA C 95 -1.11 -48.03 -37.85
C ALA C 95 -0.34 -48.58 -39.04
N MET C 96 0.71 -49.38 -38.79
CA MET C 96 1.40 -50.05 -39.88
C MET C 96 0.51 -51.09 -40.53
N VAL C 97 -0.32 -51.76 -39.73
CA VAL C 97 -1.18 -52.83 -40.22
C VAL C 97 -2.29 -52.28 -41.11
N LEU C 98 -2.79 -51.08 -40.79
CA LEU C 98 -3.82 -50.48 -41.62
C LEU C 98 -3.28 -49.97 -42.94
N MET C 99 -1.98 -49.71 -43.04
CA MET C 99 -1.42 -49.24 -44.30
C MET C 99 -0.94 -50.38 -45.18
N GLU C 100 -0.59 -51.51 -44.57
CA GLU C 100 -0.20 -52.69 -45.35
C GLU C 100 -1.41 -53.29 -46.06
N ALA C 101 -2.50 -53.53 -45.31
CA ALA C 101 -3.70 -54.12 -45.88
C ALA C 101 -4.65 -53.08 -46.47
N ALA C 102 -4.33 -51.80 -46.36
CA ALA C 102 -5.07 -50.75 -47.06
C ALA C 102 -4.13 -49.59 -47.34
N PRO C 103 -3.39 -49.63 -48.45
CA PRO C 103 -2.56 -48.48 -48.82
C PRO C 103 -3.35 -47.28 -49.32
N GLU C 104 -4.61 -47.48 -49.68
CA GLU C 104 -5.48 -46.38 -50.11
C GLU C 104 -6.01 -45.59 -48.92
N LEU C 105 -5.84 -46.10 -47.70
CA LEU C 105 -6.45 -45.49 -46.53
C LEU C 105 -5.69 -44.23 -46.10
N VAL C 106 -4.47 -44.07 -46.59
CA VAL C 106 -3.58 -42.97 -46.24
C VAL C 106 -4.11 -41.66 -46.81
N PHE C 107 -4.66 -41.72 -48.03
CA PHE C 107 -5.08 -40.55 -48.78
C PHE C 107 -6.44 -40.01 -48.35
N GLU C 108 -7.06 -40.62 -47.34
CA GLU C 108 -8.46 -40.35 -47.06
C GLU C 108 -8.57 -39.37 -45.90
N PRO C 109 -9.24 -38.23 -46.07
CA PRO C 109 -9.38 -37.26 -44.99
C PRO C 109 -10.62 -37.51 -44.14
N MET C 110 -10.70 -36.75 -43.05
CA MET C 110 -11.95 -36.67 -42.31
C MET C 110 -12.94 -35.83 -43.07
N THR C 111 -14.23 -36.11 -42.90
CA THR C 111 -15.28 -35.43 -43.64
C THR C 111 -16.32 -34.74 -42.78
N SER C 112 -16.20 -34.78 -41.46
CA SER C 112 -17.16 -34.06 -40.64
C SER C 112 -16.90 -32.57 -40.70
N GLU C 113 -17.95 -31.80 -40.42
CA GLU C 113 -17.89 -30.34 -40.54
C GLU C 113 -16.94 -29.73 -39.51
N LEU C 114 -16.76 -30.40 -38.37
CA LEU C 114 -15.87 -29.90 -37.34
C LEU C 114 -14.42 -30.08 -37.74
N TYR C 115 -14.07 -31.25 -38.28
CA TYR C 115 -12.72 -31.55 -38.73
C TYR C 115 -12.79 -31.92 -40.21
N GLU C 116 -12.76 -30.92 -41.08
CA GLU C 116 -12.75 -31.16 -42.51
C GLU C 116 -11.33 -31.32 -43.00
N GLY C 117 -11.12 -32.28 -43.89
CA GLY C 117 -9.88 -32.41 -44.62
C GLY C 117 -8.66 -32.82 -43.82
N GLN C 118 -8.81 -33.09 -42.53
CA GLN C 118 -7.67 -33.46 -41.68
C GLN C 118 -7.25 -34.88 -42.02
N THR C 119 -6.17 -35.01 -42.78
CA THR C 119 -5.68 -36.32 -43.16
C THR C 119 -4.95 -36.97 -41.99
N ALA C 120 -4.54 -38.22 -42.18
CA ALA C 120 -3.78 -38.92 -41.15
C ALA C 120 -2.39 -38.37 -40.98
N LEU C 121 -1.87 -37.64 -41.97
CA LEU C 121 -0.58 -37.00 -41.84
C LEU C 121 -0.66 -35.79 -40.91
N HIS C 122 -1.81 -35.14 -40.83
CA HIS C 122 -1.98 -34.03 -39.91
C HIS C 122 -1.93 -34.50 -38.46
N ILE C 123 -2.50 -35.67 -38.18
CA ILE C 123 -2.66 -36.10 -36.79
C ILE C 123 -1.33 -36.62 -36.26
N ALA C 124 -0.56 -37.32 -37.08
CA ALA C 124 0.74 -37.84 -36.67
C ALA C 124 1.79 -36.76 -36.53
N VAL C 125 1.53 -35.56 -37.03
CA VAL C 125 2.43 -34.42 -36.93
C VAL C 125 2.19 -33.61 -35.66
N VAL C 126 0.92 -33.42 -35.28
CA VAL C 126 0.55 -32.61 -34.11
C VAL C 126 1.07 -33.19 -32.81
N ASN C 127 1.24 -34.52 -32.72
CA ASN C 127 1.68 -35.18 -31.51
C ASN C 127 3.16 -34.96 -31.18
N GLN C 128 3.84 -34.06 -31.92
CA GLN C 128 5.17 -33.48 -31.69
C GLN C 128 6.27 -34.50 -31.95
N ASN C 129 5.86 -35.72 -32.30
CA ASN C 129 6.68 -36.88 -32.53
C ASN C 129 5.80 -37.85 -33.29
N MET C 130 6.40 -38.68 -34.14
CA MET C 130 6.06 -40.03 -34.55
C MET C 130 7.18 -40.54 -35.45
N ASN C 131 7.27 -41.87 -35.50
CA ASN C 131 7.95 -42.58 -36.57
C ASN C 131 6.97 -42.97 -37.66
N LEU C 132 5.73 -42.51 -37.56
CA LEU C 132 4.68 -42.71 -38.54
C LEU C 132 4.75 -41.70 -39.68
N VAL C 133 5.28 -40.51 -39.41
CA VAL C 133 5.43 -39.51 -40.45
C VAL C 133 6.51 -39.90 -41.45
N ARG C 134 7.46 -40.75 -41.06
CA ARG C 134 8.30 -41.40 -42.06
C ARG C 134 7.47 -42.39 -42.87
N ALA C 135 6.58 -43.12 -42.20
CA ALA C 135 5.83 -44.18 -42.86
C ALA C 135 4.69 -43.63 -43.71
N LEU C 136 4.04 -42.55 -43.28
CA LEU C 136 2.97 -41.96 -44.07
C LEU C 136 3.52 -41.31 -45.33
N LEU C 137 4.65 -40.61 -45.23
CA LEU C 137 5.26 -40.01 -46.39
C LEU C 137 5.92 -41.04 -47.31
N ALA C 138 6.28 -42.21 -46.78
CA ALA C 138 6.70 -43.31 -47.63
C ALA C 138 5.55 -43.86 -48.47
N ARG C 139 4.32 -43.73 -47.99
CA ARG C 139 3.13 -44.06 -48.77
C ARG C 139 2.60 -42.87 -49.56
N ARG C 140 3.48 -41.91 -49.89
CA ARG C 140 3.22 -40.65 -50.62
C ARG C 140 1.95 -39.91 -50.13
N ALA C 141 1.88 -39.69 -48.82
CA ALA C 141 0.80 -38.89 -48.26
C ALA C 141 0.93 -37.43 -48.70
N SER C 142 -0.21 -36.78 -48.85
CA SER C 142 -0.26 -35.43 -49.40
C SER C 142 0.23 -34.43 -48.36
N VAL C 143 1.29 -33.69 -48.70
CA VAL C 143 1.76 -32.62 -47.83
C VAL C 143 1.04 -31.30 -48.09
N SER C 144 0.10 -31.27 -49.02
CA SER C 144 -0.67 -30.08 -49.31
C SER C 144 -2.15 -30.29 -48.98
N ALA C 145 -2.41 -31.03 -47.91
CA ALA C 145 -3.77 -31.26 -47.43
C ALA C 145 -4.19 -30.11 -46.53
N ARG C 146 -5.38 -29.59 -46.76
CA ARG C 146 -5.88 -28.40 -46.06
C ARG C 146 -6.90 -28.83 -45.01
N ALA C 147 -6.53 -28.71 -43.74
CA ALA C 147 -7.45 -28.99 -42.64
C ALA C 147 -8.38 -27.79 -42.48
N THR C 148 -9.40 -27.75 -43.33
CA THR C 148 -10.28 -26.60 -43.44
C THR C 148 -11.49 -26.67 -42.52
N GLY C 149 -11.45 -27.50 -41.49
CA GLY C 149 -12.59 -27.65 -40.62
C GLY C 149 -12.71 -26.53 -39.60
N THR C 150 -13.89 -26.43 -39.01
CA THR C 150 -14.22 -25.34 -38.10
C THR C 150 -13.55 -25.48 -36.74
N ALA C 151 -12.88 -26.61 -36.45
CA ALA C 151 -12.09 -26.74 -35.24
C ALA C 151 -10.67 -26.27 -35.42
N PHE C 152 -10.31 -25.77 -36.61
CA PHE C 152 -8.97 -25.28 -36.87
C PHE C 152 -8.92 -23.80 -37.21
N ARG C 153 -10.06 -23.15 -37.40
CA ARG C 153 -10.08 -21.70 -37.55
C ARG C 153 -9.68 -21.05 -36.24
N ARG C 154 -9.17 -19.83 -36.32
CA ARG C 154 -8.88 -19.08 -35.11
C ARG C 154 -10.18 -18.49 -34.59
N SER C 155 -10.40 -18.66 -33.29
CA SER C 155 -11.61 -18.22 -32.62
C SER C 155 -11.32 -18.19 -31.13
N PRO C 156 -12.14 -17.49 -30.34
CA PRO C 156 -12.06 -17.69 -28.89
C PRO C 156 -12.93 -18.85 -28.42
N CYS C 157 -12.96 -19.92 -29.20
CA CYS C 157 -13.56 -21.17 -28.79
C CYS C 157 -12.76 -22.38 -29.27
N ASN C 158 -11.65 -22.15 -29.94
CA ASN C 158 -10.68 -23.19 -30.28
C ASN C 158 -9.40 -22.88 -29.54
N LEU C 159 -8.88 -23.86 -28.82
CA LEU C 159 -7.68 -23.61 -28.03
C LEU C 159 -6.44 -23.53 -28.90
N ILE C 160 -6.49 -24.06 -30.12
CA ILE C 160 -5.35 -24.02 -31.03
C ILE C 160 -5.73 -23.22 -32.26
N TYR C 161 -4.74 -22.57 -32.86
CA TYR C 161 -4.79 -22.15 -34.25
C TYR C 161 -3.46 -22.56 -34.85
N PHE C 162 -3.44 -23.74 -35.45
CA PHE C 162 -2.20 -24.24 -36.02
C PHE C 162 -2.08 -23.98 -37.51
N GLY C 163 -3.18 -23.69 -38.20
CA GLY C 163 -3.14 -23.45 -39.62
C GLY C 163 -4.02 -24.43 -40.38
N GLU C 164 -3.54 -24.84 -41.55
CA GLU C 164 -4.26 -25.83 -42.36
C GLU C 164 -3.34 -26.92 -42.89
N HIS C 165 -2.07 -26.65 -42.98
CA HIS C 165 -1.12 -27.49 -43.69
C HIS C 165 -0.26 -28.30 -42.74
N PRO C 166 0.33 -29.42 -43.19
CA PRO C 166 1.15 -30.23 -42.27
C PRO C 166 2.38 -29.53 -41.72
N LEU C 167 3.06 -28.70 -42.51
CA LEU C 167 4.19 -27.96 -41.96
C LEU C 167 3.74 -26.76 -41.15
N SER C 168 2.50 -26.31 -41.31
CA SER C 168 1.94 -25.37 -40.35
C SER C 168 1.64 -26.06 -39.04
N PHE C 169 1.28 -27.34 -39.08
CA PHE C 169 1.07 -28.08 -37.84
C PHE C 169 2.39 -28.44 -37.18
N ALA C 170 3.42 -28.69 -37.98
CA ALA C 170 4.71 -29.12 -37.46
C ALA C 170 5.52 -27.98 -36.89
N ALA C 171 5.37 -26.78 -37.44
CA ALA C 171 6.12 -25.64 -36.94
C ALA C 171 5.53 -25.04 -35.69
N CYS C 172 4.27 -25.34 -35.38
CA CYS C 172 3.62 -24.80 -34.20
C CYS C 172 3.73 -25.72 -33.00
N VAL C 173 4.23 -26.95 -33.18
CA VAL C 173 4.50 -27.84 -32.06
C VAL C 173 5.99 -27.90 -31.73
N ASN C 174 6.81 -27.08 -32.40
CA ASN C 174 8.26 -26.99 -32.25
C ASN C 174 8.92 -28.36 -32.48
N SER C 175 8.75 -28.85 -33.70
CA SER C 175 9.36 -30.11 -34.10
C SER C 175 10.29 -29.83 -35.27
N GLU C 176 11.55 -29.53 -34.97
CA GLU C 176 12.49 -29.18 -36.04
C GLU C 176 12.90 -30.39 -36.86
N GLU C 177 12.72 -31.60 -36.34
CA GLU C 177 12.99 -32.78 -37.15
C GLU C 177 11.88 -33.05 -38.14
N ILE C 178 10.64 -32.71 -37.78
CA ILE C 178 9.52 -33.01 -38.65
C ILE C 178 9.33 -31.92 -39.70
N VAL C 179 9.65 -30.66 -39.37
CA VAL C 179 9.56 -29.57 -40.34
C VAL C 179 10.55 -29.77 -41.48
N ARG C 180 11.77 -30.16 -41.14
CA ARG C 180 12.78 -30.45 -42.16
C ARG C 180 12.40 -31.67 -42.99
N LEU C 181 11.74 -32.65 -42.38
CA LEU C 181 11.34 -33.85 -43.10
C LEU C 181 10.09 -33.64 -43.93
N LEU C 182 9.27 -32.64 -43.61
CA LEU C 182 8.15 -32.29 -44.48
C LEU C 182 8.60 -31.52 -45.71
N ILE C 183 9.58 -30.62 -45.54
CA ILE C 183 10.03 -29.78 -46.64
C ILE C 183 10.81 -30.59 -47.66
N GLU C 184 11.56 -31.60 -47.20
CA GLU C 184 12.29 -32.48 -48.10
C GLU C 184 11.36 -33.35 -48.95
N HIS C 185 10.11 -33.54 -48.54
CA HIS C 185 9.13 -34.26 -49.32
C HIS C 185 8.23 -33.33 -50.14
N GLY C 186 8.57 -32.05 -50.21
CA GLY C 186 7.89 -31.13 -51.09
C GLY C 186 6.81 -30.28 -50.46
N ALA C 187 6.92 -29.96 -49.18
CA ALA C 187 5.95 -29.08 -48.54
C ALA C 187 6.17 -27.66 -49.02
N ASP C 188 5.10 -27.01 -49.47
CA ASP C 188 5.21 -25.66 -49.99
C ASP C 188 5.47 -24.68 -48.85
N ILE C 189 6.49 -23.86 -48.99
CA ILE C 189 6.88 -22.96 -47.92
C ILE C 189 5.96 -21.74 -47.90
N ARG C 190 5.18 -21.53 -48.96
CA ARG C 190 4.38 -20.33 -49.13
C ARG C 190 2.89 -20.59 -49.03
N ALA C 191 2.50 -21.73 -48.46
CA ALA C 191 1.09 -22.08 -48.39
C ALA C 191 0.38 -21.18 -47.38
N GLN C 192 -0.82 -20.74 -47.75
CA GLN C 192 -1.58 -19.79 -46.95
C GLN C 192 -2.89 -20.44 -46.52
N ASP C 193 -3.52 -19.83 -45.52
CA ASP C 193 -4.73 -20.37 -44.92
C ASP C 193 -5.97 -19.79 -45.62
N SER C 194 -7.12 -19.94 -44.95
CA SER C 194 -8.29 -19.15 -45.33
C SER C 194 -8.16 -17.71 -44.86
N LEU C 195 -7.40 -17.48 -43.80
CA LEU C 195 -7.13 -16.14 -43.32
C LEU C 195 -6.03 -15.45 -44.09
N GLY C 196 -5.36 -16.15 -45.01
CA GLY C 196 -4.24 -15.60 -45.73
C GLY C 196 -2.91 -15.77 -45.05
N ASN C 197 -2.90 -16.28 -43.82
CA ASN C 197 -1.67 -16.42 -43.05
C ASN C 197 -0.79 -17.51 -43.66
N THR C 198 0.47 -17.17 -43.94
CA THR C 198 1.45 -18.18 -44.35
C THR C 198 1.98 -18.87 -43.09
N VAL C 199 3.00 -19.70 -43.24
CA VAL C 199 3.59 -20.41 -42.11
C VAL C 199 4.20 -19.42 -41.12
N LEU C 200 4.73 -18.31 -41.62
CA LEU C 200 5.46 -17.38 -40.78
C LEU C 200 4.55 -16.44 -40.01
N HIS C 201 3.29 -16.30 -40.44
CA HIS C 201 2.32 -15.55 -39.66
C HIS C 201 1.84 -16.34 -38.46
N ILE C 202 1.70 -17.65 -38.63
CA ILE C 202 1.08 -18.47 -37.60
C ILE C 202 2.00 -18.62 -36.41
N LEU C 203 3.32 -18.63 -36.63
CA LEU C 203 4.29 -18.71 -35.55
C LEU C 203 4.23 -17.51 -34.61
N ILE C 204 3.76 -16.38 -35.11
CA ILE C 204 3.74 -15.17 -34.30
C ILE C 204 2.63 -15.21 -33.27
N LEU C 205 1.46 -15.70 -33.65
CA LEU C 205 0.32 -15.73 -32.75
C LEU C 205 0.14 -17.07 -32.05
N GLN C 206 1.29 -17.76 -31.72
CA GLN C 206 1.39 -18.94 -30.88
C GLN C 206 1.63 -18.53 -29.43
N PRO C 207 1.20 -19.34 -28.45
CA PRO C 207 1.35 -18.94 -27.05
C PRO C 207 2.76 -19.07 -26.50
N ASN C 208 3.65 -19.80 -27.16
CA ASN C 208 5.01 -20.02 -26.66
C ASN C 208 5.94 -19.21 -27.54
N LYS C 209 6.28 -18.01 -27.07
CA LYS C 209 6.94 -17.00 -27.88
C LYS C 209 8.42 -17.26 -28.06
N THR C 210 9.04 -18.00 -27.14
CA THR C 210 10.47 -18.26 -27.22
C THR C 210 10.80 -19.32 -28.26
N PHE C 211 10.02 -20.40 -28.30
CA PHE C 211 10.23 -21.46 -29.26
C PHE C 211 9.83 -21.09 -30.67
N ALA C 212 9.04 -20.03 -30.85
CA ALA C 212 8.72 -19.56 -32.18
C ALA C 212 9.85 -18.73 -32.79
N CYS C 213 10.78 -18.23 -31.97
CA CYS C 213 11.93 -17.52 -32.53
C CYS C 213 12.93 -18.47 -33.13
N GLN C 214 13.06 -19.68 -32.57
CA GLN C 214 13.91 -20.70 -33.19
C GLN C 214 13.29 -21.20 -34.49
N MET C 215 11.96 -21.25 -34.55
CA MET C 215 11.29 -21.73 -35.75
C MET C 215 11.19 -20.67 -36.82
N TYR C 216 11.14 -19.40 -36.45
CA TYR C 216 11.08 -18.33 -37.45
C TYR C 216 12.35 -18.29 -38.27
N ASN C 217 13.48 -18.62 -37.66
CA ASN C 217 14.75 -18.64 -38.37
C ASN C 217 14.88 -19.89 -39.24
N LEU C 218 14.27 -20.99 -38.83
CA LEU C 218 14.38 -22.24 -39.58
C LEU C 218 13.56 -22.20 -40.85
N LEU C 219 12.37 -21.59 -40.79
CA LEU C 219 11.50 -21.54 -41.96
C LEU C 219 12.01 -20.53 -42.98
N LEU C 220 12.78 -19.53 -42.55
CA LEU C 220 13.38 -18.62 -43.52
C LEU C 220 14.62 -19.21 -44.17
N SER C 221 15.28 -20.16 -43.50
CA SER C 221 16.48 -20.76 -44.06
C SER C 221 16.14 -21.62 -45.27
N TYR C 222 14.93 -22.19 -45.30
CA TYR C 222 14.47 -22.99 -46.42
C TYR C 222 13.77 -22.17 -47.48
N ASP C 223 13.88 -20.85 -47.43
CA ASP C 223 13.28 -20.06 -48.49
C ASP C 223 14.12 -20.13 -49.76
N ARG C 224 15.32 -19.52 -49.71
CA ARG C 224 16.33 -19.41 -50.79
C ARG C 224 15.74 -19.23 -52.19
N HIS C 225 14.70 -18.41 -52.28
CA HIS C 225 13.78 -18.50 -53.40
C HIS C 225 14.19 -17.51 -54.48
N GLY C 226 14.67 -18.02 -55.61
CA GLY C 226 15.22 -17.21 -56.68
C GLY C 226 14.21 -16.28 -57.29
N ASP C 227 12.97 -16.76 -57.40
CA ASP C 227 11.86 -15.87 -57.65
C ASP C 227 11.52 -15.19 -56.32
N HIS C 228 12.17 -14.07 -56.01
CA HIS C 228 12.10 -13.55 -54.65
C HIS C 228 10.75 -12.89 -54.37
N LEU C 229 10.49 -11.73 -55.00
CA LEU C 229 9.16 -11.10 -55.16
C LEU C 229 8.33 -11.05 -53.89
N GLN C 230 8.68 -10.17 -52.93
CA GLN C 230 8.29 -10.12 -51.52
C GLN C 230 8.62 -11.49 -50.89
N PRO C 231 9.92 -11.67 -50.49
CA PRO C 231 10.53 -13.01 -50.42
C PRO C 231 9.85 -14.07 -49.56
N LEU C 232 9.79 -13.90 -48.25
CA LEU C 232 8.95 -14.82 -47.48
C LEU C 232 8.29 -14.12 -46.31
N ASP C 233 8.92 -13.06 -45.82
CA ASP C 233 8.40 -12.31 -44.68
C ASP C 233 7.91 -10.94 -45.08
N LEU C 234 7.73 -10.71 -46.38
CA LEU C 234 7.12 -9.49 -46.89
C LEU C 234 5.78 -9.76 -47.54
N VAL C 235 5.32 -11.01 -47.55
CA VAL C 235 4.04 -11.38 -48.16
C VAL C 235 2.95 -11.21 -47.09
N PRO C 236 1.86 -10.52 -47.41
CA PRO C 236 0.83 -10.25 -46.39
C PRO C 236 -0.28 -11.29 -46.39
N ASN C 237 -1.06 -11.28 -45.31
CA ASN C 237 -2.26 -12.08 -45.20
C ASN C 237 -3.44 -11.32 -45.82
N HIS C 238 -4.65 -11.80 -45.58
CA HIS C 238 -5.83 -11.22 -46.21
C HIS C 238 -6.35 -9.97 -45.51
N GLN C 239 -5.56 -9.35 -44.64
CA GLN C 239 -5.85 -7.99 -44.17
C GLN C 239 -4.63 -7.09 -44.27
N GLY C 240 -3.66 -7.44 -45.09
CA GLY C 240 -2.58 -6.54 -45.44
C GLY C 240 -1.49 -6.42 -44.43
N LEU C 241 -1.29 -7.42 -43.59
CA LEU C 241 -0.28 -7.40 -42.55
C LEU C 241 0.81 -8.39 -42.90
N THR C 242 2.07 -7.93 -42.87
CA THR C 242 3.24 -8.78 -43.00
C THR C 242 3.49 -9.50 -41.68
N PRO C 243 4.45 -10.43 -41.60
CA PRO C 243 4.82 -10.95 -40.27
C PRO C 243 5.35 -9.90 -39.32
N PHE C 244 6.02 -8.86 -39.81
CA PHE C 244 6.53 -7.83 -38.92
C PHE C 244 5.39 -6.98 -38.35
N LYS C 245 4.40 -6.65 -39.16
CA LYS C 245 3.28 -5.86 -38.66
C LYS C 245 2.33 -6.68 -37.81
N LEU C 246 2.29 -8.00 -38.02
CA LEU C 246 1.40 -8.85 -37.23
C LEU C 246 1.92 -9.01 -35.81
N ALA C 247 3.24 -8.98 -35.62
CA ALA C 247 3.79 -8.99 -34.28
C ALA C 247 3.55 -7.66 -33.57
N GLY C 248 3.29 -6.60 -34.31
CA GLY C 248 2.91 -5.33 -33.71
C GLY C 248 1.48 -5.36 -33.22
N VAL C 249 0.58 -5.93 -34.01
CA VAL C 249 -0.83 -5.93 -33.66
C VAL C 249 -1.11 -6.93 -32.54
N GLU C 250 -0.53 -8.12 -32.63
CA GLU C 250 -0.83 -9.18 -31.67
C GLU C 250 -0.14 -9.00 -30.33
N GLY C 251 0.70 -7.98 -30.18
CA GLY C 251 1.34 -7.74 -28.91
C GLY C 251 2.56 -8.59 -28.66
N ASN C 252 3.07 -9.25 -29.68
CA ASN C 252 4.22 -10.14 -29.51
C ASN C 252 5.48 -9.30 -29.35
N THR C 253 5.91 -9.11 -28.12
CA THR C 253 7.11 -8.35 -27.84
C THR C 253 8.36 -9.15 -28.18
N VAL C 254 8.33 -10.47 -27.98
CA VAL C 254 9.50 -11.30 -28.19
C VAL C 254 9.79 -11.48 -29.67
N MET C 255 8.76 -11.71 -30.47
CA MET C 255 8.90 -11.78 -31.91
C MET C 255 8.94 -10.40 -32.58
N PHE C 256 8.93 -9.31 -31.81
CA PHE C 256 9.15 -8.01 -32.41
C PHE C 256 10.62 -7.62 -32.36
N GLN C 257 11.28 -7.92 -31.24
CA GLN C 257 12.71 -7.66 -31.13
C GLN C 257 13.51 -8.57 -32.03
N HIS C 258 13.04 -9.79 -32.23
CA HIS C 258 13.73 -10.71 -33.13
C HIS C 258 13.50 -10.35 -34.58
N LEU C 259 12.31 -9.86 -34.91
CA LEU C 259 12.03 -9.40 -36.26
C LEU C 259 12.75 -8.11 -36.58
N MET C 260 13.14 -7.35 -35.57
CA MET C 260 13.81 -6.08 -35.79
C MET C 260 15.30 -6.27 -36.08
N GLN C 261 15.83 -7.47 -35.84
CA GLN C 261 17.25 -7.73 -35.99
C GLN C 261 17.71 -7.70 -37.44
N LYS C 262 16.81 -7.93 -38.38
CA LYS C 262 17.16 -7.86 -39.79
C LYS C 262 16.92 -6.47 -40.38
N ARG C 263 16.61 -5.49 -39.54
CA ARG C 263 16.38 -4.12 -39.99
C ARG C 263 17.44 -3.15 -39.46
N LYS C 264 17.91 -3.34 -38.24
CA LYS C 264 19.04 -2.58 -37.76
C LYS C 264 20.32 -3.11 -38.39
N HIS C 265 21.35 -2.26 -38.44
CA HIS C 265 22.71 -2.70 -38.69
C HIS C 265 23.66 -1.67 -38.11
N THR C 266 24.67 -2.15 -37.40
CA THR C 266 25.60 -1.28 -36.71
C THR C 266 26.53 -0.60 -37.71
N GLN C 267 26.49 0.72 -37.75
CA GLN C 267 27.46 1.47 -38.53
C GLN C 267 28.86 1.32 -37.96
N TRP C 268 29.00 1.59 -36.67
CA TRP C 268 30.29 1.47 -36.00
C TRP C 268 30.07 1.20 -34.53
N THR C 269 31.04 0.50 -33.94
CA THR C 269 31.14 0.36 -32.51
C THR C 269 32.43 1.04 -32.06
N TYR C 270 32.37 1.76 -30.96
CA TYR C 270 33.49 2.60 -30.52
C TYR C 270 33.62 2.37 -29.01
N GLY C 271 34.37 1.35 -28.63
CA GLY C 271 34.47 0.95 -27.26
C GLY C 271 33.14 0.51 -26.71
N PRO C 272 32.61 1.23 -25.71
CA PRO C 272 31.28 0.93 -25.19
C PRO C 272 30.13 1.48 -26.01
N LEU C 273 30.41 2.07 -27.17
CA LEU C 273 29.48 2.97 -27.84
C LEU C 273 29.26 2.49 -29.26
N THR C 274 28.07 1.97 -29.54
CA THR C 274 27.70 1.49 -30.87
C THR C 274 26.73 2.46 -31.51
N SER C 275 26.55 2.33 -32.82
CA SER C 275 25.66 3.24 -33.56
C SER C 275 24.89 2.45 -34.61
N THR C 276 23.71 1.96 -34.22
CA THR C 276 22.87 1.21 -35.13
C THR C 276 22.07 2.17 -36.02
N LEU C 277 21.44 1.59 -37.04
CA LEU C 277 20.74 2.38 -38.06
C LEU C 277 19.49 1.60 -38.45
N TYR C 278 18.34 2.04 -37.94
CA TYR C 278 17.11 1.28 -38.09
C TYR C 278 16.43 1.57 -39.42
N ASP C 279 15.76 0.57 -39.96
CA ASP C 279 15.27 0.65 -41.33
C ASP C 279 14.06 1.55 -41.44
N LEU C 280 13.12 1.44 -40.51
CA LEU C 280 12.01 2.36 -40.29
C LEU C 280 11.08 2.46 -41.50
N THR C 281 11.06 1.45 -42.37
CA THR C 281 10.24 1.50 -43.57
C THR C 281 8.90 0.82 -43.40
N GLU C 282 8.68 0.11 -42.29
CA GLU C 282 7.38 -0.45 -41.98
C GLU C 282 6.86 0.05 -40.65
N ILE C 283 7.45 1.09 -40.09
CA ILE C 283 7.01 1.68 -38.84
C ILE C 283 6.44 3.07 -39.05
N ASP C 284 7.12 3.90 -39.84
CA ASP C 284 6.70 5.26 -40.11
C ASP C 284 5.72 5.27 -41.30
N SER C 285 4.87 6.30 -41.32
CA SER C 285 3.82 6.41 -42.32
C SER C 285 4.44 6.74 -43.68
N SER C 286 4.56 5.71 -44.52
CA SER C 286 5.16 5.90 -45.85
C SER C 286 4.20 6.63 -46.77
N GLY C 287 3.05 6.01 -47.06
CA GLY C 287 2.06 6.61 -47.92
C GLY C 287 0.65 6.40 -47.41
N ASP C 288 -0.22 5.91 -48.29
CA ASP C 288 -1.59 5.60 -47.90
C ASP C 288 -1.72 4.27 -47.17
N GLU C 289 -0.65 3.52 -47.06
CA GLU C 289 -0.68 2.26 -46.34
C GLU C 289 -0.68 2.51 -44.83
N GLN C 290 -1.33 1.61 -44.10
CA GLN C 290 -1.43 1.72 -42.65
C GLN C 290 -0.10 1.34 -42.03
N SER C 291 0.57 2.32 -41.42
CA SER C 291 1.85 2.07 -40.78
C SER C 291 1.65 1.39 -39.44
N LEU C 292 2.75 0.87 -38.89
CA LEU C 292 2.66 0.08 -37.66
C LEU C 292 2.31 0.92 -36.44
N LEU C 293 2.56 2.23 -36.48
CA LEU C 293 2.10 3.07 -35.38
C LEU C 293 0.59 3.26 -35.42
N GLU C 294 -0.01 3.14 -36.59
CA GLU C 294 -1.47 3.25 -36.68
C GLU C 294 -2.15 1.95 -36.30
N LEU C 295 -1.46 0.82 -36.45
CA LEU C 295 -2.06 -0.46 -36.10
C LEU C 295 -2.09 -0.69 -34.60
N ILE C 296 -1.10 -0.19 -33.87
CA ILE C 296 -1.07 -0.39 -32.43
C ILE C 296 -2.14 0.46 -31.76
N ILE C 297 -2.39 1.65 -32.28
CA ILE C 297 -3.41 2.51 -31.69
C ILE C 297 -4.80 1.99 -32.01
N THR C 298 -5.03 1.56 -33.25
CA THR C 298 -6.37 1.13 -33.64
C THR C 298 -6.57 -0.36 -33.47
N THR C 299 -5.93 -0.96 -32.46
CA THR C 299 -6.20 -2.34 -32.11
C THR C 299 -6.73 -2.38 -30.69
N LYS C 300 -7.34 -3.51 -30.33
CA LYS C 300 -8.06 -3.63 -29.07
C LYS C 300 -7.32 -4.50 -28.05
N LYS C 301 -5.99 -4.50 -28.12
CA LYS C 301 -5.18 -5.28 -27.19
C LYS C 301 -4.42 -4.36 -26.25
N ARG C 302 -4.30 -4.78 -24.99
CA ARG C 302 -3.53 -4.04 -24.01
C ARG C 302 -2.04 -4.31 -24.15
N GLU C 303 -1.68 -5.53 -24.53
CA GLU C 303 -0.28 -5.91 -24.68
C GLU C 303 0.33 -5.45 -25.98
N ALA C 304 -0.46 -4.91 -26.91
CA ALA C 304 0.10 -4.38 -28.14
C ALA C 304 0.81 -3.05 -27.92
N ARG C 305 0.44 -2.31 -26.89
CA ARG C 305 1.01 -0.99 -26.63
C ARG C 305 2.28 -1.04 -25.81
N GLN C 306 2.88 -2.21 -25.67
CA GLN C 306 4.22 -2.31 -25.12
C GLN C 306 5.28 -2.32 -26.19
N ILE C 307 4.88 -2.31 -27.47
CA ILE C 307 5.79 -2.12 -28.59
C ILE C 307 6.15 -0.67 -28.78
N LEU C 308 5.40 0.23 -28.14
CA LEU C 308 5.71 1.65 -28.05
C LEU C 308 6.90 1.96 -27.14
N ASP C 309 7.42 0.96 -26.43
CA ASP C 309 8.57 1.12 -25.56
C ASP C 309 9.81 0.47 -26.16
N GLN C 310 9.75 0.01 -27.41
CA GLN C 310 10.86 -0.67 -28.04
C GLN C 310 11.78 0.34 -28.72
N THR C 311 13.05 -0.04 -28.85
CA THR C 311 14.11 0.90 -29.25
C THR C 311 14.06 1.56 -30.62
N PRO C 312 13.38 1.07 -31.68
CA PRO C 312 13.16 1.94 -32.83
C PRO C 312 11.85 2.71 -32.82
N VAL C 313 10.96 2.45 -31.86
CA VAL C 313 9.63 3.02 -31.84
C VAL C 313 9.51 4.10 -30.77
N LYS C 314 10.06 3.87 -29.58
CA LYS C 314 10.01 4.92 -28.56
C LYS C 314 10.94 6.08 -28.86
N GLU C 315 11.87 5.90 -29.78
CA GLU C 315 12.76 6.97 -30.22
C GLU C 315 12.33 7.56 -31.55
N LEU C 316 11.27 7.02 -32.15
CA LEU C 316 10.61 7.60 -33.31
C LEU C 316 9.43 8.45 -32.89
N VAL C 317 8.71 8.03 -31.86
CA VAL C 317 7.56 8.78 -31.37
C VAL C 317 8.02 10.05 -30.66
N SER C 318 8.97 9.94 -29.75
CA SER C 318 9.48 11.09 -29.03
C SER C 318 10.52 11.87 -29.82
N LEU C 319 10.56 11.69 -31.13
CA LEU C 319 11.33 12.51 -32.03
C LEU C 319 10.45 13.31 -32.97
N LYS C 320 9.24 12.83 -33.28
CA LYS C 320 8.27 13.63 -34.01
C LYS C 320 7.16 14.14 -33.12
N TRP C 321 7.34 14.04 -31.80
CA TRP C 321 6.53 14.78 -30.85
C TRP C 321 7.25 15.98 -30.27
N LYS C 322 8.55 15.86 -29.98
CA LYS C 322 9.33 17.00 -29.54
C LYS C 322 9.50 18.01 -30.66
N ARG C 323 9.84 17.54 -31.86
CA ARG C 323 10.07 18.44 -32.97
C ARG C 323 8.79 19.06 -33.49
N TYR C 324 7.85 18.23 -33.93
CA TYR C 324 6.74 18.65 -34.77
C TYR C 324 5.38 18.41 -34.17
N GLY C 325 5.26 17.49 -33.22
CA GLY C 325 3.97 17.16 -32.66
C GLY C 325 3.53 18.12 -31.60
N ARG C 326 4.44 18.58 -30.74
CA ARG C 326 4.05 19.51 -29.69
C ARG C 326 3.83 20.94 -30.18
N PRO C 327 4.65 21.53 -31.08
CA PRO C 327 4.27 22.86 -31.58
C PRO C 327 2.98 22.90 -32.38
N TYR C 328 2.60 21.83 -33.06
CA TYR C 328 1.33 21.81 -33.77
C TYR C 328 0.18 21.36 -32.90
N PHE C 329 0.41 21.14 -31.61
CA PHE C 329 -0.66 20.78 -30.69
C PHE C 329 -0.90 21.84 -29.65
N CYS C 330 0.09 22.66 -29.36
CA CYS C 330 -0.09 23.85 -28.54
C CYS C 330 -0.48 25.07 -29.36
N MET C 331 -0.41 24.98 -30.67
CA MET C 331 -1.06 25.98 -31.51
C MET C 331 -2.54 25.69 -31.69
N LEU C 332 -2.92 24.42 -31.76
CA LEU C 332 -4.34 24.09 -31.81
C LEU C 332 -5.00 24.15 -30.45
N GLY C 333 -4.22 24.11 -29.37
CA GLY C 333 -4.77 24.30 -28.05
C GLY C 333 -4.84 25.73 -27.60
N ALA C 334 -4.15 26.63 -28.30
CA ALA C 334 -4.27 28.05 -28.07
C ALA C 334 -5.29 28.69 -28.98
N ILE C 335 -5.54 28.13 -30.16
CA ILE C 335 -6.64 28.63 -30.98
C ILE C 335 -7.96 28.22 -30.40
N TYR C 336 -8.08 26.98 -29.93
CA TYR C 336 -9.35 26.50 -29.38
C TYR C 336 -9.68 27.16 -28.06
N LEU C 337 -8.70 27.37 -27.18
CA LEU C 337 -8.95 28.07 -25.94
C LEU C 337 -9.27 29.54 -26.15
N LEU C 338 -8.84 30.11 -27.26
CA LEU C 338 -9.18 31.48 -27.61
C LEU C 338 -10.42 31.54 -28.50
N TYR C 339 -10.77 30.45 -29.18
CA TYR C 339 -12.06 30.35 -29.83
C TYR C 339 -13.20 30.33 -28.83
N ILE C 340 -12.98 29.78 -27.65
CA ILE C 340 -14.08 29.55 -26.73
C ILE C 340 -14.17 30.62 -25.66
N ILE C 341 -13.21 31.54 -25.60
CA ILE C 341 -13.43 32.77 -24.86
C ILE C 341 -14.34 33.70 -25.66
N CYS C 342 -14.28 33.66 -27.00
CA CYS C 342 -15.22 34.44 -27.78
C CYS C 342 -16.51 33.70 -28.06
N PHE C 343 -16.65 32.47 -27.58
CA PHE C 343 -17.97 31.86 -27.45
C PHE C 343 -18.60 32.11 -26.10
N THR C 344 -17.79 32.16 -25.04
CA THR C 344 -18.30 32.51 -23.72
C THR C 344 -18.84 33.93 -23.70
N MET C 345 -18.10 34.89 -24.25
CA MET C 345 -18.52 36.28 -24.21
C MET C 345 -19.69 36.59 -25.12
N CYS C 346 -20.01 35.73 -26.08
CA CYS C 346 -21.22 35.93 -26.87
C CYS C 346 -22.40 35.18 -26.27
N CYS C 347 -22.21 34.60 -25.09
CA CYS C 347 -23.30 34.08 -24.29
C CYS C 347 -23.51 34.85 -22.99
N ILE C 348 -22.45 35.45 -22.45
CA ILE C 348 -22.60 36.42 -21.36
C ILE C 348 -23.39 37.64 -21.81
N TYR C 349 -23.13 38.14 -23.01
CA TYR C 349 -23.71 39.39 -23.48
C TYR C 349 -24.90 39.18 -24.40
N ARG C 350 -25.67 38.10 -24.22
CA ARG C 350 -26.77 37.75 -25.11
C ARG C 350 -27.90 38.77 -25.00
N PRO C 351 -28.71 38.94 -26.04
CA PRO C 351 -29.77 39.96 -25.99
C PRO C 351 -30.89 39.53 -25.05
N LEU C 352 -31.33 40.45 -24.20
CA LEU C 352 -32.14 40.06 -23.04
C LEU C 352 -32.92 41.29 -22.57
N LYS C 353 -34.20 41.35 -22.91
CA LYS C 353 -35.05 42.49 -22.56
C LYS C 353 -35.58 42.28 -21.13
N PRO C 354 -36.37 43.21 -20.60
CA PRO C 354 -37.18 42.89 -19.43
C PRO C 354 -38.52 42.29 -19.80
N ARG C 355 -39.24 41.85 -18.77
CA ARG C 355 -40.42 41.03 -18.92
C ARG C 355 -41.65 41.91 -19.18
N THR C 356 -42.61 41.36 -19.94
CA THR C 356 -43.82 42.09 -20.30
C THR C 356 -45.12 41.44 -19.83
N ASN C 357 -45.13 40.15 -19.50
CA ASN C 357 -46.38 39.43 -19.30
C ASN C 357 -46.87 39.43 -17.86
N ASN C 358 -46.48 40.43 -17.06
CA ASN C 358 -47.11 40.80 -15.79
C ASN C 358 -47.02 39.79 -14.66
N ARG C 359 -46.32 38.67 -14.89
CA ARG C 359 -46.23 37.48 -14.01
C ARG C 359 -47.58 37.09 -13.40
N THR C 360 -48.52 36.74 -14.28
CA THR C 360 -49.82 36.20 -13.90
C THR C 360 -49.76 34.67 -13.87
N SER C 361 -48.58 34.16 -13.56
CA SER C 361 -48.16 32.78 -13.36
C SER C 361 -48.59 32.36 -11.96
N PRO C 362 -48.26 31.13 -11.50
CA PRO C 362 -48.41 30.85 -10.05
C PRO C 362 -47.46 31.71 -9.23
N ARG C 363 -47.94 32.93 -8.95
CA ARG C 363 -47.33 34.01 -8.20
C ARG C 363 -46.58 33.55 -6.96
N ASP C 364 -45.39 34.16 -6.75
CA ASP C 364 -44.38 33.93 -5.71
C ASP C 364 -43.58 32.65 -5.95
N ASN C 365 -44.03 31.81 -6.88
CA ASN C 365 -43.23 30.69 -7.34
C ASN C 365 -42.72 31.00 -8.75
N THR C 366 -42.54 32.28 -9.05
CA THR C 366 -41.93 32.66 -10.33
C THR C 366 -41.07 33.89 -10.11
N LEU C 367 -39.88 33.88 -10.70
CA LEU C 367 -38.96 35.00 -10.61
C LEU C 367 -38.22 35.25 -11.91
N LEU C 368 -38.52 34.49 -12.97
CA LEU C 368 -37.95 34.79 -14.26
C LEU C 368 -38.52 36.12 -14.75
N GLN C 369 -37.63 37.03 -15.11
CA GLN C 369 -38.08 38.39 -15.36
C GLN C 369 -37.40 39.04 -16.56
N GLN C 370 -36.84 38.26 -17.48
CA GLN C 370 -36.22 38.86 -18.65
C GLN C 370 -36.85 38.48 -19.97
N LYS C 371 -36.96 37.18 -20.29
CA LYS C 371 -37.51 36.65 -21.54
C LYS C 371 -36.94 37.29 -22.82
N LEU C 372 -35.76 36.81 -23.21
CA LEU C 372 -34.85 37.38 -24.21
C LEU C 372 -35.50 37.84 -25.52
N LEU C 373 -34.82 38.80 -26.16
CA LEU C 373 -35.23 39.51 -27.38
C LEU C 373 -35.40 38.56 -28.57
N GLN C 374 -35.96 39.11 -29.66
CA GLN C 374 -36.17 38.27 -30.84
C GLN C 374 -35.53 38.78 -32.14
N GLU C 375 -35.74 40.04 -32.52
CA GLU C 375 -35.03 40.58 -33.69
C GLU C 375 -34.36 41.92 -33.39
N ALA C 376 -34.15 42.22 -32.12
CA ALA C 376 -33.56 43.48 -31.69
C ALA C 376 -32.03 43.37 -31.70
N TYR C 377 -31.41 43.84 -32.80
CA TYR C 377 -29.95 44.03 -32.83
C TYR C 377 -29.53 45.48 -33.02
N MET C 378 -30.42 46.46 -32.89
CA MET C 378 -30.13 47.85 -33.23
C MET C 378 -29.31 48.52 -32.12
N THR C 379 -28.05 48.11 -31.99
CA THR C 379 -27.14 48.61 -30.96
C THR C 379 -25.72 48.38 -31.46
N PRO C 380 -24.81 49.35 -31.31
CA PRO C 380 -23.40 49.10 -31.67
C PRO C 380 -22.68 48.11 -30.77
N LYS C 381 -23.27 47.72 -29.65
CA LYS C 381 -22.78 46.58 -28.88
C LYS C 381 -23.40 45.26 -29.32
N ASP C 382 -24.53 45.30 -30.03
CA ASP C 382 -25.09 44.10 -30.63
C ASP C 382 -24.44 43.76 -31.97
N ASP C 383 -23.66 44.67 -32.53
CA ASP C 383 -22.96 44.37 -33.78
C ASP C 383 -21.58 43.81 -33.50
N ILE C 384 -20.95 44.22 -32.39
CA ILE C 384 -19.69 43.63 -31.98
C ILE C 384 -19.90 42.20 -31.52
N ARG C 385 -21.03 41.93 -30.87
CA ARG C 385 -21.38 40.57 -30.53
C ARG C 385 -21.73 39.76 -31.78
N LEU C 386 -22.34 40.42 -32.77
CA LEU C 386 -22.72 39.75 -34.02
C LEU C 386 -21.52 39.21 -34.75
N VAL C 387 -20.40 39.94 -34.74
CA VAL C 387 -19.15 39.39 -35.26
C VAL C 387 -18.67 38.26 -34.37
N GLY C 388 -18.74 38.44 -33.05
CA GLY C 388 -18.24 37.45 -32.13
C GLY C 388 -19.10 36.21 -31.98
N GLU C 389 -20.37 36.27 -32.38
CA GLU C 389 -21.20 35.08 -32.39
C GLU C 389 -21.38 34.52 -33.79
N LEU C 390 -20.76 35.13 -34.79
CA LEU C 390 -20.69 34.54 -36.12
C LEU C 390 -19.35 33.84 -36.32
N VAL C 391 -18.35 34.18 -35.51
CA VAL C 391 -17.14 33.39 -35.45
C VAL C 391 -17.42 32.02 -34.85
N THR C 392 -18.21 31.98 -33.78
CA THR C 392 -18.53 30.69 -33.16
C THR C 392 -19.51 29.86 -33.96
N VAL C 393 -20.20 30.45 -34.94
CA VAL C 393 -20.97 29.64 -35.89
C VAL C 393 -20.05 29.02 -36.92
N ILE C 394 -19.15 29.82 -37.50
CA ILE C 394 -18.17 29.31 -38.44
C ILE C 394 -17.23 28.31 -37.77
N GLY C 395 -16.84 28.59 -36.53
CA GLY C 395 -15.98 27.69 -35.80
C GLY C 395 -16.63 26.38 -35.41
N ALA C 396 -17.95 26.30 -35.45
CA ALA C 396 -18.66 25.05 -35.19
C ALA C 396 -19.11 24.34 -36.45
N ILE C 397 -18.98 24.97 -37.61
CA ILE C 397 -19.16 24.27 -38.87
C ILE C 397 -17.88 23.56 -39.27
N ILE C 398 -16.73 24.20 -39.01
CA ILE C 398 -15.43 23.62 -39.33
C ILE C 398 -15.15 22.38 -38.47
N ILE C 399 -15.71 22.31 -37.26
CA ILE C 399 -15.62 21.09 -36.48
C ILE C 399 -16.43 19.97 -37.15
N LEU C 400 -17.63 20.29 -37.64
CA LEU C 400 -18.44 19.29 -38.31
C LEU C 400 -18.04 19.03 -39.75
N LEU C 401 -16.94 19.61 -40.24
CA LEU C 401 -16.42 19.27 -41.55
C LEU C 401 -15.11 18.50 -41.50
N VAL C 402 -14.50 18.37 -40.33
CA VAL C 402 -13.29 17.57 -40.18
C VAL C 402 -13.49 16.43 -39.19
N GLU C 403 -14.69 16.24 -38.68
CA GLU C 403 -15.00 15.16 -37.76
C GLU C 403 -16.08 14.23 -38.26
N VAL C 404 -17.14 14.75 -38.86
CA VAL C 404 -18.17 13.93 -39.51
C VAL C 404 -17.63 13.22 -40.74
N PRO C 405 -16.71 13.80 -41.59
CA PRO C 405 -16.07 12.95 -42.61
C PRO C 405 -15.02 11.96 -42.10
N ASP C 406 -14.95 11.73 -40.79
CA ASP C 406 -14.14 10.64 -40.26
C ASP C 406 -15.03 9.54 -39.71
N ILE C 407 -16.16 9.91 -39.12
CA ILE C 407 -17.08 8.95 -38.51
C ILE C 407 -17.78 8.15 -39.60
N PHE C 408 -18.21 8.82 -40.66
CA PHE C 408 -18.93 8.17 -41.76
C PHE C 408 -18.00 7.87 -42.92
N ARG C 409 -16.72 7.68 -42.62
CA ARG C 409 -15.77 7.28 -43.66
C ARG C 409 -14.79 6.25 -43.08
N MET C 410 -14.89 5.98 -41.78
CA MET C 410 -14.05 4.97 -41.15
C MET C 410 -14.91 3.98 -40.37
N GLY C 411 -15.94 3.43 -41.02
CA GLY C 411 -16.84 2.51 -40.37
C GLY C 411 -17.89 3.23 -39.56
N VAL C 412 -18.12 2.77 -38.32
CA VAL C 412 -18.88 3.52 -37.34
C VAL C 412 -17.99 3.65 -36.11
N THR C 413 -17.12 2.64 -35.93
CA THR C 413 -16.23 2.59 -34.77
C THR C 413 -15.05 3.54 -34.92
N PRO C 424 -13.20 9.68 -26.21
CA PRO C 424 -14.39 10.38 -25.72
C PRO C 424 -14.49 11.78 -26.28
N PHE C 425 -13.36 12.42 -26.55
CA PHE C 425 -13.35 13.80 -27.00
C PHE C 425 -13.70 13.94 -28.46
N HIS C 426 -13.90 12.84 -29.19
CA HIS C 426 -14.63 12.94 -30.44
C HIS C 426 -16.08 13.32 -30.16
N VAL C 427 -16.73 12.60 -29.25
CA VAL C 427 -18.16 12.76 -28.99
C VAL C 427 -18.45 14.12 -28.39
N LEU C 428 -17.59 14.59 -27.48
CA LEU C 428 -17.79 15.86 -26.79
C LEU C 428 -17.50 17.07 -27.66
N ILE C 429 -17.09 16.90 -28.91
CA ILE C 429 -16.85 18.04 -29.79
C ILE C 429 -17.76 18.01 -31.02
N ILE C 430 -18.32 16.86 -31.40
CA ILE C 430 -19.50 16.89 -32.26
C ILE C 430 -20.70 17.41 -31.47
N THR C 431 -20.83 17.00 -30.20
CA THR C 431 -21.94 17.47 -29.36
C THR C 431 -21.85 18.95 -29.09
N TYR C 432 -20.65 19.49 -28.87
CA TYR C 432 -20.47 20.93 -28.79
C TYR C 432 -20.87 21.63 -30.08
N ALA C 433 -20.40 21.11 -31.21
CA ALA C 433 -20.68 21.75 -32.49
C ALA C 433 -22.12 21.58 -32.93
N PHE C 434 -22.82 20.61 -32.37
CA PHE C 434 -24.25 20.48 -32.64
C PHE C 434 -25.05 21.46 -31.80
N MET C 435 -24.65 21.67 -30.54
CA MET C 435 -25.37 22.58 -29.66
C MET C 435 -25.19 24.03 -30.06
N VAL C 436 -24.10 24.36 -30.77
CA VAL C 436 -23.95 25.72 -31.28
C VAL C 436 -24.85 25.94 -32.49
N LEU C 437 -25.06 24.90 -33.29
CA LEU C 437 -25.99 25.03 -34.40
C LEU C 437 -27.43 24.94 -33.97
N VAL C 438 -27.73 24.31 -32.83
CA VAL C 438 -29.10 24.34 -32.32
C VAL C 438 -29.45 25.72 -31.78
N THR C 439 -28.53 26.33 -31.04
CA THR C 439 -28.78 27.67 -30.53
C THR C 439 -28.66 28.74 -31.60
N MET C 440 -28.16 28.41 -32.79
CA MET C 440 -28.29 29.28 -33.94
C MET C 440 -29.68 29.23 -34.55
N VAL C 441 -30.23 28.03 -34.75
CA VAL C 441 -31.57 27.87 -35.29
C VAL C 441 -32.61 28.49 -34.36
N MET C 442 -32.42 28.34 -33.05
CA MET C 442 -33.29 28.99 -32.08
C MET C 442 -33.14 30.51 -32.08
N ARG C 443 -31.98 31.02 -32.45
CA ARG C 443 -31.81 32.46 -32.58
C ARG C 443 -32.49 33.01 -33.82
N LEU C 444 -32.48 32.26 -34.92
CA LEU C 444 -33.09 32.74 -36.15
C LEU C 444 -34.62 32.68 -36.08
N ILE C 445 -35.17 31.54 -35.65
CA ILE C 445 -36.63 31.41 -35.61
C ILE C 445 -37.24 32.03 -34.36
N SER C 446 -36.41 32.65 -33.51
CA SER C 446 -36.81 33.28 -32.24
C SER C 446 -37.52 32.28 -31.33
N ALA C 447 -36.89 31.13 -31.13
CA ALA C 447 -37.43 30.12 -30.25
C ALA C 447 -37.24 30.56 -28.80
N SER C 448 -38.06 29.97 -27.92
CA SER C 448 -38.17 30.47 -26.56
C SER C 448 -36.99 30.06 -25.69
N GLY C 449 -36.82 28.76 -25.46
CA GLY C 449 -35.82 28.34 -24.50
C GLY C 449 -34.45 28.17 -25.12
N GLU C 450 -33.64 29.22 -25.02
CA GLU C 450 -32.31 29.21 -25.61
C GLU C 450 -31.23 29.02 -24.55
N VAL C 451 -31.60 29.08 -23.27
CA VAL C 451 -30.64 28.82 -22.21
C VAL C 451 -30.26 27.36 -22.14
N VAL C 452 -31.02 26.47 -22.78
CA VAL C 452 -30.77 25.03 -22.72
C VAL C 452 -29.65 24.61 -23.68
N PRO C 453 -29.62 25.00 -24.97
CA PRO C 453 -28.44 24.60 -25.76
C PRO C 453 -27.18 25.33 -25.38
N MET C 454 -27.28 26.56 -24.87
CA MET C 454 -26.08 27.27 -24.44
C MET C 454 -25.48 26.66 -23.19
N SER C 455 -26.32 26.17 -22.28
CA SER C 455 -25.80 25.60 -21.03
C SER C 455 -25.05 24.31 -21.28
N PHE C 456 -25.45 23.54 -22.29
CA PHE C 456 -24.65 22.39 -22.70
C PHE C 456 -23.38 22.83 -23.41
N ALA C 457 -23.49 23.80 -24.31
CA ALA C 457 -22.35 24.19 -25.12
C ALA C 457 -21.30 24.98 -24.35
N LEU C 458 -21.65 25.57 -23.22
CA LEU C 458 -20.66 26.21 -22.37
C LEU C 458 -19.92 25.24 -21.47
N VAL C 459 -20.40 24.00 -21.33
CA VAL C 459 -19.73 23.03 -20.50
C VAL C 459 -19.25 21.82 -21.29
N LEU C 460 -19.93 21.44 -22.38
CA LEU C 460 -19.31 20.52 -23.32
C LEU C 460 -18.17 21.20 -24.06
N GLY C 461 -18.21 22.52 -24.14
CA GLY C 461 -17.15 23.26 -24.77
C GLY C 461 -15.95 23.47 -23.89
N TRP C 462 -16.14 23.92 -22.65
CA TRP C 462 -14.98 24.16 -21.79
C TRP C 462 -14.33 22.86 -21.35
N CYS C 463 -15.09 21.80 -21.16
CA CYS C 463 -14.47 20.52 -20.80
C CYS C 463 -13.77 19.84 -21.96
N ASN C 464 -13.76 20.41 -23.16
CA ASN C 464 -12.88 19.95 -24.23
C ASN C 464 -11.50 20.57 -24.17
N VAL C 465 -11.27 21.53 -23.28
CA VAL C 465 -9.92 22.02 -23.04
C VAL C 465 -9.12 20.99 -22.27
N MET C 466 -9.80 20.01 -21.63
CA MET C 466 -9.12 18.86 -21.06
C MET C 466 -8.52 17.94 -22.10
N TYR C 467 -8.94 18.03 -23.37
CA TYR C 467 -8.28 17.27 -24.42
C TYR C 467 -6.84 17.71 -24.57
N PHE C 468 -6.59 19.01 -24.51
CA PHE C 468 -5.26 19.54 -24.73
C PHE C 468 -4.37 19.42 -23.52
N ALA C 469 -4.86 18.80 -22.45
CA ALA C 469 -4.04 18.37 -21.33
C ALA C 469 -3.53 16.97 -21.54
N ARG C 470 -2.97 16.70 -22.71
CA ARG C 470 -2.21 15.50 -22.97
C ARG C 470 -0.90 15.81 -23.66
N GLY C 471 -0.69 17.04 -24.11
CA GLY C 471 0.60 17.48 -24.54
C GLY C 471 1.55 17.82 -23.42
N PHE C 472 1.08 17.73 -22.18
CA PHE C 472 1.86 18.05 -21.00
C PHE C 472 1.92 16.80 -20.15
N GLN C 473 3.13 16.36 -19.81
CA GLN C 473 3.30 15.10 -19.09
C GLN C 473 2.83 15.20 -17.65
N MET C 474 2.79 16.40 -17.10
CA MET C 474 2.32 16.58 -15.72
C MET C 474 0.83 16.32 -15.62
N LEU C 475 0.03 17.10 -16.33
CA LEU C 475 -1.42 17.01 -16.31
C LEU C 475 -1.97 16.15 -17.45
N GLY C 476 -1.18 15.21 -17.93
CA GLY C 476 -1.59 14.30 -18.97
C GLY C 476 -2.31 13.05 -18.50
N PRO C 477 -1.67 12.25 -17.65
CA PRO C 477 -2.36 11.09 -17.07
C PRO C 477 -3.47 11.44 -16.10
N PHE C 478 -3.58 12.69 -15.66
CA PHE C 478 -4.68 13.12 -14.81
C PHE C 478 -5.99 13.18 -15.56
N THR C 479 -5.96 13.21 -16.89
CA THR C 479 -7.17 13.13 -17.71
C THR C 479 -7.57 11.69 -17.99
N ILE C 480 -6.61 10.76 -18.05
CA ILE C 480 -6.90 9.32 -18.08
C ILE C 480 -7.66 8.84 -16.86
N MET C 481 -7.24 9.19 -15.65
CA MET C 481 -7.88 8.67 -14.45
C MET C 481 -9.09 9.51 -14.03
N ILE C 482 -9.58 10.37 -14.93
CA ILE C 482 -10.94 10.84 -14.88
C ILE C 482 -11.85 9.96 -15.73
N GLN C 483 -11.42 9.54 -16.92
CA GLN C 483 -12.15 8.57 -17.72
C GLN C 483 -12.28 7.22 -17.02
N LYS C 484 -11.21 6.74 -16.39
CA LYS C 484 -11.23 5.46 -15.70
C LYS C 484 -12.01 5.48 -14.41
N MET C 485 -12.50 6.63 -13.98
CA MET C 485 -13.35 6.71 -12.80
C MET C 485 -14.79 7.06 -13.12
N ILE C 486 -15.06 7.83 -14.18
CA ILE C 486 -16.44 8.05 -14.60
C ILE C 486 -17.05 6.75 -15.11
N PHE C 487 -16.35 6.08 -16.00
CA PHE C 487 -16.79 4.81 -16.55
C PHE C 487 -16.20 3.63 -15.81
N GLY C 488 -15.89 3.83 -14.54
CA GLY C 488 -15.24 2.90 -13.67
C GLY C 488 -15.93 2.91 -12.32
N ASP C 489 -15.19 3.38 -11.31
CA ASP C 489 -15.64 3.36 -9.91
C ASP C 489 -16.92 4.14 -9.68
N LEU C 490 -17.23 5.15 -10.49
CA LEU C 490 -18.45 5.91 -10.31
C LEU C 490 -19.61 5.37 -11.12
N MET C 491 -19.36 4.51 -12.11
CA MET C 491 -20.46 3.92 -12.84
C MET C 491 -21.04 2.73 -12.09
N ARG C 492 -20.25 2.04 -11.27
CA ARG C 492 -20.79 0.97 -10.44
C ARG C 492 -21.33 1.50 -9.11
N PHE C 493 -20.89 2.66 -8.68
CA PHE C 493 -21.48 3.36 -7.55
C PHE C 493 -22.77 4.04 -7.92
N CYS C 494 -22.98 4.35 -9.20
CA CYS C 494 -24.18 5.00 -9.68
C CYS C 494 -25.42 4.15 -9.45
N TRP C 495 -25.31 2.84 -9.66
CA TRP C 495 -26.48 2.00 -9.62
C TRP C 495 -26.84 1.55 -8.23
N LEU C 496 -25.97 1.73 -7.25
CA LEU C 496 -26.34 1.50 -5.86
C LEU C 496 -26.58 2.79 -5.10
N MET C 497 -26.08 3.93 -5.58
CA MET C 497 -26.49 5.20 -5.01
C MET C 497 -27.93 5.50 -5.37
N ALA C 498 -28.33 5.24 -6.62
CA ALA C 498 -29.69 5.50 -7.05
C ALA C 498 -30.70 4.58 -6.38
N VAL C 499 -30.27 3.44 -5.88
CA VAL C 499 -31.11 2.61 -5.04
C VAL C 499 -31.39 3.29 -3.70
N VAL C 500 -30.37 3.89 -3.10
CA VAL C 500 -30.54 4.54 -1.80
C VAL C 500 -31.31 5.85 -1.95
N ILE C 501 -30.97 6.67 -2.95
CA ILE C 501 -31.62 7.96 -3.07
C ILE C 501 -32.96 7.89 -3.78
N LEU C 502 -33.45 6.69 -4.11
CA LEU C 502 -34.85 6.49 -4.40
C LEU C 502 -35.63 5.94 -3.22
N GLY C 503 -34.94 5.26 -2.31
CA GLY C 503 -35.60 4.71 -1.15
C GLY C 503 -35.81 5.74 -0.08
N PHE C 504 -34.80 6.56 0.17
CA PHE C 504 -34.93 7.60 1.17
C PHE C 504 -35.64 8.84 0.65
N ALA C 505 -35.56 9.12 -0.64
CA ALA C 505 -36.29 10.26 -1.17
C ALA C 505 -37.78 10.00 -1.20
N SER C 506 -38.18 8.75 -1.39
CA SER C 506 -39.58 8.37 -1.31
C SER C 506 -40.04 8.17 0.12
N ALA C 507 -39.11 8.01 1.06
CA ALA C 507 -39.46 7.97 2.47
C ALA C 507 -39.54 9.38 3.04
N PHE C 508 -38.62 10.25 2.63
CA PHE C 508 -38.65 11.65 3.04
C PHE C 508 -39.85 12.39 2.48
N TYR C 509 -40.32 12.00 1.29
CA TYR C 509 -41.44 12.70 0.68
C TYR C 509 -42.73 12.45 1.44
N ILE C 510 -43.02 11.18 1.76
CA ILE C 510 -44.27 10.85 2.42
C ILE C 510 -44.28 11.22 3.89
N ILE C 511 -43.12 11.52 4.48
CA ILE C 511 -43.09 12.03 5.84
C ILE C 511 -43.49 13.50 5.87
N PHE C 512 -42.91 14.30 4.97
CA PHE C 512 -43.25 15.70 4.83
C PHE C 512 -44.35 15.93 3.82
N GLN C 513 -45.23 14.96 3.62
CA GLN C 513 -46.37 15.13 2.75
C GLN C 513 -47.55 15.68 3.55
N THR C 514 -47.63 15.30 4.82
CA THR C 514 -48.64 15.78 5.74
C THR C 514 -48.08 16.92 6.61
N GLU C 515 -47.73 18.00 5.92
CA GLU C 515 -46.75 18.95 6.43
C GLU C 515 -47.01 20.30 5.80
N ASP C 516 -46.39 21.34 6.35
CA ASP C 516 -46.43 22.69 5.78
C ASP C 516 -45.13 22.94 5.04
N PRO C 517 -45.15 23.06 3.71
CA PRO C 517 -43.90 23.18 2.96
C PRO C 517 -43.32 24.59 2.99
N GLU C 518 -44.03 25.51 3.65
CA GLU C 518 -43.59 26.88 3.86
C GLU C 518 -42.32 26.96 4.67
N GLU C 519 -42.10 26.00 5.57
CA GLU C 519 -40.92 25.91 6.41
C GLU C 519 -40.42 24.48 6.43
N LEU C 520 -39.12 24.31 6.13
CA LEU C 520 -38.51 23.05 5.69
C LEU C 520 -39.28 22.48 4.49
N GLY C 521 -39.15 23.15 3.35
CA GLY C 521 -39.75 22.68 2.13
C GLY C 521 -38.75 22.00 1.23
N HIS C 522 -37.86 21.18 1.81
CA HIS C 522 -36.91 20.41 1.01
C HIS C 522 -37.60 19.40 0.13
N PHE C 523 -38.74 18.86 0.59
CA PHE C 523 -39.40 17.72 -0.03
C PHE C 523 -40.86 18.15 -0.21
N TYR C 524 -41.15 18.97 -1.20
CA TYR C 524 -42.50 19.47 -1.35
C TYR C 524 -43.24 18.87 -2.54
N ASP C 525 -42.52 18.45 -3.57
CA ASP C 525 -43.07 17.56 -4.58
C ASP C 525 -42.00 16.53 -4.91
N TYR C 526 -42.42 15.43 -5.52
CA TYR C 526 -41.57 14.26 -5.66
C TYR C 526 -40.32 14.43 -6.54
N PRO C 527 -40.29 15.29 -7.58
CA PRO C 527 -38.98 15.61 -8.15
C PRO C 527 -38.04 16.31 -7.19
N MET C 528 -38.52 17.27 -6.40
CA MET C 528 -37.61 18.00 -5.52
C MET C 528 -37.13 17.15 -4.35
N ALA C 529 -37.91 16.16 -3.94
CA ALA C 529 -37.44 15.23 -2.92
C ALA C 529 -36.31 14.35 -3.45
N LEU C 530 -36.31 14.07 -4.75
CA LEU C 530 -35.20 13.34 -5.36
C LEU C 530 -33.94 14.19 -5.41
N PHE C 531 -34.10 15.48 -5.71
CA PHE C 531 -32.93 16.32 -5.88
C PHE C 531 -32.40 16.81 -4.54
N SER C 532 -33.27 16.95 -3.54
CA SER C 532 -32.78 17.25 -2.20
C SER C 532 -32.02 16.07 -1.62
N THR C 533 -32.51 14.85 -1.84
CA THR C 533 -31.88 13.66 -1.26
C THR C 533 -30.58 13.33 -1.98
N PHE C 534 -30.50 13.61 -3.28
CA PHE C 534 -29.23 13.52 -3.98
C PHE C 534 -28.21 14.51 -3.42
N GLU C 535 -28.67 15.72 -3.12
CA GLU C 535 -27.78 16.71 -2.51
C GLU C 535 -27.43 16.35 -1.08
N LEU C 536 -28.37 15.77 -0.33
CA LEU C 536 -28.06 15.34 1.03
C LEU C 536 -27.17 14.11 1.06
N PHE C 537 -27.16 13.33 -0.01
CA PHE C 537 -26.24 12.19 -0.11
C PHE C 537 -24.81 12.67 -0.14
N LEU C 538 -24.54 13.69 -0.94
CA LEU C 538 -23.21 14.20 -1.18
C LEU C 538 -22.80 15.25 -0.17
N THR C 539 -23.70 15.62 0.75
CA THR C 539 -23.56 16.73 1.70
C THR C 539 -23.20 18.04 1.00
N ILE C 540 -23.96 18.36 -0.03
CA ILE C 540 -23.79 19.61 -0.75
C ILE C 540 -24.99 20.52 -0.62
N ILE C 541 -25.92 20.18 0.27
CA ILE C 541 -26.75 21.15 0.95
C ILE C 541 -26.65 20.85 2.43
N ASP C 542 -27.35 21.65 3.23
CA ASP C 542 -27.08 21.66 4.66
C ASP C 542 -27.58 20.39 5.31
N GLY C 543 -28.89 20.24 5.40
CA GLY C 543 -29.50 19.20 6.19
C GLY C 543 -30.71 19.78 6.86
N PRO C 544 -31.88 19.20 6.60
CA PRO C 544 -33.15 19.87 6.92
C PRO C 544 -33.40 19.97 8.41
N ALA C 545 -33.60 21.21 8.87
CA ALA C 545 -33.82 21.47 10.29
C ALA C 545 -34.55 22.80 10.41
N ASN C 546 -35.48 22.88 11.35
CA ASN C 546 -36.24 24.11 11.55
C ASN C 546 -36.11 24.69 12.94
N TYR C 547 -36.08 23.85 13.99
CA TYR C 547 -35.77 24.20 15.38
C TYR C 547 -36.80 25.12 16.05
N ASN C 548 -37.78 25.61 15.29
CA ASN C 548 -38.87 26.39 15.81
C ASN C 548 -40.17 25.62 15.80
N VAL C 549 -40.33 24.69 14.86
CA VAL C 549 -41.55 23.91 14.72
C VAL C 549 -41.16 22.44 14.83
N ASP C 550 -42.00 21.64 15.47
CA ASP C 550 -41.71 20.22 15.65
C ASP C 550 -41.83 19.48 14.33
N LEU C 551 -40.72 18.89 13.90
CA LEU C 551 -40.68 18.02 12.72
C LEU C 551 -41.39 16.72 13.04
N PRO C 552 -41.70 15.89 12.03
CA PRO C 552 -42.22 14.56 12.34
C PRO C 552 -41.19 13.72 13.08
N PHE C 553 -41.71 12.87 13.99
CA PHE C 553 -40.85 11.98 14.75
C PHE C 553 -40.15 10.98 13.84
N MET C 554 -40.82 10.57 12.76
CA MET C 554 -40.24 9.59 11.86
C MET C 554 -39.09 10.16 11.05
N TYR C 555 -39.02 11.49 10.91
CA TYR C 555 -37.93 12.11 10.16
C TYR C 555 -36.59 11.95 10.85
N SER C 556 -36.55 12.12 12.17
CA SER C 556 -35.28 12.06 12.89
C SER C 556 -34.68 10.66 12.91
N ILE C 557 -35.51 9.63 12.76
CA ILE C 557 -34.99 8.27 12.68
C ILE C 557 -34.49 7.97 11.27
N THR C 558 -35.30 8.26 10.26
CA THR C 558 -34.93 7.92 8.89
C THR C 558 -33.90 8.86 8.29
N TYR C 559 -33.57 9.97 8.94
CA TYR C 559 -32.45 10.77 8.50
C TYR C 559 -31.17 10.41 9.23
N ALA C 560 -31.29 9.88 10.46
CA ALA C 560 -30.12 9.34 11.12
C ALA C 560 -29.70 8.03 10.48
N ALA C 561 -30.62 7.31 9.84
CA ALA C 561 -30.25 6.15 9.05
C ALA C 561 -29.66 6.56 7.71
N PHE C 562 -30.21 7.62 7.10
CA PHE C 562 -29.65 8.14 5.86
C PHE C 562 -28.32 8.83 6.07
N ALA C 563 -28.07 9.34 7.28
CA ALA C 563 -26.76 9.95 7.55
C ALA C 563 -25.68 8.90 7.62
N ILE C 564 -25.99 7.73 8.14
CA ILE C 564 -24.98 6.71 8.35
C ILE C 564 -24.72 5.93 7.07
N ILE C 565 -25.75 5.31 6.51
CA ILE C 565 -25.53 4.38 5.41
C ILE C 565 -25.33 5.05 4.08
N ALA C 566 -25.45 6.37 4.00
CA ALA C 566 -25.31 7.06 2.74
C ALA C 566 -24.22 8.12 2.76
N THR C 567 -24.24 9.00 3.75
CA THR C 567 -23.16 9.97 3.90
C THR C 567 -21.92 9.34 4.53
N LEU C 568 -22.07 8.67 5.66
CA LEU C 568 -20.90 8.15 6.37
C LEU C 568 -20.34 6.90 5.70
N LEU C 569 -21.18 5.90 5.46
CA LEU C 569 -20.72 4.63 4.94
C LEU C 569 -20.38 4.71 3.47
N MET C 570 -21.34 5.09 2.65
CA MET C 570 -21.32 4.76 1.24
C MET C 570 -20.68 5.84 0.40
N LEU C 571 -20.68 7.08 0.89
CA LEU C 571 -19.93 8.13 0.22
C LEU C 571 -18.44 7.94 0.41
N ASN C 572 -18.01 7.61 1.62
CA ASN C 572 -16.60 7.38 1.90
C ASN C 572 -16.14 6.00 1.47
N LEU C 573 -17.07 5.12 1.11
CA LEU C 573 -16.72 3.91 0.40
C LEU C 573 -16.27 4.19 -1.01
N LEU C 574 -16.81 5.24 -1.62
CA LEU C 574 -16.50 5.60 -3.00
C LEU C 574 -15.25 6.44 -3.11
N ILE C 575 -14.88 7.18 -2.07
CA ILE C 575 -13.60 7.88 -2.10
C ILE C 575 -12.46 7.01 -1.63
N ALA C 576 -12.76 5.81 -1.15
CA ALA C 576 -11.75 4.82 -0.76
C ALA C 576 -11.62 3.73 -1.79
N MET C 577 -12.49 3.69 -2.78
CA MET C 577 -12.30 2.83 -3.94
C MET C 577 -11.84 3.61 -5.15
N MET C 578 -11.69 4.93 -5.01
CA MET C 578 -10.91 5.72 -5.94
C MET C 578 -9.48 5.90 -5.47
N GLY C 579 -9.19 5.63 -4.20
CA GLY C 579 -7.86 5.76 -3.66
C GLY C 579 -7.19 4.41 -3.57
N ASP C 580 -8.00 3.37 -3.69
CA ASP C 580 -7.54 2.02 -3.94
C ASP C 580 -7.38 1.74 -5.43
N THR C 581 -8.01 2.56 -6.28
CA THR C 581 -7.82 2.42 -7.71
C THR C 581 -6.41 2.83 -8.13
N HIS C 582 -5.92 3.98 -7.63
CA HIS C 582 -4.68 4.61 -8.08
C HIS C 582 -3.46 3.70 -8.01
N TRP C 583 -3.12 3.23 -6.82
CA TRP C 583 -1.83 2.57 -6.62
C TRP C 583 -1.73 1.22 -7.29
N ARG C 584 -2.84 0.65 -7.74
CA ARG C 584 -2.83 -0.52 -8.60
C ARG C 584 -3.21 -0.21 -10.04
N VAL C 585 -3.30 1.06 -10.42
CA VAL C 585 -3.35 1.42 -11.83
C VAL C 585 -2.25 2.43 -12.11
N ALA C 586 -1.39 2.68 -11.12
CA ALA C 586 -0.38 3.75 -11.23
C ALA C 586 0.64 3.48 -12.32
N HIS C 587 0.83 2.21 -12.66
CA HIS C 587 1.74 1.89 -13.76
C HIS C 587 1.01 1.94 -15.10
N GLU C 588 -0.21 1.44 -15.14
CA GLU C 588 -1.01 1.44 -16.37
C GLU C 588 -1.37 2.84 -16.80
N ARG C 589 -1.83 3.66 -15.85
CA ARG C 589 -2.23 5.04 -16.12
C ARG C 589 -1.04 5.91 -16.53
N ASP C 590 0.18 5.56 -16.13
CA ASP C 590 1.34 6.38 -16.49
C ASP C 590 2.01 5.89 -17.76
N GLU C 591 1.80 4.63 -18.17
CA GLU C 591 2.27 4.21 -19.48
C GLU C 591 1.23 4.44 -20.55
N LEU C 592 0.03 4.87 -20.15
CA LEU C 592 -1.02 5.19 -21.12
C LEU C 592 -0.97 6.67 -21.49
N TRP C 593 0.03 7.41 -21.00
CA TRP C 593 0.22 8.77 -21.48
C TRP C 593 0.89 8.78 -22.84
N ARG C 594 1.93 8.00 -23.03
CA ARG C 594 2.61 8.06 -24.33
C ARG C 594 1.89 7.23 -25.38
N ALA C 595 0.84 6.50 -25.00
CA ALA C 595 -0.07 5.98 -26.01
C ALA C 595 -1.05 7.04 -26.47
N GLN C 596 -1.26 8.09 -25.66
CA GLN C 596 -2.00 9.27 -26.11
C GLN C 596 -1.16 10.17 -26.98
N ILE C 597 0.16 10.10 -26.83
CA ILE C 597 1.05 10.89 -27.67
C ILE C 597 1.13 10.30 -29.07
N VAL C 598 1.13 8.96 -29.15
CA VAL C 598 1.15 8.30 -30.46
C VAL C 598 -0.15 8.54 -31.20
N ALA C 599 -1.28 8.45 -30.49
CA ALA C 599 -2.57 8.67 -31.13
C ALA C 599 -2.75 10.10 -31.57
N THR C 600 -2.11 11.04 -30.88
CA THR C 600 -2.15 12.44 -31.27
C THR C 600 -1.20 12.72 -32.42
N THR C 601 0.02 12.17 -32.36
CA THR C 601 1.00 12.38 -33.42
C THR C 601 0.55 11.75 -34.74
N VAL C 602 -0.13 10.61 -34.67
CA VAL C 602 -0.72 10.00 -35.87
C VAL C 602 -1.84 10.89 -36.42
N MET C 603 -2.70 11.41 -35.55
CA MET C 603 -3.79 12.27 -36.01
C MET C 603 -3.28 13.59 -36.57
N LEU C 604 -2.25 14.18 -35.94
CA LEU C 604 -1.70 15.44 -36.44
C LEU C 604 -0.94 15.23 -37.74
N GLU C 605 -0.51 14.00 -38.02
CA GLU C 605 0.22 13.75 -39.25
C GLU C 605 -0.73 13.49 -40.41
N ARG C 606 -1.87 12.87 -40.15
CA ARG C 606 -2.83 12.57 -41.20
C ARG C 606 -3.59 13.82 -41.65
N LYS C 607 -3.91 14.70 -40.71
CA LYS C 607 -4.70 15.89 -41.03
C LYS C 607 -3.85 16.96 -41.70
N LEU C 608 -2.66 17.20 -41.18
CA LEU C 608 -1.81 18.26 -41.69
C LEU C 608 -1.23 17.86 -43.04
N PRO C 609 -1.00 18.80 -43.96
CA PRO C 609 -0.48 18.45 -45.27
C PRO C 609 1.01 18.14 -45.23
N ARG C 610 1.53 17.70 -46.38
CA ARG C 610 2.92 17.32 -46.51
C ARG C 610 3.85 18.53 -46.69
N CYS C 611 3.28 19.72 -46.95
CA CYS C 611 4.09 20.94 -46.97
C CYS C 611 4.65 21.26 -45.60
N LEU C 612 3.81 21.17 -44.57
CA LEU C 612 4.29 21.11 -43.20
C LEU C 612 4.61 19.65 -42.88
N TRP C 613 5.02 19.39 -41.64
CA TRP C 613 5.35 18.07 -41.11
C TRP C 613 6.38 17.32 -41.94
N PRO C 614 7.66 17.63 -41.85
CA PRO C 614 8.69 16.84 -42.54
C PRO C 614 8.71 15.40 -42.04
N ARG C 615 9.11 14.50 -42.93
CA ARG C 615 9.13 13.08 -42.59
C ARG C 615 10.22 12.79 -41.57
N SER C 616 10.01 11.72 -40.81
CA SER C 616 10.91 11.37 -39.73
C SER C 616 12.06 10.53 -40.25
N GLY C 617 13.26 10.83 -39.76
CA GLY C 617 14.44 10.09 -40.16
C GLY C 617 15.19 10.74 -41.29
N ILE C 618 16.24 10.05 -41.71
CA ILE C 618 17.17 10.56 -42.73
C ILE C 618 17.02 9.68 -43.96
N CYS C 619 16.60 10.28 -45.07
CA CYS C 619 16.46 9.53 -46.31
C CYS C 619 17.81 9.12 -46.85
N GLY C 620 17.87 7.93 -47.45
CA GLY C 620 19.13 7.39 -47.87
C GLY C 620 19.38 7.38 -49.37
N ARG C 621 18.79 8.32 -50.10
CA ARG C 621 19.07 8.42 -51.52
C ARG C 621 20.46 9.00 -51.77
N GLU C 622 20.81 10.01 -50.99
CA GLU C 622 22.10 10.68 -51.14
C GLU C 622 23.19 10.05 -50.28
N TYR C 623 22.96 8.84 -49.77
CA TYR C 623 23.96 8.17 -48.95
C TYR C 623 24.13 6.71 -49.35
N GLY C 624 23.60 6.32 -50.50
CA GLY C 624 23.81 4.98 -51.02
C GLY C 624 23.08 3.88 -50.29
N LEU C 625 22.02 4.21 -49.57
CA LEU C 625 21.27 3.23 -48.79
C LEU C 625 19.93 2.86 -49.40
N GLY C 626 19.57 3.43 -50.54
CA GLY C 626 18.33 3.11 -51.21
C GLY C 626 17.34 4.26 -51.18
N ASP C 627 16.07 3.90 -51.19
CA ASP C 627 14.98 4.87 -51.10
C ASP C 627 14.31 4.85 -49.74
N ARG C 628 14.94 4.24 -48.75
CA ARG C 628 14.31 4.07 -47.45
C ARG C 628 14.74 5.16 -46.50
N TRP C 629 13.98 5.32 -45.43
CA TRP C 629 14.16 6.40 -44.47
C TRP C 629 14.63 5.83 -43.15
N PHE C 630 15.86 6.13 -42.77
CA PHE C 630 16.54 5.50 -41.65
C PHE C 630 16.54 6.40 -40.43
N LEU C 631 16.71 5.78 -39.26
CA LEU C 631 16.77 6.51 -37.98
C LEU C 631 17.89 5.88 -37.16
N ARG C 632 19.01 6.58 -37.00
CA ARG C 632 20.08 6.03 -36.20
C ARG C 632 19.95 6.46 -34.74
N VAL C 633 20.54 5.66 -33.86
CA VAL C 633 20.64 6.01 -32.46
C VAL C 633 21.90 5.37 -31.91
N GLU C 634 22.63 6.11 -31.07
CA GLU C 634 23.79 5.55 -30.42
C GLU C 634 23.52 5.42 -28.93
N ASP C 635 24.17 4.44 -28.32
CA ASP C 635 23.93 4.13 -26.92
C ASP C 635 25.12 3.39 -26.33
N ARG C 636 25.31 3.54 -25.02
CA ARG C 636 26.30 2.77 -24.29
C ARG C 636 25.74 1.39 -23.98
N GLN C 637 26.59 0.38 -24.10
CA GLN C 637 26.20 -1.00 -23.85
C GLN C 637 27.06 -1.63 -22.76
N ASP C 638 27.86 -0.78 -22.09
CA ASP C 638 28.70 -1.14 -20.95
C ASP C 638 29.68 -2.29 -21.23
N TRP D 22 15.94 27.93 -36.68
CA TRP D 22 16.36 29.16 -36.04
C TRP D 22 17.00 28.88 -34.68
N PHE D 23 16.38 29.40 -33.62
CA PHE D 23 16.83 29.12 -32.26
C PHE D 23 16.01 28.01 -31.60
N GLN D 24 14.79 27.76 -32.08
CA GLN D 24 13.94 26.75 -31.47
C GLN D 24 14.46 25.34 -31.74
N ARG D 25 15.23 25.16 -32.79
CA ARG D 25 15.81 23.86 -33.13
C ARG D 25 17.13 23.69 -32.39
N ARG D 26 17.08 23.05 -31.23
CA ARG D 26 18.27 22.49 -30.61
C ARG D 26 18.50 21.05 -31.05
N GLU D 27 17.54 20.45 -31.76
CA GLU D 27 17.70 19.15 -32.38
C GLU D 27 18.21 19.25 -33.81
N SER D 28 18.65 20.43 -34.24
CA SER D 28 19.24 20.56 -35.56
C SER D 28 20.74 20.31 -35.55
N TRP D 29 21.34 20.09 -34.38
CA TRP D 29 22.70 19.58 -34.31
C TRP D 29 22.73 18.07 -34.14
N ALA D 30 21.75 17.50 -33.45
CA ALA D 30 21.61 16.05 -33.43
C ALA D 30 21.21 15.54 -34.82
N GLN D 31 20.41 16.32 -35.55
CA GLN D 31 20.15 16.03 -36.95
C GLN D 31 21.40 16.22 -37.80
N SER D 32 22.25 17.17 -37.45
CA SER D 32 23.44 17.44 -38.24
C SER D 32 24.56 16.44 -38.03
N ARG D 33 24.53 15.66 -36.95
CA ARG D 33 25.50 14.59 -36.79
C ARG D 33 24.95 13.23 -37.15
N ASP D 34 23.62 13.08 -37.23
CA ASP D 34 23.07 11.85 -37.78
C ASP D 34 23.34 11.77 -39.27
N GLU D 35 23.14 12.87 -40.00
CA GLU D 35 23.48 12.90 -41.41
C GLU D 35 24.97 13.11 -41.66
N GLN D 36 25.77 13.20 -40.61
CA GLN D 36 27.22 13.21 -40.74
C GLN D 36 27.83 11.83 -40.54
N ASN D 37 27.18 10.97 -39.74
CA ASN D 37 27.60 9.58 -39.65
C ASN D 37 27.20 8.78 -40.88
N LEU D 38 26.06 9.12 -41.50
CA LEU D 38 25.68 8.46 -42.75
C LEU D 38 26.58 8.88 -43.89
N LEU D 39 27.03 10.13 -43.91
CA LEU D 39 27.95 10.59 -44.95
C LEU D 39 29.35 10.03 -44.74
N GLN D 40 29.69 9.66 -43.51
CA GLN D 40 30.93 8.92 -43.27
C GLN D 40 30.90 7.56 -43.94
N GLN D 41 29.79 6.84 -43.79
CA GLN D 41 29.67 5.50 -44.35
C GLN D 41 29.49 5.54 -45.87
N LYS D 42 29.17 6.69 -46.44
CA LYS D 42 29.12 6.81 -47.90
C LYS D 42 30.52 6.95 -48.49
N ARG D 43 31.36 7.77 -47.84
CA ARG D 43 32.70 8.02 -48.36
C ARG D 43 33.60 6.81 -48.23
N ILE D 44 33.30 5.91 -47.29
CA ILE D 44 34.04 4.66 -47.19
C ILE D 44 33.73 3.76 -48.37
N TRP D 45 32.46 3.72 -48.80
CA TRP D 45 32.06 2.80 -49.85
C TRP D 45 32.55 3.25 -51.22
N GLU D 46 32.50 4.55 -51.49
CA GLU D 46 32.86 5.06 -52.80
C GLU D 46 34.35 5.36 -52.95
N SER D 47 35.17 4.92 -52.00
CA SER D 47 36.61 5.01 -52.12
C SER D 47 37.23 3.63 -51.88
N PRO D 48 38.23 3.24 -52.67
CA PRO D 48 38.63 1.82 -52.68
C PRO D 48 39.39 1.36 -51.46
N LEU D 49 40.29 2.16 -50.90
CA LEU D 49 41.10 1.66 -49.79
C LEU D 49 40.47 1.91 -48.43
N LEU D 50 39.53 2.85 -48.32
CA LEU D 50 38.81 3.01 -47.06
C LEU D 50 37.82 1.87 -46.84
N LEU D 51 37.23 1.35 -47.92
CA LEU D 51 36.46 0.12 -47.79
C LEU D 51 37.39 -1.07 -47.59
N ALA D 52 38.59 -1.02 -48.17
CA ALA D 52 39.56 -2.08 -47.97
C ALA D 52 40.14 -2.07 -46.56
N ALA D 53 40.06 -0.94 -45.86
CA ALA D 53 40.46 -0.89 -44.46
C ALA D 53 39.30 -1.18 -43.52
N LYS D 54 38.06 -0.90 -43.94
CA LYS D 54 36.90 -1.21 -43.12
C LYS D 54 36.71 -2.72 -43.00
N ASP D 55 36.83 -3.44 -44.11
CA ASP D 55 37.00 -4.88 -44.08
C ASP D 55 38.49 -5.18 -43.90
N ASN D 56 38.85 -6.47 -43.84
CA ASN D 56 40.27 -6.77 -43.80
C ASN D 56 40.90 -6.59 -45.17
N ASP D 57 40.49 -7.44 -46.13
CA ASP D 57 40.81 -7.35 -47.57
C ASP D 57 42.30 -7.11 -47.84
N VAL D 58 43.15 -7.82 -47.08
CA VAL D 58 44.56 -7.48 -47.05
C VAL D 58 45.26 -7.85 -48.35
N GLN D 59 44.76 -8.87 -49.06
CA GLN D 59 45.32 -9.17 -50.38
C GLN D 59 44.90 -8.13 -51.40
N ALA D 60 43.75 -7.48 -51.20
CA ALA D 60 43.37 -6.34 -52.01
C ALA D 60 43.95 -5.03 -51.48
N LEU D 61 44.37 -5.00 -50.22
CA LEU D 61 44.95 -3.79 -49.66
C LEU D 61 46.41 -3.63 -49.99
N ASN D 62 47.12 -4.73 -50.27
CA ASN D 62 48.48 -4.60 -50.78
C ASN D 62 48.48 -4.02 -52.19
N LYS D 63 47.48 -4.36 -53.00
CA LYS D 63 47.44 -3.92 -54.39
C LYS D 63 47.16 -2.43 -54.52
N LEU D 64 46.30 -1.89 -53.67
CA LEU D 64 45.87 -0.50 -53.82
C LEU D 64 46.95 0.49 -53.42
N LEU D 65 47.91 0.07 -52.60
CA LEU D 65 48.94 0.99 -52.12
C LEU D 65 50.22 0.93 -52.94
N LYS D 66 50.39 -0.07 -53.80
CA LYS D 66 51.56 -0.16 -54.66
C LYS D 66 51.29 0.48 -56.03
N TYR D 67 50.77 1.69 -55.98
CA TYR D 67 50.44 2.46 -57.19
C TYR D 67 51.30 3.71 -57.26
N GLU D 68 51.09 4.49 -58.32
CA GLU D 68 51.88 5.69 -58.54
C GLU D 68 51.43 6.84 -57.64
N ASP D 69 50.15 7.20 -57.70
CA ASP D 69 49.59 8.30 -56.92
C ASP D 69 48.33 7.85 -56.20
N CYS D 70 48.41 6.72 -55.50
CA CYS D 70 47.34 6.33 -54.59
C CYS D 70 47.33 7.26 -53.38
N LYS D 71 46.15 7.72 -53.00
CA LYS D 71 46.00 8.70 -51.93
C LYS D 71 45.81 7.95 -50.62
N VAL D 72 46.90 7.76 -49.88
CA VAL D 72 46.78 7.23 -48.53
C VAL D 72 46.44 8.32 -47.53
N HIS D 73 46.61 9.59 -47.91
CA HIS D 73 46.31 10.71 -47.03
C HIS D 73 44.96 11.37 -47.37
N GLN D 74 44.08 10.66 -48.05
CA GLN D 74 42.76 11.21 -48.34
C GLN D 74 41.85 11.01 -47.14
N ARG D 75 40.84 11.87 -47.02
CA ARG D 75 39.99 11.89 -45.85
C ARG D 75 38.59 11.38 -46.17
N GLY D 76 37.88 11.00 -45.12
CA GLY D 76 36.47 10.70 -45.18
C GLY D 76 35.65 11.94 -44.85
N ALA D 77 34.45 11.71 -44.34
CA ALA D 77 33.59 12.82 -43.96
C ALA D 77 33.96 13.37 -42.59
N MET D 78 34.37 12.51 -41.67
CA MET D 78 34.88 12.94 -40.37
C MET D 78 36.36 13.30 -40.43
N GLY D 79 36.97 13.25 -41.59
CA GLY D 79 38.40 13.44 -41.66
C GLY D 79 39.21 12.22 -41.29
N GLU D 80 38.65 11.02 -41.44
CA GLU D 80 39.43 9.81 -41.18
C GLU D 80 40.45 9.58 -42.28
N THR D 81 41.65 9.20 -41.86
CA THR D 81 42.56 8.54 -42.77
C THR D 81 42.19 7.06 -42.84
N ALA D 82 42.91 6.30 -43.66
CA ALA D 82 42.64 4.87 -43.74
C ALA D 82 43.09 4.13 -42.49
N LEU D 83 44.01 4.70 -41.72
CA LEU D 83 44.42 4.08 -40.46
C LEU D 83 43.35 4.29 -39.39
N HIS D 84 42.61 5.40 -39.46
CA HIS D 84 41.48 5.59 -38.56
C HIS D 84 40.40 4.55 -38.80
N ILE D 85 40.12 4.23 -40.06
CA ILE D 85 39.09 3.26 -40.40
C ILE D 85 39.52 1.85 -39.97
N ALA D 86 40.81 1.56 -40.11
CA ALA D 86 41.30 0.24 -39.70
C ALA D 86 41.35 0.10 -38.19
N ALA D 87 41.58 1.20 -37.47
CA ALA D 87 41.60 1.15 -36.02
C ALA D 87 40.20 1.24 -35.43
N LEU D 88 39.23 1.75 -36.19
CA LEU D 88 37.88 1.89 -35.67
C LEU D 88 37.10 0.58 -35.79
N TYR D 89 37.36 -0.18 -36.86
CA TYR D 89 36.76 -1.49 -37.05
C TYR D 89 37.73 -2.60 -36.67
N ASP D 90 38.62 -2.30 -35.71
CA ASP D 90 39.66 -3.11 -35.06
C ASP D 90 40.30 -4.17 -35.95
N ASN D 91 40.69 -3.77 -37.15
CA ASN D 91 41.36 -4.65 -38.11
C ASN D 91 42.84 -4.55 -37.86
N LEU D 92 43.40 -5.55 -37.16
CA LEU D 92 44.81 -5.53 -36.81
C LEU D 92 45.68 -5.74 -38.04
N GLU D 93 45.31 -6.67 -38.91
CA GLU D 93 46.15 -7.02 -40.04
C GLU D 93 46.11 -5.94 -41.11
N ALA D 94 44.98 -5.28 -41.29
CA ALA D 94 44.88 -4.22 -42.28
C ALA D 94 45.57 -2.95 -41.82
N ALA D 95 45.62 -2.71 -40.51
CA ALA D 95 46.27 -1.51 -39.99
C ALA D 95 47.78 -1.60 -40.00
N MET D 96 48.34 -2.81 -40.00
CA MET D 96 49.78 -2.96 -40.15
C MET D 96 50.24 -2.53 -41.53
N VAL D 97 49.40 -2.80 -42.54
CA VAL D 97 49.76 -2.50 -43.93
C VAL D 97 49.76 -1.00 -44.17
N LEU D 98 48.87 -0.26 -43.51
CA LEU D 98 48.86 1.19 -43.67
C LEU D 98 50.02 1.87 -42.96
N MET D 99 50.64 1.21 -41.98
CA MET D 99 51.77 1.81 -41.30
C MET D 99 53.10 1.44 -41.95
N GLU D 100 53.15 0.30 -42.63
CA GLU D 100 54.35 -0.08 -43.36
C GLU D 100 54.55 0.81 -44.58
N ALA D 101 53.52 0.94 -45.40
CA ALA D 101 53.60 1.75 -46.60
C ALA D 101 53.28 3.22 -46.37
N ALA D 102 52.91 3.60 -45.14
CA ALA D 102 52.79 5.01 -44.77
C ALA D 102 53.08 5.15 -43.29
N PRO D 103 54.35 5.30 -42.90
CA PRO D 103 54.66 5.55 -41.49
C PRO D 103 54.30 6.94 -41.02
N GLU D 104 54.06 7.88 -41.94
CA GLU D 104 53.63 9.22 -41.60
C GLU D 104 52.15 9.29 -41.26
N LEU D 105 51.41 8.20 -41.52
CA LEU D 105 49.96 8.23 -41.38
C LEU D 105 49.54 8.11 -39.91
N VAL D 106 50.48 7.70 -39.06
CA VAL D 106 50.25 7.47 -37.64
C VAL D 106 50.02 8.80 -36.92
N PHE D 107 50.78 9.83 -37.34
CA PHE D 107 50.80 11.13 -36.67
C PHE D 107 49.63 12.01 -37.04
N GLU D 108 48.71 11.53 -37.87
CA GLU D 108 47.73 12.40 -38.50
C GLU D 108 46.40 12.29 -37.74
N PRO D 109 45.85 13.40 -37.24
CA PRO D 109 44.58 13.34 -36.52
C PRO D 109 43.38 13.53 -37.44
N MET D 110 42.20 13.31 -36.86
CA MET D 110 40.98 13.73 -37.54
C MET D 110 40.85 15.24 -37.47
N THR D 111 40.19 15.81 -38.48
CA THR D 111 40.08 17.26 -38.57
C THR D 111 38.64 17.79 -38.62
N SER D 112 37.64 16.93 -38.54
CA SER D 112 36.28 17.42 -38.52
C SER D 112 35.96 18.05 -37.18
N GLU D 113 34.97 18.95 -37.18
CA GLU D 113 34.62 19.70 -35.98
C GLU D 113 34.03 18.80 -34.91
N LEU D 114 33.39 17.69 -35.31
CA LEU D 114 32.81 16.77 -34.35
C LEU D 114 33.89 15.97 -33.63
N TYR D 115 34.88 15.48 -34.37
CA TYR D 115 35.99 14.72 -33.81
C TYR D 115 37.29 15.43 -34.18
N GLU D 116 37.68 16.42 -33.39
CA GLU D 116 38.93 17.13 -33.61
C GLU D 116 40.07 16.41 -32.90
N GLY D 117 41.20 16.32 -33.56
CA GLY D 117 42.43 15.87 -32.94
C GLY D 117 42.49 14.42 -32.52
N GLN D 118 41.47 13.63 -32.79
CA GLN D 118 41.43 12.22 -32.37
C GLN D 118 42.38 11.44 -33.26
N THR D 119 43.56 11.12 -32.74
CA THR D 119 44.53 10.37 -33.51
C THR D 119 44.14 8.90 -33.55
N ALA D 120 44.92 8.11 -34.31
CA ALA D 120 44.66 6.68 -34.40
C ALA D 120 45.00 5.96 -33.11
N LEU D 121 45.82 6.57 -32.25
CA LEU D 121 46.10 5.98 -30.95
C LEU D 121 44.91 6.09 -30.01
N HIS D 122 44.08 7.13 -30.18
CA HIS D 122 42.88 7.26 -29.37
C HIS D 122 41.89 6.15 -29.68
N ILE D 123 41.77 5.78 -30.95
CA ILE D 123 40.71 4.85 -31.35
C ILE D 123 41.07 3.42 -30.95
N ALA D 124 42.35 3.06 -31.08
CA ALA D 124 42.80 1.72 -30.71
C ALA D 124 42.83 1.51 -29.21
N VAL D 125 42.72 2.57 -28.42
CA VAL D 125 42.68 2.49 -26.96
C VAL D 125 41.26 2.32 -26.43
N VAL D 126 40.29 3.01 -27.03
CA VAL D 126 38.90 2.98 -26.58
C VAL D 126 38.27 1.60 -26.70
N ASN D 127 38.71 0.78 -27.65
CA ASN D 127 38.16 -0.55 -27.89
C ASN D 127 38.53 -1.57 -26.81
N GLN D 128 39.15 -1.12 -25.70
CA GLN D 128 39.40 -1.83 -24.43
C GLN D 128 40.48 -2.90 -24.60
N ASN D 129 40.96 -3.04 -25.83
CA ASN D 129 41.93 -4.02 -26.27
C ASN D 129 42.45 -3.50 -27.60
N MET D 130 43.71 -3.80 -27.91
CA MET D 130 44.33 -4.02 -29.22
C MET D 130 45.76 -4.48 -28.98
N ASN D 131 46.30 -5.18 -29.98
CA ASN D 131 47.72 -5.35 -30.16
C ASN D 131 48.28 -4.29 -31.09
N LEU D 132 47.44 -3.32 -31.46
CA LEU D 132 47.82 -2.17 -32.29
C LEU D 132 48.44 -1.05 -31.47
N VAL D 133 48.07 -0.95 -30.18
CA VAL D 133 48.67 0.06 -29.32
C VAL D 133 50.13 -0.25 -29.01
N ARG D 134 50.54 -1.52 -29.11
CA ARG D 134 51.97 -1.80 -29.15
C ARG D 134 52.57 -1.30 -30.45
N ALA D 135 51.84 -1.47 -31.56
CA ALA D 135 52.36 -1.14 -32.87
C ALA D 135 52.34 0.35 -33.13
N LEU D 136 51.32 1.06 -32.65
CA LEU D 136 51.26 2.51 -32.85
C LEU D 136 52.33 3.22 -32.02
N LEU D 137 52.55 2.77 -30.80
CA LEU D 137 53.59 3.36 -29.97
C LEU D 137 54.99 2.95 -30.42
N ALA D 138 55.12 1.83 -31.12
CA ALA D 138 56.38 1.50 -31.77
C ALA D 138 56.70 2.44 -32.92
N ARG D 139 55.68 3.03 -33.54
CA ARG D 139 55.86 4.07 -34.54
C ARG D 139 55.86 5.47 -33.93
N ARG D 140 56.23 5.58 -32.64
CA ARG D 140 56.28 6.80 -31.81
C ARG D 140 55.04 7.70 -31.96
N ALA D 141 53.86 7.10 -31.81
CA ALA D 141 52.63 7.87 -31.80
C ALA D 141 52.56 8.76 -30.56
N SER D 142 51.92 9.91 -30.73
CA SER D 142 51.90 10.93 -29.69
C SER D 142 50.96 10.53 -28.58
N VAL D 143 51.48 10.41 -27.35
CA VAL D 143 50.66 10.14 -26.19
C VAL D 143 50.09 11.41 -25.58
N SER D 144 50.38 12.57 -26.15
CA SER D 144 49.86 13.84 -25.66
C SER D 144 48.96 14.49 -26.70
N ALA D 145 48.20 13.67 -27.43
CA ALA D 145 47.25 14.15 -28.41
C ALA D 145 45.93 14.47 -27.73
N ARG D 146 45.37 15.64 -28.03
CA ARG D 146 44.18 16.14 -27.37
C ARG D 146 42.98 15.98 -28.29
N ALA D 147 42.08 15.05 -27.95
CA ALA D 147 40.84 14.88 -28.69
C ALA D 147 39.87 15.99 -28.29
N THR D 148 40.06 17.16 -28.89
CA THR D 148 39.35 18.36 -28.50
C THR D 148 38.05 18.57 -29.26
N GLY D 149 37.50 17.52 -29.87
CA GLY D 149 36.30 17.69 -30.66
C GLY D 149 35.05 17.73 -29.81
N THR D 150 33.97 18.21 -30.43
CA THR D 150 32.71 18.42 -29.72
C THR D 150 31.97 17.14 -29.41
N ALA D 151 32.42 15.99 -29.89
CA ALA D 151 31.85 14.71 -29.50
C ALA D 151 32.52 14.13 -28.27
N PHE D 152 33.50 14.84 -27.69
CA PHE D 152 34.19 14.38 -26.50
C PHE D 152 33.99 15.28 -25.29
N ARG D 153 33.39 16.45 -25.47
CA ARG D 153 33.02 17.27 -24.32
C ARG D 153 31.92 16.59 -23.53
N ARG D 154 31.83 16.91 -22.25
CA ARG D 154 30.73 16.40 -21.46
C ARG D 154 29.49 17.23 -21.74
N SER D 155 28.39 16.54 -21.98
CA SER D 155 27.12 17.15 -22.33
C SER D 155 26.04 16.12 -22.10
N PRO D 156 24.77 16.53 -22.01
CA PRO D 156 23.70 15.54 -22.10
C PRO D 156 23.28 15.25 -23.52
N CYS D 157 24.25 15.17 -24.42
CA CYS D 157 24.05 14.71 -25.77
C CYS D 157 25.22 13.87 -26.27
N ASN D 158 26.24 13.65 -25.43
CA ASN D 158 27.30 12.71 -25.69
C ASN D 158 27.20 11.61 -24.66
N LEU D 159 27.19 10.36 -25.11
CA LEU D 159 27.04 9.26 -24.17
C LEU D 159 28.31 9.01 -23.38
N ILE D 160 29.46 9.47 -23.87
CA ILE D 160 30.73 9.30 -23.18
C ILE D 160 31.28 10.65 -22.81
N TYR D 161 32.02 10.68 -21.69
CA TYR D 161 32.99 11.74 -21.43
C TYR D 161 34.25 11.02 -20.97
N PHE D 162 35.15 10.77 -21.91
CA PHE D 162 36.36 10.05 -21.59
C PHE D 162 37.55 10.97 -21.34
N GLY D 163 37.49 12.22 -21.79
CA GLY D 163 38.59 13.14 -21.61
C GLY D 163 39.11 13.66 -22.93
N GLU D 164 40.44 13.82 -23.00
CA GLU D 164 41.08 14.25 -24.24
C GLU D 164 42.30 13.41 -24.58
N HIS D 165 42.89 12.78 -23.60
CA HIS D 165 44.20 12.18 -23.72
C HIS D 165 44.10 10.66 -23.83
N PRO D 166 45.12 9.98 -24.37
CA PRO D 166 45.03 8.52 -24.52
C PRO D 166 44.94 7.75 -23.20
N LEU D 167 45.63 8.19 -22.15
CA LEU D 167 45.48 7.51 -20.87
C LEU D 167 44.20 7.93 -20.16
N SER D 168 43.60 9.05 -20.55
CA SER D 168 42.24 9.33 -20.10
C SER D 168 41.25 8.41 -20.81
N PHE D 169 41.54 8.03 -22.06
CA PHE D 169 40.67 7.08 -22.73
C PHE D 169 40.89 5.66 -22.22
N ALA D 170 42.12 5.34 -21.81
CA ALA D 170 42.44 3.99 -21.38
C ALA D 170 41.98 3.72 -19.96
N ALA D 171 41.96 4.73 -19.10
CA ALA D 171 41.54 4.53 -17.73
C ALA D 171 40.03 4.47 -17.58
N CYS D 172 39.29 4.97 -18.56
CA CYS D 172 37.83 4.97 -18.49
C CYS D 172 37.21 3.74 -19.14
N VAL D 173 38.00 2.91 -19.82
CA VAL D 173 37.51 1.64 -20.34
C VAL D 173 37.96 0.46 -19.49
N ASN D 174 38.63 0.74 -18.36
CA ASN D 174 39.18 -0.25 -17.41
C ASN D 174 40.12 -1.22 -18.11
N SER D 175 41.21 -0.65 -18.63
CA SER D 175 42.24 -1.44 -19.29
C SER D 175 43.54 -1.21 -18.53
N GLU D 176 43.80 -2.06 -17.54
CA GLU D 176 44.99 -1.87 -16.71
C GLU D 176 46.26 -2.25 -17.45
N GLU D 177 46.16 -3.05 -18.52
CA GLU D 177 47.34 -3.35 -19.31
C GLU D 177 47.71 -2.19 -20.22
N ILE D 178 46.71 -1.44 -20.69
CA ILE D 178 46.98 -0.36 -21.63
C ILE D 178 47.39 0.91 -20.89
N VAL D 179 46.86 1.16 -19.69
CA VAL D 179 47.24 2.33 -18.89
C VAL D 179 48.71 2.24 -18.49
N ARG D 180 49.14 1.06 -18.06
CA ARG D 180 50.54 0.86 -17.71
C ARG D 180 51.44 0.97 -18.93
N LEU D 181 50.95 0.56 -20.09
CA LEU D 181 51.75 0.61 -21.31
C LEU D 181 51.77 2.02 -21.91
N LEU D 182 50.79 2.86 -21.61
CA LEU D 182 50.84 4.25 -22.02
C LEU D 182 51.80 5.06 -21.15
N ILE D 183 51.83 4.78 -19.85
CA ILE D 183 52.67 5.56 -18.92
C ILE D 183 54.14 5.24 -19.14
N GLU D 184 54.45 3.98 -19.48
CA GLU D 184 55.83 3.60 -19.78
C GLU D 184 56.37 4.24 -21.05
N HIS D 185 55.50 4.72 -21.93
CA HIS D 185 55.91 5.44 -23.11
C HIS D 185 55.84 6.95 -22.93
N GLY D 186 55.64 7.42 -21.70
CA GLY D 186 55.72 8.83 -21.41
C GLY D 186 54.41 9.59 -21.36
N ALA D 187 53.31 8.94 -21.00
CA ALA D 187 52.04 9.62 -20.87
C ALA D 187 52.07 10.48 -19.60
N ASP D 188 51.71 11.75 -19.74
CA ASP D 188 51.74 12.66 -18.60
C ASP D 188 50.61 12.32 -17.65
N ILE D 189 50.95 12.16 -16.37
CA ILE D 189 49.95 11.74 -15.40
C ILE D 189 49.09 12.92 -14.98
N ARG D 190 49.51 14.15 -15.30
CA ARG D 190 48.88 15.37 -14.83
C ARG D 190 48.18 16.13 -15.93
N ALA D 191 47.90 15.49 -17.06
CA ALA D 191 47.29 16.18 -18.18
C ALA D 191 45.83 16.49 -17.88
N GLN D 192 45.42 17.71 -18.24
CA GLN D 192 44.09 18.20 -17.93
C GLN D 192 43.32 18.48 -19.22
N ASP D 193 42.01 18.60 -19.08
CA ASP D 193 41.13 18.77 -20.22
C ASP D 193 40.92 20.25 -20.53
N SER D 194 39.88 20.54 -21.31
CA SER D 194 39.37 21.90 -21.41
C SER D 194 38.57 22.27 -20.17
N LEU D 195 37.99 21.28 -19.49
CA LEU D 195 37.28 21.51 -18.25
C LEU D 195 38.21 21.59 -17.05
N GLY D 196 39.50 21.34 -17.24
CA GLY D 196 40.44 21.31 -16.15
C GLY D 196 40.57 19.97 -15.46
N ASN D 197 39.74 19.00 -15.82
CA ASN D 197 39.76 17.69 -15.19
C ASN D 197 41.03 16.93 -15.53
N THR D 198 41.74 16.45 -14.53
CA THR D 198 42.87 15.56 -14.76
C THR D 198 42.33 14.15 -14.96
N VAL D 199 43.21 13.16 -15.01
CA VAL D 199 42.81 11.77 -15.19
C VAL D 199 41.97 11.30 -14.01
N LEU D 200 42.26 11.80 -12.82
CA LEU D 200 41.61 11.31 -11.61
C LEU D 200 40.24 11.92 -11.40
N HIS D 201 39.94 13.05 -12.04
CA HIS D 201 38.59 13.61 -12.01
C HIS D 201 37.65 12.82 -12.90
N ILE D 202 38.15 12.36 -14.04
CA ILE D 202 37.29 11.74 -15.04
C ILE D 202 36.81 10.39 -14.58
N LEU D 203 37.62 9.66 -13.80
CA LEU D 203 37.23 8.36 -13.26
C LEU D 203 36.04 8.47 -12.30
N ILE D 204 35.84 9.63 -11.70
CA ILE D 204 34.77 9.78 -10.72
C ILE D 204 33.42 9.88 -11.40
N LEU D 205 33.34 10.61 -12.51
CA LEU D 205 32.07 10.80 -13.19
C LEU D 205 31.86 9.83 -14.35
N GLN D 206 32.36 8.56 -14.21
CA GLN D 206 32.12 7.41 -15.06
C GLN D 206 30.92 6.62 -14.56
N PRO D 207 30.18 5.94 -15.44
CA PRO D 207 28.99 5.22 -14.99
C PRO D 207 29.25 3.93 -14.24
N ASN D 208 30.45 3.37 -14.32
CA ASN D 208 30.75 2.11 -13.65
C ASN D 208 31.66 2.42 -12.46
N LYS D 209 31.04 2.54 -11.29
CA LYS D 209 31.68 3.08 -10.10
C LYS D 209 32.60 2.10 -9.43
N THR D 210 32.40 0.80 -9.64
CA THR D 210 33.22 -0.20 -8.98
C THR D 210 34.58 -0.34 -9.65
N PHE D 211 34.60 -0.35 -10.99
CA PHE D 211 35.84 -0.48 -11.74
C PHE D 211 36.68 0.79 -11.71
N ALA D 212 36.09 1.93 -11.33
CA ALA D 212 36.87 3.15 -11.18
C ALA D 212 37.63 3.19 -9.87
N CYS D 213 37.24 2.36 -8.89
CA CYS D 213 38.00 2.31 -7.65
C CYS D 213 39.29 1.52 -7.82
N GLN D 214 39.30 0.52 -8.70
CA GLN D 214 40.54 -0.17 -9.01
C GLN D 214 41.46 0.72 -9.82
N MET D 215 40.90 1.58 -10.66
CA MET D 215 41.72 2.46 -11.47
C MET D 215 42.20 3.69 -10.72
N TYR D 216 41.45 4.15 -9.71
CA TYR D 216 41.88 5.29 -8.92
C TYR D 216 43.15 4.98 -8.15
N ASN D 217 43.29 3.72 -7.71
CA ASN D 217 44.48 3.31 -6.99
C ASN D 217 45.66 3.11 -7.93
N LEU D 218 45.39 2.71 -9.17
CA LEU D 218 46.48 2.44 -10.11
C LEU D 218 47.10 3.73 -10.62
N LEU D 219 46.29 4.76 -10.84
CA LEU D 219 46.82 6.02 -11.35
C LEU D 219 47.56 6.79 -10.27
N LEU D 220 47.24 6.56 -8.99
CA LEU D 220 48.02 7.18 -7.92
C LEU D 220 49.33 6.46 -7.67
N SER D 221 49.40 5.18 -8.01
CA SER D 221 50.65 4.43 -7.80
C SER D 221 51.75 4.92 -8.71
N TYR D 222 51.39 5.43 -9.88
CA TYR D 222 52.35 5.97 -10.83
C TYR D 222 52.60 7.45 -10.62
N ASP D 223 52.18 8.01 -9.50
CA ASP D 223 52.49 9.40 -9.25
C ASP D 223 53.95 9.56 -8.84
N ARG D 224 54.29 9.07 -7.63
CA ARG D 224 55.60 9.10 -6.96
C ARG D 224 56.41 10.37 -7.21
N HIS D 225 55.71 11.51 -7.18
CA HIS D 225 56.22 12.72 -7.83
C HIS D 225 56.96 13.57 -6.82
N GLY D 226 58.28 13.65 -6.96
CA GLY D 226 59.15 14.32 -6.01
C GLY D 226 58.85 15.80 -5.90
N ASP D 227 58.52 16.42 -7.02
CA ASP D 227 57.89 17.73 -6.97
C ASP D 227 56.42 17.52 -6.61
N HIS D 228 56.11 17.47 -5.31
CA HIS D 228 54.78 17.00 -4.91
C HIS D 228 53.70 18.02 -5.19
N LEU D 229 53.71 19.15 -4.43
CA LEU D 229 53.00 20.40 -4.72
C LEU D 229 51.55 20.23 -5.16
N GLN D 230 50.65 19.89 -4.22
CA GLN D 230 49.29 19.34 -4.39
C GLN D 230 49.39 18.09 -5.25
N PRO D 231 49.73 16.93 -4.62
CA PRO D 231 50.42 15.82 -5.32
C PRO D 231 49.75 15.23 -6.55
N LEU D 232 48.59 14.60 -6.43
CA LEU D 232 47.87 14.23 -7.64
C LEU D 232 46.37 14.33 -7.45
N ASP D 233 45.92 14.17 -6.21
CA ASP D 233 44.50 14.22 -5.90
C ASP D 233 44.14 15.46 -5.10
N LEU D 234 45.02 16.44 -5.06
CA LEU D 234 44.76 17.73 -4.47
C LEU D 234 44.74 18.83 -5.51
N VAL D 235 44.95 18.51 -6.78
CA VAL D 235 44.96 19.51 -7.85
C VAL D 235 43.51 19.68 -8.35
N PRO D 236 43.02 20.91 -8.45
CA PRO D 236 41.62 21.11 -8.84
C PRO D 236 41.43 21.31 -10.34
N ASN D 237 40.17 21.18 -10.76
CA ASN D 237 39.78 21.50 -12.12
C ASN D 237 39.48 22.99 -12.25
N HIS D 238 38.86 23.40 -13.34
CA HIS D 238 38.62 24.81 -13.61
C HIS D 238 37.39 25.36 -12.90
N GLN D 239 36.85 24.66 -11.90
CA GLN D 239 35.88 25.26 -10.99
C GLN D 239 36.23 24.98 -9.54
N GLY D 240 37.50 24.66 -9.25
CA GLY D 240 37.99 24.62 -7.89
C GLY D 240 37.64 23.38 -7.11
N LEU D 241 37.38 22.27 -7.78
CA LEU D 241 37.01 21.03 -7.13
C LEU D 241 38.14 20.03 -7.27
N THR D 242 38.56 19.44 -6.15
CA THR D 242 39.51 18.33 -6.13
C THR D 242 38.79 17.05 -6.53
N PRO D 243 39.50 15.91 -6.68
CA PRO D 243 38.75 14.66 -6.85
C PRO D 243 37.88 14.28 -5.67
N PHE D 244 38.26 14.66 -4.45
CA PHE D 244 37.43 14.34 -3.30
C PHE D 244 36.14 15.15 -3.29
N LYS D 245 36.22 16.44 -3.64
CA LYS D 245 35.02 17.26 -3.66
C LYS D 245 34.15 16.97 -4.87
N LEU D 246 34.74 16.45 -5.95
CA LEU D 246 33.95 16.14 -7.14
C LEU D 246 33.10 14.90 -6.93
N ALA D 247 33.56 13.96 -6.11
CA ALA D 247 32.73 12.83 -5.75
C ALA D 247 31.60 13.23 -4.83
N GLY D 248 31.72 14.36 -4.14
CA GLY D 248 30.64 14.89 -3.35
C GLY D 248 29.56 15.51 -4.21
N VAL D 249 29.97 16.27 -5.23
CA VAL D 249 29.01 16.97 -6.08
C VAL D 249 28.30 16.01 -7.01
N GLU D 250 29.04 15.08 -7.62
CA GLU D 250 28.48 14.19 -8.62
C GLU D 250 27.65 13.06 -8.02
N GLY D 251 27.59 12.94 -6.70
CA GLY D 251 26.78 11.91 -6.10
C GLY D 251 27.43 10.56 -6.04
N ASN D 252 28.73 10.49 -6.28
CA ASN D 252 29.43 9.21 -6.30
C ASN D 252 29.62 8.74 -4.87
N THR D 253 28.75 7.83 -4.43
CA THR D 253 28.85 7.28 -3.08
C THR D 253 29.99 6.28 -2.98
N VAL D 254 30.24 5.52 -4.06
CA VAL D 254 31.25 4.47 -4.02
C VAL D 254 32.65 5.06 -4.03
N MET D 255 32.89 6.07 -4.86
CA MET D 255 34.16 6.77 -4.85
C MET D 255 34.26 7.82 -3.75
N PHE D 256 33.27 7.93 -2.87
CA PHE D 256 33.43 8.79 -1.71
C PHE D 256 33.95 8.01 -0.51
N GLN D 257 33.46 6.78 -0.33
CA GLN D 257 33.96 5.93 0.74
C GLN D 257 35.38 5.48 0.48
N HIS D 258 35.73 5.29 -0.80
CA HIS D 258 37.09 4.89 -1.13
C HIS D 258 38.05 6.08 -1.03
N LEU D 259 37.58 7.28 -1.36
CA LEU D 259 38.40 8.47 -1.19
C LEU D 259 38.58 8.83 0.28
N MET D 260 37.68 8.39 1.15
CA MET D 260 37.76 8.72 2.55
C MET D 260 38.76 7.83 3.28
N GLN D 261 39.21 6.75 2.65
CA GLN D 261 40.10 5.79 3.30
C GLN D 261 41.49 6.35 3.56
N LYS D 262 41.91 7.36 2.81
CA LYS D 262 43.20 7.98 3.05
C LYS D 262 43.11 9.17 4.00
N ARG D 263 41.95 9.38 4.62
CA ARG D 263 41.75 10.47 5.57
C ARG D 263 41.50 9.97 6.98
N LYS D 264 40.79 8.86 7.14
CA LYS D 264 40.69 8.24 8.45
C LYS D 264 41.99 7.51 8.77
N HIS D 265 42.23 7.31 10.07
CA HIS D 265 43.23 6.36 10.53
C HIS D 265 42.87 5.92 11.94
N THR D 266 42.94 4.63 12.17
CA THR D 266 42.52 4.07 13.44
C THR D 266 43.55 4.38 14.52
N GLN D 267 43.13 5.09 15.56
CA GLN D 267 43.98 5.30 16.72
C GLN D 267 44.22 4.00 17.45
N TRP D 268 43.15 3.30 17.78
CA TRP D 268 43.25 2.02 18.48
C TRP D 268 42.04 1.17 18.17
N THR D 269 42.25 -0.14 18.20
CA THR D 269 41.18 -1.11 18.18
C THR D 269 41.22 -1.86 19.51
N TYR D 270 40.03 -2.09 20.08
CA TYR D 270 39.94 -2.66 21.42
C TYR D 270 38.84 -3.72 21.36
N GLY D 271 39.23 -4.94 21.01
CA GLY D 271 38.29 -6.00 20.79
C GLY D 271 37.36 -5.68 19.64
N PRO D 272 36.06 -5.55 19.93
CA PRO D 272 35.09 -5.15 18.89
C PRO D 272 35.03 -3.66 18.64
N LEU D 273 35.91 -2.87 19.24
CA LEU D 273 35.72 -1.44 19.39
C LEU D 273 36.94 -0.72 18.83
N THR D 274 36.77 -0.04 17.70
CA THR D 274 37.83 0.72 17.05
C THR D 274 37.57 2.20 17.23
N SER D 275 38.60 3.02 17.00
CA SER D 275 38.49 4.47 17.18
C SER D 275 39.23 5.18 16.05
N THR D 276 38.52 5.46 14.97
CA THR D 276 39.10 6.16 13.84
C THR D 276 39.14 7.66 14.10
N LEU D 277 39.86 8.37 13.24
CA LEU D 277 40.09 9.80 13.42
C LEU D 277 40.07 10.44 12.04
N TYR D 278 38.97 11.11 11.71
CA TYR D 278 38.76 11.61 10.35
C TYR D 278 39.43 12.96 10.16
N ASP D 279 39.88 13.21 8.93
CA ASP D 279 40.74 14.36 8.67
C ASP D 279 39.95 15.65 8.67
N LEU D 280 38.78 15.65 8.03
CA LEU D 280 37.77 16.71 8.10
C LEU D 280 38.29 18.06 7.59
N THR D 281 39.33 18.06 6.76
CA THR D 281 39.90 19.31 6.28
C THR D 281 39.35 19.73 4.92
N GLU D 282 38.57 18.88 4.26
CA GLU D 282 37.88 19.26 3.04
C GLU D 282 36.38 19.07 3.15
N ILE D 283 35.86 18.88 4.36
CA ILE D 283 34.44 18.74 4.59
C ILE D 283 33.88 19.93 5.36
N ASP D 284 34.57 20.36 6.41
CA ASP D 284 34.14 21.47 7.24
C ASP D 284 34.64 22.79 6.63
N SER D 285 33.91 23.87 6.94
CA SER D 285 34.19 25.19 6.38
C SER D 285 35.48 25.73 6.98
N SER D 286 36.58 25.63 6.21
CA SER D 286 37.87 26.10 6.69
C SER D 286 37.94 27.62 6.67
N GLY D 287 37.82 28.21 5.49
CA GLY D 287 37.85 29.66 5.35
C GLY D 287 36.84 30.15 4.34
N ASP D 288 37.30 30.98 3.40
CA ASP D 288 36.43 31.49 2.35
C ASP D 288 36.21 30.48 1.23
N GLU D 289 36.89 29.34 1.27
CA GLU D 289 36.70 28.32 0.26
C GLU D 289 35.39 27.58 0.49
N GLN D 290 34.78 27.12 -0.60
CA GLN D 290 33.52 26.41 -0.53
C GLN D 290 33.77 24.99 -0.02
N SER D 291 33.27 24.70 1.18
CA SER D 291 33.43 23.38 1.76
C SER D 291 32.47 22.39 1.13
N LEU D 292 32.72 21.11 1.38
CA LEU D 292 31.94 20.05 0.73
C LEU D 292 30.51 20.00 1.23
N LEU D 293 30.22 20.52 2.42
CA LEU D 293 28.83 20.60 2.85
C LEU D 293 28.07 21.68 2.09
N GLU D 294 28.78 22.69 1.60
CA GLU D 294 28.13 23.73 0.81
C GLU D 294 27.93 23.30 -0.62
N LEU D 295 28.75 22.38 -1.12
CA LEU D 295 28.61 21.92 -2.50
C LEU D 295 27.45 20.95 -2.66
N ILE D 296 27.16 20.14 -1.64
CA ILE D 296 26.07 19.19 -1.75
C ILE D 296 24.73 19.91 -1.70
N ILE D 297 24.63 20.97 -0.91
CA ILE D 297 23.39 21.72 -0.83
C ILE D 297 23.16 22.55 -2.08
N THR D 298 24.20 23.19 -2.60
CA THR D 298 24.02 24.06 -3.74
C THR D 298 24.29 23.34 -5.06
N THR D 299 23.97 22.04 -5.13
CA THR D 299 24.02 21.33 -6.39
C THR D 299 22.61 20.84 -6.69
N LYS D 300 22.40 20.44 -7.95
CA LYS D 300 21.08 20.12 -8.46
C LYS D 300 20.89 18.61 -8.67
N LYS D 301 21.57 17.79 -7.89
CA LYS D 301 21.46 16.35 -8.00
C LYS D 301 20.75 15.78 -6.78
N ARG D 302 19.92 14.77 -7.02
CA ARG D 302 19.25 14.07 -5.94
C ARG D 302 20.16 13.05 -5.26
N GLU D 303 21.04 12.43 -6.04
CA GLU D 303 21.94 11.43 -5.50
C GLU D 303 23.16 12.01 -4.79
N ALA D 304 23.35 13.33 -4.86
CA ALA D 304 24.44 13.96 -4.12
C ALA D 304 24.16 14.04 -2.64
N ARG D 305 22.91 14.05 -2.24
CA ARG D 305 22.51 14.20 -0.84
C ARG D 305 22.47 12.87 -0.11
N GLN D 306 23.03 11.82 -0.67
CA GLN D 306 23.25 10.59 0.06
C GLN D 306 24.64 10.52 0.67
N ILE D 307 25.48 11.53 0.41
CA ILE D 307 26.77 11.68 1.07
C ILE D 307 26.61 12.30 2.45
N LEU D 308 25.44 12.85 2.73
CA LEU D 308 25.04 13.31 4.06
C LEU D 308 24.77 12.18 5.03
N ASP D 309 24.76 10.93 4.57
CA ASP D 309 24.55 9.76 5.42
C ASP D 309 25.84 8.98 5.62
N GLN D 310 26.97 9.52 5.19
CA GLN D 310 28.25 8.84 5.30
C GLN D 310 28.91 9.14 6.64
N THR D 311 29.74 8.21 7.10
CA THR D 311 30.25 8.23 8.46
C THR D 311 31.13 9.39 8.94
N PRO D 312 31.84 10.19 8.10
CA PRO D 312 32.38 11.43 8.65
C PRO D 312 31.49 12.66 8.48
N VAL D 313 30.38 12.53 7.76
CA VAL D 313 29.53 13.68 7.42
C VAL D 313 28.24 13.68 8.23
N LYS D 314 27.61 12.51 8.41
CA LYS D 314 26.41 12.49 9.24
C LYS D 314 26.71 12.64 10.72
N GLU D 315 27.97 12.49 11.12
CA GLU D 315 28.39 12.70 12.48
C GLU D 315 29.07 14.04 12.66
N LEU D 316 29.24 14.81 11.59
CA LEU D 316 29.68 16.19 11.62
C LEU D 316 28.49 17.13 11.61
N VAL D 317 27.45 16.79 10.85
CA VAL D 317 26.26 17.62 10.79
C VAL D 317 25.48 17.56 12.10
N SER D 318 25.23 16.35 12.59
CA SER D 318 24.50 16.18 13.84
C SER D 318 25.38 16.37 15.06
N LEU D 319 26.52 17.00 14.91
CA LEU D 319 27.35 17.45 16.02
C LEU D 319 27.43 18.96 16.11
N LYS D 320 27.27 19.67 15.00
CA LYS D 320 27.14 21.11 15.03
C LYS D 320 25.71 21.57 14.79
N TRP D 321 24.75 20.64 14.85
CA TRP D 321 23.35 20.98 14.97
C TRP D 321 22.82 20.78 16.39
N LYS D 322 23.25 19.72 17.07
CA LYS D 322 22.87 19.54 18.46
C LYS D 322 23.54 20.58 19.34
N ARG D 323 24.82 20.83 19.14
CA ARG D 323 25.55 21.77 19.98
C ARG D 323 25.16 23.20 19.69
N TYR D 324 25.35 23.64 18.44
CA TYR D 324 25.37 25.06 18.11
C TYR D 324 24.31 25.47 17.11
N GLY D 325 23.78 24.54 16.32
CA GLY D 325 22.83 24.88 15.30
C GLY D 325 21.43 25.03 15.82
N ARG D 326 21.01 24.17 16.76
CA ARG D 326 19.66 24.27 17.30
C ARG D 326 19.48 25.41 18.30
N PRO D 327 20.41 25.70 19.24
CA PRO D 327 20.20 26.91 20.06
C PRO D 327 20.21 28.22 19.31
N TYR D 328 20.94 28.32 18.21
CA TYR D 328 20.93 29.53 17.41
C TYR D 328 19.82 29.55 16.37
N PHE D 329 18.95 28.55 16.37
CA PHE D 329 17.82 28.52 15.46
C PHE D 329 16.50 28.60 16.19
N CYS D 330 16.46 28.21 17.45
CA CYS D 330 15.31 28.44 18.30
C CYS D 330 15.38 29.78 19.03
N MET D 331 16.53 30.46 18.98
CA MET D 331 16.57 31.87 19.36
C MET D 331 16.10 32.76 18.23
N LEU D 332 16.40 32.42 16.99
CA LEU D 332 15.88 33.20 15.88
C LEU D 332 14.44 32.87 15.56
N GLY D 333 13.94 31.73 16.02
CA GLY D 333 12.54 31.40 15.87
C GLY D 333 11.67 31.91 16.98
N ALA D 334 12.26 32.30 18.09
CA ALA D 334 11.55 32.97 19.17
C ALA D 334 11.60 34.48 19.05
N ILE D 335 12.63 35.03 18.42
CA ILE D 335 12.62 36.47 18.15
C ILE D 335 11.63 36.78 17.02
N TYR D 336 11.61 35.96 15.98
CA TYR D 336 10.72 36.21 14.85
C TYR D 336 9.26 36.00 15.21
N LEU D 337 8.95 34.97 15.99
CA LEU D 337 7.58 34.76 16.42
C LEU D 337 7.12 35.83 17.41
N LEU D 338 8.05 36.47 18.10
CA LEU D 338 7.71 37.59 18.97
C LEU D 338 7.82 38.92 18.25
N TYR D 339 8.58 38.99 17.16
CA TYR D 339 8.52 40.16 16.29
C TYR D 339 7.18 40.30 15.60
N ILE D 340 6.50 39.19 15.34
CA ILE D 340 5.30 39.25 14.51
C ILE D 340 4.03 39.23 15.34
N ILE D 341 4.13 39.03 16.65
CA ILE D 341 3.02 39.37 17.53
C ILE D 341 2.93 40.89 17.69
N CYS D 342 4.06 41.59 17.67
CA CYS D 342 3.99 43.05 17.71
C CYS D 342 3.85 43.67 16.34
N PHE D 343 3.81 42.87 15.27
CA PHE D 343 3.28 43.33 14.00
C PHE D 343 1.79 43.08 13.86
N THR D 344 1.30 41.97 14.42
CA THR D 344 -0.14 41.72 14.42
C THR D 344 -0.88 42.76 15.23
N MET D 345 -0.40 43.07 16.43
CA MET D 345 -1.10 44.02 17.30
C MET D 345 -1.01 45.46 16.80
N CYS D 346 -0.09 45.80 15.91
CA CYS D 346 -0.10 47.13 15.32
C CYS D 346 -0.89 47.16 14.03
N CYS D 347 -1.57 46.06 13.71
CA CYS D 347 -2.58 46.04 12.65
C CYS D 347 -3.98 45.81 13.18
N ILE D 348 -4.13 45.11 14.31
CA ILE D 348 -5.39 45.07 15.02
C ILE D 348 -5.81 46.44 15.52
N TYR D 349 -4.88 47.23 16.04
CA TYR D 349 -5.19 48.50 16.68
C TYR D 349 -4.94 49.70 15.77
N ARG D 350 -5.08 49.53 14.46
CA ARG D 350 -4.76 50.59 13.49
C ARG D 350 -5.74 51.75 13.63
N PRO D 351 -5.33 52.98 13.26
CA PRO D 351 -6.22 54.14 13.44
C PRO D 351 -7.37 54.10 12.44
N LEU D 352 -8.58 54.35 12.93
CA LEU D 352 -9.76 54.00 12.16
C LEU D 352 -10.93 54.84 12.69
N LYS D 353 -11.29 55.90 11.97
CA LYS D 353 -12.37 56.81 12.37
C LYS D 353 -13.69 56.22 11.92
N PRO D 354 -14.82 56.89 12.20
CA PRO D 354 -16.05 56.56 11.49
C PRO D 354 -16.19 57.35 10.19
N ARG D 355 -17.22 56.99 9.44
CA ARG D 355 -17.39 57.43 8.07
C ARG D 355 -18.06 58.81 8.03
N THR D 356 -17.71 59.60 7.00
CA THR D 356 -18.23 60.94 6.84
C THR D 356 -19.02 61.18 5.55
N ASN D 357 -18.86 60.35 4.52
CA ASN D 357 -19.37 60.68 3.20
C ASN D 357 -20.79 60.17 2.94
N ASN D 358 -21.59 59.95 4.00
CA ASN D 358 -23.05 59.81 3.95
C ASN D 358 -23.58 58.59 3.21
N ARG D 359 -22.70 57.71 2.73
CA ARG D 359 -22.97 56.54 1.86
C ARG D 359 -23.99 56.87 0.75
N THR D 360 -23.60 57.80 -0.11
CA THR D 360 -24.34 58.15 -1.31
C THR D 360 -23.83 57.33 -2.50
N SER D 361 -23.35 56.13 -2.18
CA SER D 361 -22.86 55.06 -3.03
C SER D 361 -24.07 54.31 -3.60
N PRO D 362 -23.88 53.21 -4.37
CA PRO D 362 -25.03 52.33 -4.64
C PRO D 362 -25.54 51.67 -3.37
N ARG D 363 -26.40 52.43 -2.68
CA ARG D 363 -27.08 52.14 -1.42
C ARG D 363 -27.59 50.72 -1.31
N ASP D 364 -27.39 50.14 -0.10
CA ASP D 364 -27.68 48.78 0.34
C ASP D 364 -26.69 47.76 -0.20
N ASN D 365 -25.86 48.16 -1.17
CA ASN D 365 -24.72 47.35 -1.60
C ASN D 365 -23.44 47.99 -1.09
N THR D 366 -23.53 48.69 0.05
CA THR D 366 -22.34 49.23 0.67
C THR D 366 -22.51 49.17 2.19
N LEU D 367 -21.46 48.74 2.88
CA LEU D 367 -21.47 48.65 4.33
C LEU D 367 -20.13 49.06 4.95
N LEU D 368 -19.17 49.48 4.12
CA LEU D 368 -17.94 50.03 4.67
C LEU D 368 -18.25 51.33 5.39
N GLN D 369 -17.84 51.42 6.64
CA GLN D 369 -18.31 52.53 7.46
C GLN D 369 -17.23 53.12 8.35
N GLN D 370 -15.95 52.91 8.03
CA GLN D 370 -14.90 53.48 8.87
C GLN D 370 -13.99 54.46 8.14
N LYS D 371 -13.35 54.07 7.04
CA LYS D 371 -12.40 54.88 6.24
C LYS D 371 -11.32 55.57 7.07
N LEU D 372 -10.28 54.80 7.39
CA LEU D 372 -9.22 55.08 8.36
C LEU D 372 -8.62 56.49 8.32
N LEU D 373 -8.09 56.90 9.47
CA LEU D 373 -7.52 58.22 9.76
C LEU D 373 -6.33 58.55 8.87
N GLN D 374 -5.88 59.81 8.95
CA GLN D 374 -4.74 60.21 8.12
C GLN D 374 -3.55 60.81 8.88
N GLU D 375 -3.74 61.80 9.75
CA GLU D 375 -2.65 62.29 10.58
C GLU D 375 -3.02 62.36 12.06
N ALA D 376 -4.06 61.63 12.46
CA ALA D 376 -4.53 61.64 13.84
C ALA D 376 -3.76 60.60 14.66
N TYR D 377 -2.73 61.08 15.39
CA TYR D 377 -2.08 60.25 16.41
C TYR D 377 -2.20 60.83 17.82
N MET D 378 -3.06 61.81 18.07
CA MET D 378 -3.10 62.51 19.35
C MET D 378 -3.84 61.68 20.40
N THR D 379 -3.21 60.59 20.84
CA THR D 379 -3.77 59.65 21.80
C THR D 379 -2.62 58.92 22.46
N PRO D 380 -2.64 58.72 23.78
CA PRO D 380 -1.59 57.91 24.42
C PRO D 380 -1.65 56.43 24.08
N LYS D 381 -2.72 55.95 23.45
CA LYS D 381 -2.73 54.62 22.85
C LYS D 381 -2.24 54.62 21.41
N ASP D 382 -2.20 55.77 20.76
CA ASP D 382 -1.58 55.88 19.45
C ASP D 382 -0.08 56.07 19.52
N ASP D 383 0.46 56.35 20.70
CA ASP D 383 1.91 56.47 20.86
C ASP D 383 2.53 55.14 21.24
N ILE D 384 1.78 54.30 21.97
CA ILE D 384 2.25 52.96 22.28
C ILE D 384 2.25 52.11 21.01
N ARG D 385 1.26 52.32 20.14
CA ARG D 385 1.28 51.67 18.84
C ARG D 385 2.39 52.21 17.96
N LEU D 386 2.70 53.52 18.10
CA LEU D 386 3.74 54.15 17.30
C LEU D 386 5.10 53.53 17.58
N VAL D 387 5.38 53.17 18.83
CA VAL D 387 6.57 52.38 19.12
C VAL D 387 6.45 50.99 18.53
N GLY D 388 5.30 50.37 18.67
CA GLY D 388 5.11 49.02 18.19
C GLY D 388 4.98 48.87 16.69
N GLU D 389 4.69 49.94 15.97
CA GLU D 389 4.70 49.89 14.51
C GLU D 389 5.94 50.53 13.92
N LEU D 390 6.85 51.02 14.75
CA LEU D 390 8.16 51.44 14.30
C LEU D 390 9.19 50.35 14.54
N VAL D 391 8.88 49.41 15.43
CA VAL D 391 9.68 48.18 15.53
C VAL D 391 9.51 47.35 14.28
N THR D 392 8.28 47.21 13.80
CA THR D 392 8.04 46.41 12.60
C THR D 392 8.51 47.10 11.32
N VAL D 393 8.78 48.40 11.35
CA VAL D 393 9.46 49.03 10.22
C VAL D 393 10.94 48.73 10.25
N ILE D 394 11.57 48.88 11.42
CA ILE D 394 12.99 48.55 11.57
C ILE D 394 13.21 47.07 11.37
N GLY D 395 12.29 46.23 11.84
CA GLY D 395 12.41 44.80 11.66
C GLY D 395 12.21 44.33 10.24
N ALA D 396 11.65 45.17 9.37
CA ALA D 396 11.51 44.84 7.96
C ALA D 396 12.56 45.51 7.09
N ILE D 397 13.35 46.42 7.64
CA ILE D 397 14.54 46.91 6.94
C ILE D 397 15.70 45.95 7.13
N ILE D 398 15.82 45.38 8.33
CA ILE D 398 16.90 44.45 8.65
C ILE D 398 16.74 43.16 7.85
N ILE D 399 15.51 42.78 7.49
CA ILE D 399 15.33 41.66 6.58
C ILE D 399 15.86 42.00 5.19
N LEU D 400 15.59 43.21 4.72
CA LEU D 400 16.07 43.62 3.40
C LEU D 400 17.53 44.08 3.41
N LEU D 401 18.24 43.94 4.51
CA LEU D 401 19.68 44.20 4.52
C LEU D 401 20.51 42.94 4.70
N VAL D 402 19.89 41.80 4.99
CA VAL D 402 20.61 40.53 5.08
C VAL D 402 20.10 39.52 4.07
N GLU D 403 19.17 39.91 3.21
CA GLU D 403 18.62 39.03 2.19
C GLU D 403 18.83 39.54 0.77
N VAL D 404 18.63 40.84 0.55
CA VAL D 404 18.94 41.47 -0.74
C VAL D 404 20.46 41.47 -1.02
N PRO D 405 21.38 41.66 -0.02
CA PRO D 405 22.80 41.41 -0.34
C PRO D 405 23.21 39.96 -0.49
N ASP D 406 22.26 39.03 -0.60
CA ASP D 406 22.58 37.66 -0.97
C ASP D 406 22.07 37.36 -2.38
N ILE D 407 20.92 37.93 -2.74
CA ILE D 407 20.31 37.69 -4.04
C ILE D 407 21.14 38.37 -5.13
N PHE D 408 21.56 39.60 -4.88
CA PHE D 408 22.33 40.37 -5.86
C PHE D 408 23.82 40.29 -5.56
N ARG D 409 24.26 39.20 -4.94
CA ARG D 409 25.68 38.99 -4.71
C ARG D 409 26.02 37.51 -4.95
N MET D 410 24.99 36.69 -5.19
CA MET D 410 25.22 35.27 -5.47
C MET D 410 24.50 34.88 -6.76
N GLY D 411 24.73 35.64 -7.83
CA GLY D 411 24.07 35.38 -9.09
C GLY D 411 22.67 35.94 -9.13
N VAL D 412 21.72 35.15 -9.61
CA VAL D 412 20.30 35.46 -9.43
C VAL D 412 19.69 34.22 -8.78
N THR D 413 20.28 33.06 -9.05
CA THR D 413 19.78 31.79 -8.54
C THR D 413 20.15 31.59 -7.07
N PRO D 424 11.89 28.44 -0.84
CA PRO D 424 10.69 29.26 -0.97
C PRO D 424 10.63 30.36 0.08
N PHE D 425 11.17 30.09 1.26
CA PHE D 425 11.09 31.06 2.35
C PHE D 425 12.08 32.19 2.22
N HIS D 426 12.94 32.19 1.20
CA HIS D 426 13.57 33.44 0.80
C HIS D 426 12.52 34.40 0.27
N VAL D 427 11.72 33.93 -0.69
CA VAL D 427 10.78 34.78 -1.41
C VAL D 427 9.69 35.30 -0.49
N LEU D 428 9.21 34.45 0.43
CA LEU D 428 8.13 34.82 1.34
C LEU D 428 8.58 35.74 2.47
N ILE D 429 9.85 36.12 2.54
CA ILE D 429 10.29 37.05 3.57
C ILE D 429 10.88 38.33 2.98
N ILE D 430 11.30 38.33 1.71
CA ILE D 430 11.42 39.60 1.01
C ILE D 430 10.05 40.18 0.73
N THR D 431 9.09 39.33 0.35
CA THR D 431 7.72 39.78 0.07
C THR D 431 7.04 40.32 1.32
N TYR D 432 7.26 39.68 2.47
CA TYR D 432 6.80 40.24 3.74
C TYR D 432 7.43 41.59 4.02
N ALA D 433 8.75 41.69 3.86
CA ALA D 433 9.45 42.93 4.18
C ALA D 433 9.17 44.03 3.17
N PHE D 434 8.71 43.67 1.98
CA PHE D 434 8.29 44.68 1.02
C PHE D 434 6.90 45.20 1.33
N MET D 435 6.00 44.31 1.76
CA MET D 435 4.63 44.72 2.09
C MET D 435 4.56 45.56 3.36
N VAL D 436 5.54 45.45 4.25
CA VAL D 436 5.58 46.32 5.41
C VAL D 436 6.07 47.71 5.01
N LEU D 437 6.98 47.78 4.04
CA LEU D 437 7.39 49.09 3.56
C LEU D 437 6.38 49.73 2.63
N VAL D 438 5.52 48.95 1.97
CA VAL D 438 4.45 49.54 1.19
C VAL D 438 3.39 50.15 2.11
N THR D 439 3.01 49.42 3.17
CA THR D 439 2.04 49.97 4.09
C THR D 439 2.62 51.04 5.00
N MET D 440 3.93 51.25 5.00
CA MET D 440 4.51 52.44 5.59
C MET D 440 4.37 53.66 4.70
N VAL D 441 4.66 53.52 3.40
CA VAL D 441 4.52 54.63 2.46
C VAL D 441 3.06 55.06 2.36
N MET D 442 2.14 54.10 2.38
CA MET D 442 0.72 54.43 2.40
C MET D 442 0.28 55.10 3.70
N ARG D 443 0.97 54.82 4.81
CA ARG D 443 0.67 55.51 6.05
C ARG D 443 1.19 56.94 6.05
N LEU D 444 2.34 57.19 5.43
CA LEU D 444 2.89 58.54 5.41
C LEU D 444 2.13 59.45 4.46
N ILE D 445 1.89 58.99 3.22
CA ILE D 445 1.20 59.83 2.24
C ILE D 445 -0.31 59.81 2.40
N SER D 446 -0.82 59.10 3.41
CA SER D 446 -2.25 58.93 3.71
C SER D 446 -3.01 58.36 2.51
N ALA D 447 -2.47 57.28 1.97
CA ALA D 447 -3.12 56.60 0.86
C ALA D 447 -4.35 55.86 1.35
N SER D 448 -5.26 55.58 0.43
CA SER D 448 -6.60 55.11 0.80
C SER D 448 -6.61 53.64 1.19
N GLY D 449 -6.27 52.76 0.26
CA GLY D 449 -6.45 51.34 0.54
C GLY D 449 -5.23 50.74 1.22
N GLU D 450 -5.28 50.68 2.54
CA GLU D 450 -4.17 50.16 3.32
C GLU D 450 -4.45 48.76 3.84
N VAL D 451 -5.69 48.28 3.70
CA VAL D 451 -6.02 46.92 4.10
C VAL D 451 -5.40 45.91 3.16
N VAL D 452 -4.95 46.33 1.98
CA VAL D 452 -4.40 45.41 0.98
C VAL D 452 -2.95 45.04 1.29
N PRO D 453 -2.01 45.95 1.59
CA PRO D 453 -0.67 45.45 1.95
C PRO D 453 -0.63 44.78 3.32
N MET D 454 -1.49 45.17 4.25
CA MET D 454 -1.51 44.51 5.54
C MET D 454 -2.04 43.09 5.45
N SER D 455 -3.03 42.85 4.58
CA SER D 455 -3.60 41.52 4.46
C SER D 455 -2.62 40.53 3.86
N PHE D 456 -1.72 40.99 2.99
CA PHE D 456 -0.63 40.13 2.55
C PHE D 456 0.40 39.95 3.64
N ALA D 457 0.76 41.03 4.33
CA ALA D 457 1.85 40.96 5.31
C ALA D 457 1.45 40.22 6.58
N LEU D 458 0.16 40.11 6.88
CA LEU D 458 -0.28 39.28 8.00
C LEU D 458 -0.33 37.81 7.69
N VAL D 459 -0.26 37.42 6.42
CA VAL D 459 -0.30 36.01 6.06
C VAL D 459 0.98 35.55 5.35
N LEU D 460 1.67 36.43 4.63
CA LEU D 460 3.04 36.12 4.24
C LEU D 460 3.96 36.16 5.44
N GLY D 461 3.56 36.89 6.48
CA GLY D 461 4.33 36.95 7.69
C GLY D 461 4.11 35.77 8.61
N TRP D 462 2.86 35.40 8.88
CA TRP D 462 2.64 34.27 9.78
C TRP D 462 3.02 32.95 9.15
N CYS D 463 2.85 32.80 7.84
CA CYS D 463 3.28 31.56 7.20
C CYS D 463 4.78 31.43 7.06
N ASN D 464 5.57 32.41 7.49
CA ASN D 464 7.01 32.24 7.62
C ASN D 464 7.42 31.61 8.94
N VAL D 465 6.48 31.44 9.87
CA VAL D 465 6.77 30.68 11.07
C VAL D 465 6.86 29.19 10.75
N MET D 466 6.35 28.78 9.58
CA MET D 466 6.59 27.43 9.09
C MET D 466 8.03 27.19 8.69
N TYR D 467 8.82 28.23 8.47
CA TYR D 467 10.25 28.03 8.24
C TYR D 467 10.92 27.42 9.45
N PHE D 468 10.55 27.87 10.63
CA PHE D 468 11.19 27.41 11.85
C PHE D 468 10.65 26.07 12.32
N ALA D 469 9.76 25.46 11.54
CA ALA D 469 9.38 24.06 11.74
C ALA D 469 10.26 23.16 10.91
N ARG D 470 11.56 23.35 11.02
CA ARG D 470 12.54 22.41 10.50
C ARG D 470 13.62 22.12 11.52
N GLY D 471 13.67 22.86 12.61
CA GLY D 471 14.50 22.50 13.73
C GLY D 471 13.93 21.41 14.60
N PHE D 472 12.72 20.95 14.27
CA PHE D 472 12.02 19.92 15.03
C PHE D 472 11.77 18.76 14.09
N GLN D 473 12.21 17.57 14.47
CA GLN D 473 12.13 16.41 13.59
C GLN D 473 10.70 15.93 13.41
N MET D 474 9.83 16.24 14.36
CA MET D 474 8.43 15.84 14.27
C MET D 474 7.71 16.61 13.17
N LEU D 475 7.66 17.93 13.29
CA LEU D 475 6.98 18.80 12.34
C LEU D 475 7.94 19.38 11.31
N GLY D 476 9.02 18.68 11.01
CA GLY D 476 9.97 19.10 10.02
C GLY D 476 9.66 18.66 8.60
N PRO D 477 9.54 17.35 8.36
CA PRO D 477 9.13 16.88 7.02
C PRO D 477 7.69 17.20 6.67
N PHE D 478 6.87 17.65 7.61
CA PHE D 478 5.51 18.07 7.32
C PHE D 478 5.47 19.39 6.55
N THR D 479 6.56 20.15 6.56
CA THR D 479 6.68 21.36 5.77
C THR D 479 7.19 21.06 4.36
N ILE D 480 8.00 20.01 4.20
CA ILE D 480 8.38 19.49 2.87
C ILE D 480 7.18 19.04 2.05
N MET D 481 6.28 18.23 2.61
CA MET D 481 5.17 17.70 1.85
C MET D 481 3.97 18.65 1.80
N ILE D 482 4.18 19.92 2.18
CA ILE D 482 3.35 21.00 1.73
C ILE D 482 3.90 21.64 0.46
N GLN D 483 5.21 21.84 0.36
CA GLN D 483 5.83 22.28 -0.89
C GLN D 483 5.65 21.28 -2.02
N LYS D 484 5.80 19.99 -1.74
CA LYS D 484 5.67 18.97 -2.77
C LYS D 484 4.22 18.73 -3.19
N MET D 485 3.26 19.37 -2.55
CA MET D 485 1.88 19.28 -2.96
C MET D 485 1.33 20.56 -3.55
N ILE D 486 1.81 21.74 -3.12
CA ILE D 486 1.43 22.98 -3.79
C ILE D 486 1.98 23.01 -5.20
N PHE D 487 3.27 22.74 -5.34
CA PHE D 487 3.93 22.71 -6.64
C PHE D 487 4.00 21.31 -7.21
N GLY D 488 3.03 20.48 -6.83
CA GLY D 488 2.94 19.08 -7.15
C GLY D 488 1.52 18.76 -7.54
N ASP D 489 0.89 17.94 -6.70
CA ASP D 489 -0.45 17.41 -6.94
C ASP D 489 -1.52 18.48 -7.09
N LEU D 490 -1.33 19.66 -6.48
CA LEU D 490 -2.32 20.72 -6.61
C LEU D 490 -2.03 21.66 -7.75
N MET D 491 -0.82 21.64 -8.30
CA MET D 491 -0.55 22.48 -9.47
C MET D 491 -1.05 21.82 -10.75
N ARG D 492 -1.10 20.49 -10.80
CA ARG D 492 -1.69 19.82 -11.96
C ARG D 492 -3.20 19.67 -11.83
N PHE D 493 -3.72 19.71 -10.62
CA PHE D 493 -5.16 19.79 -10.40
C PHE D 493 -5.70 21.18 -10.63
N CYS D 494 -4.85 22.20 -10.54
CA CYS D 494 -5.25 23.59 -10.76
C CYS D 494 -5.74 23.81 -12.17
N TRP D 495 -5.09 23.22 -13.15
CA TRP D 495 -5.40 23.53 -14.54
C TRP D 495 -6.55 22.73 -15.08
N LEU D 496 -7.00 21.69 -14.38
CA LEU D 496 -8.23 21.01 -14.75
C LEU D 496 -9.40 21.37 -13.85
N MET D 497 -9.13 21.88 -12.65
CA MET D 497 -10.22 22.47 -11.87
C MET D 497 -10.71 23.75 -12.50
N ALA D 498 -9.80 24.60 -12.98
CA ALA D 498 -10.18 25.85 -13.60
C ALA D 498 -10.89 25.66 -14.93
N VAL D 499 -10.72 24.51 -15.56
CA VAL D 499 -11.53 24.16 -16.71
C VAL D 499 -12.98 23.91 -16.31
N VAL D 500 -13.19 23.20 -15.20
CA VAL D 500 -14.53 22.88 -14.74
C VAL D 500 -15.21 24.12 -14.17
N ILE D 501 -14.51 24.88 -13.34
CA ILE D 501 -15.15 26.02 -12.69
C ILE D 501 -15.19 27.26 -13.58
N LEU D 502 -14.76 27.16 -14.83
CA LEU D 502 -15.11 28.14 -15.84
C LEU D 502 -16.26 27.67 -16.72
N GLY D 503 -16.46 26.37 -16.82
CA GLY D 503 -17.53 25.85 -17.63
C GLY D 503 -18.85 25.87 -16.90
N PHE D 504 -18.84 25.49 -15.63
CA PHE D 504 -20.07 25.52 -14.87
C PHE D 504 -20.38 26.89 -14.32
N ALA D 505 -19.39 27.73 -14.06
CA ALA D 505 -19.69 29.09 -13.61
C ALA D 505 -20.28 29.93 -14.72
N SER D 506 -19.91 29.66 -15.96
CA SER D 506 -20.51 30.33 -17.10
C SER D 506 -21.82 29.69 -17.50
N ALA D 507 -22.09 28.47 -17.04
CA ALA D 507 -23.39 27.87 -17.26
C ALA D 507 -24.37 28.29 -16.17
N PHE D 508 -23.89 28.37 -14.92
CA PHE D 508 -24.70 28.86 -13.81
C PHE D 508 -25.05 30.33 -13.96
N TYR D 509 -24.18 31.11 -14.58
CA TYR D 509 -24.45 32.55 -14.70
C TYR D 509 -25.59 32.80 -15.66
N ILE D 510 -25.57 32.17 -16.84
CA ILE D 510 -26.61 32.43 -17.84
C ILE D 510 -27.93 31.77 -17.52
N ILE D 511 -27.96 30.83 -16.56
CA ILE D 511 -29.22 30.28 -16.10
C ILE D 511 -29.91 31.26 -15.16
N PHE D 512 -29.18 31.80 -14.20
CA PHE D 512 -29.69 32.81 -13.29
C PHE D 512 -29.46 34.22 -13.79
N GLN D 513 -29.38 34.40 -15.10
CA GLN D 513 -29.29 35.73 -15.67
C GLN D 513 -30.68 36.30 -15.92
N THR D 514 -31.62 35.43 -16.25
CA THR D 514 -33.03 35.79 -16.44
C THR D 514 -33.83 35.50 -15.17
N GLU D 515 -33.47 36.22 -14.12
CA GLU D 515 -33.74 35.75 -12.76
C GLU D 515 -33.79 36.97 -11.85
N ASP D 516 -34.28 36.77 -10.63
CA ASP D 516 -34.29 37.80 -9.59
C ASP D 516 -33.15 37.52 -8.63
N PRO D 517 -32.12 38.36 -8.58
CA PRO D 517 -30.95 38.06 -7.74
C PRO D 517 -31.18 38.36 -6.27
N GLU D 518 -32.35 38.91 -5.95
CA GLU D 518 -32.77 39.19 -4.58
C GLU D 518 -32.85 37.93 -3.73
N GLU D 519 -33.16 36.80 -4.35
CA GLU D 519 -33.26 35.51 -3.69
C GLU D 519 -32.56 34.45 -4.53
N LEU D 520 -31.63 33.71 -3.91
CA LEU D 520 -30.58 32.93 -4.55
C LEU D 520 -29.78 33.84 -5.49
N GLY D 521 -29.01 34.75 -4.91
CA GLY D 521 -28.14 35.60 -5.68
C GLY D 521 -26.70 35.16 -5.64
N HIS D 522 -26.49 33.84 -5.74
CA HIS D 522 -25.13 33.31 -5.82
C HIS D 522 -24.40 33.75 -7.07
N PHE D 523 -25.13 33.94 -8.16
CA PHE D 523 -24.56 34.16 -9.49
C PHE D 523 -25.25 35.41 -10.03
N TYR D 524 -24.86 36.59 -9.56
CA TYR D 524 -25.55 37.80 -9.98
C TYR D 524 -24.73 38.65 -10.93
N ASP D 525 -23.41 38.57 -10.86
CA ASP D 525 -22.55 39.07 -11.93
C ASP D 525 -21.42 38.06 -12.12
N TYR D 526 -20.77 38.14 -13.27
CA TYR D 526 -19.85 37.07 -13.68
C TYR D 526 -18.60 36.87 -12.83
N PRO D 527 -18.04 37.88 -12.16
CA PRO D 527 -17.05 37.54 -11.12
C PRO D 527 -17.62 36.71 -9.98
N MET D 528 -18.81 37.04 -9.47
CA MET D 528 -19.33 36.32 -8.32
C MET D 528 -19.77 34.91 -8.68
N ALA D 529 -20.15 34.67 -9.94
CA ALA D 529 -20.46 33.32 -10.36
C ALA D 529 -19.20 32.47 -10.41
N LEU D 530 -18.04 33.07 -10.65
CA LEU D 530 -16.77 32.34 -10.59
C LEU D 530 -16.41 32.00 -9.16
N PHE D 531 -16.67 32.91 -8.23
CA PHE D 531 -16.26 32.67 -6.87
C PHE D 531 -17.27 31.81 -6.12
N SER D 532 -18.55 31.86 -6.50
CA SER D 532 -19.50 30.91 -5.94
C SER D 532 -19.21 29.50 -6.42
N THR D 533 -18.87 29.34 -7.70
CA THR D 533 -18.64 28.00 -8.25
C THR D 533 -17.33 27.42 -7.75
N PHE D 534 -16.32 28.25 -7.51
CA PHE D 534 -15.12 27.79 -6.83
C PHE D 534 -15.43 27.32 -5.43
N GLU D 535 -16.29 28.04 -4.72
CA GLU D 535 -16.69 27.61 -3.38
C GLU D 535 -17.57 26.38 -3.42
N LEU D 536 -18.44 26.26 -4.43
CA LEU D 536 -19.25 25.06 -4.55
C LEU D 536 -18.45 23.85 -5.00
N PHE D 537 -17.30 24.08 -5.64
CA PHE D 537 -16.41 22.97 -6.00
C PHE D 537 -15.87 22.31 -4.76
N LEU D 538 -15.43 23.11 -3.81
CA LEU D 538 -14.77 22.64 -2.60
C LEU D 538 -15.75 22.33 -1.48
N THR D 539 -17.05 22.56 -1.72
CA THR D 539 -18.12 22.48 -0.73
C THR D 539 -17.81 23.29 0.52
N ILE D 540 -17.43 24.55 0.30
CA ILE D 540 -17.18 25.48 1.38
C ILE D 540 -18.17 26.63 1.38
N ILE D 541 -19.22 26.55 0.58
CA ILE D 541 -20.49 27.17 0.88
C ILE D 541 -21.55 26.11 0.73
N ASP D 542 -22.80 26.49 0.97
CA ASP D 542 -23.83 25.49 1.18
C ASP D 542 -24.19 24.80 -0.13
N GLY D 543 -24.83 25.52 -1.03
CA GLY D 543 -25.42 24.92 -2.20
C GLY D 543 -26.74 25.61 -2.46
N PRO D 544 -26.88 26.22 -3.63
CA PRO D 544 -27.97 27.19 -3.84
C PRO D 544 -29.34 26.54 -3.87
N ALA D 545 -30.22 27.01 -3.00
CA ALA D 545 -31.57 26.48 -2.88
C ALA D 545 -32.45 27.53 -2.25
N ASN D 546 -33.69 27.64 -2.73
CA ASN D 546 -34.62 28.63 -2.21
C ASN D 546 -35.87 28.01 -1.61
N TYR D 547 -36.44 26.98 -2.25
CA TYR D 547 -37.55 26.15 -1.74
C TYR D 547 -38.88 26.87 -1.61
N ASN D 548 -38.89 28.19 -1.83
CA ASN D 548 -40.10 28.99 -1.85
C ASN D 548 -40.45 29.44 -3.25
N VAL D 549 -39.45 29.62 -4.11
CA VAL D 549 -39.66 30.09 -5.47
C VAL D 549 -39.07 29.05 -6.40
N ASP D 550 -39.74 28.82 -7.54
CA ASP D 550 -39.28 27.82 -8.49
C ASP D 550 -38.00 28.29 -9.18
N LEU D 551 -36.93 27.53 -9.00
CA LEU D 551 -35.68 27.75 -9.69
C LEU D 551 -35.83 27.37 -11.16
N PRO D 552 -34.87 27.73 -12.03
CA PRO D 552 -34.93 27.23 -13.40
C PRO D 552 -34.77 25.71 -13.44
N PHE D 553 -35.48 25.10 -14.40
CA PHE D 553 -35.38 23.65 -14.59
C PHE D 553 -33.98 23.23 -14.98
N MET D 554 -33.29 24.08 -15.73
CA MET D 554 -31.96 23.74 -16.20
C MET D 554 -30.94 23.76 -15.07
N TYR D 555 -31.23 24.45 -13.97
CA TYR D 555 -30.30 24.50 -12.85
C TYR D 555 -30.19 23.16 -12.14
N SER D 556 -31.29 22.46 -11.96
CA SER D 556 -31.26 21.20 -11.22
C SER D 556 -30.53 20.09 -11.98
N ILE D 557 -30.45 20.20 -13.31
CA ILE D 557 -29.68 19.23 -14.09
C ILE D 557 -28.21 19.57 -14.05
N THR D 558 -27.86 20.83 -14.34
CA THR D 558 -26.46 21.20 -14.42
C THR D 558 -25.79 21.36 -13.06
N TYR D 559 -26.54 21.33 -11.96
CA TYR D 559 -25.91 21.26 -10.66
C TYR D 559 -25.78 19.84 -10.17
N ALA D 560 -26.66 18.95 -10.62
CA ALA D 560 -26.46 17.53 -10.34
C ALA D 560 -25.30 16.97 -11.15
N ALA D 561 -24.98 17.58 -12.29
CA ALA D 561 -23.78 17.22 -13.01
C ALA D 561 -22.54 17.83 -12.37
N PHE D 562 -22.65 19.05 -11.87
CA PHE D 562 -21.55 19.68 -11.14
C PHE D 562 -21.33 19.04 -9.78
N ALA D 563 -22.36 18.44 -9.20
CA ALA D 563 -22.16 17.75 -7.93
C ALA D 563 -21.35 16.49 -8.10
N ILE D 564 -21.54 15.80 -9.23
CA ILE D 564 -20.89 14.51 -9.42
C ILE D 564 -19.46 14.69 -9.92
N ILE D 565 -19.29 15.38 -11.05
CA ILE D 565 -17.98 15.40 -11.70
C ILE D 565 -17.02 16.39 -11.07
N ALA D 566 -17.45 17.15 -10.09
CA ALA D 566 -16.59 18.16 -9.48
C ALA D 566 -16.44 17.97 -7.98
N THR D 567 -17.54 17.85 -7.26
CA THR D 567 -17.49 17.55 -5.84
C THR D 567 -17.19 16.08 -5.58
N LEU D 568 -17.96 15.18 -6.18
CA LEU D 568 -17.81 13.76 -5.88
C LEU D 568 -16.59 13.15 -6.55
N LEU D 569 -16.46 13.34 -7.85
CA LEU D 569 -15.39 12.70 -8.61
C LEU D 569 -14.06 13.38 -8.38
N MET D 570 -13.97 14.65 -8.68
CA MET D 570 -12.71 15.30 -8.97
C MET D 570 -12.09 15.92 -7.73
N LEU D 571 -12.89 16.25 -6.73
CA LEU D 571 -12.34 16.70 -5.46
C LEU D 571 -11.72 15.53 -4.71
N ASN D 572 -12.40 14.38 -4.69
CA ASN D 572 -11.88 13.20 -4.02
C ASN D 572 -10.85 12.46 -4.85
N LEU D 573 -10.70 12.82 -6.11
CA LEU D 573 -9.55 12.39 -6.91
C LEU D 573 -8.28 13.07 -6.44
N LEU D 574 -8.39 14.30 -5.94
CA LEU D 574 -7.24 15.08 -5.51
C LEU D 574 -6.84 14.75 -4.08
N ILE D 575 -7.76 14.28 -3.24
CA ILE D 575 -7.36 13.83 -1.91
C ILE D 575 -6.90 12.39 -1.92
N ALA D 576 -7.04 11.70 -3.05
CA ALA D 576 -6.56 10.34 -3.21
C ALA D 576 -5.28 10.29 -4.04
N MET D 577 -4.88 11.41 -4.62
CA MET D 577 -3.56 11.52 -5.22
C MET D 577 -2.62 12.33 -4.34
N MET D 578 -3.10 12.82 -3.20
CA MET D 578 -2.23 13.24 -2.12
C MET D 578 -1.99 12.14 -1.10
N GLY D 579 -2.80 11.08 -1.12
CA GLY D 579 -2.66 9.97 -0.20
C GLY D 579 -1.96 8.83 -0.88
N ASP D 580 -1.90 8.88 -2.20
CA ASP D 580 -1.03 8.06 -3.01
C ASP D 580 0.35 8.68 -3.18
N THR D 581 0.47 9.99 -2.92
CA THR D 581 1.78 10.62 -2.95
C THR D 581 2.65 10.16 -1.79
N HIS D 582 2.09 10.14 -0.56
CA HIS D 582 2.84 9.91 0.68
C HIS D 582 3.67 8.64 0.69
N TRP D 583 3.02 7.49 0.54
CA TRP D 583 3.68 6.22 0.80
C TRP D 583 4.72 5.86 -0.24
N ARG D 584 4.75 6.55 -1.38
CA ARG D 584 5.84 6.45 -2.32
C ARG D 584 6.74 7.69 -2.33
N VAL D 585 6.58 8.61 -1.39
CA VAL D 585 7.60 9.63 -1.17
C VAL D 585 8.01 9.60 0.29
N ALA D 586 7.53 8.60 1.04
CA ALA D 586 7.74 8.54 2.50
C ALA D 586 9.20 8.38 2.87
N HIS D 587 9.99 7.82 1.96
CA HIS D 587 11.42 7.71 2.21
C HIS D 587 12.15 8.98 1.80
N GLU D 588 11.77 9.55 0.65
CA GLU D 588 12.39 10.76 0.14
C GLU D 588 12.10 11.95 1.04
N ARG D 589 10.84 12.11 1.44
CA ARG D 589 10.42 13.20 2.30
C ARG D 589 11.03 13.13 3.69
N ASP D 590 11.40 11.92 4.16
CA ASP D 590 11.97 11.80 5.49
C ASP D 590 13.49 11.86 5.48
N GLU D 591 14.13 11.60 4.34
CA GLU D 591 15.57 11.85 4.25
C GLU D 591 15.87 13.26 3.78
N LEU D 592 14.83 14.01 3.41
CA LEU D 592 15.02 15.40 3.02
C LEU D 592 14.85 16.32 4.22
N TRP D 593 14.69 15.76 5.42
CA TRP D 593 14.71 16.60 6.61
C TRP D 593 16.13 16.98 7.00
N ARG D 594 17.05 16.01 6.99
CA ARG D 594 18.40 16.36 7.41
C ARG D 594 19.18 17.02 6.28
N ALA D 595 18.62 17.11 5.08
CA ALA D 595 19.18 18.02 4.10
C ALA D 595 18.74 19.45 4.35
N GLN D 596 17.64 19.64 5.08
CA GLN D 596 17.26 20.97 5.56
C GLN D 596 18.08 21.37 6.77
N ILE D 597 18.60 20.41 7.51
CA ILE D 597 19.45 20.72 8.65
C ILE D 597 20.82 21.19 8.19
N VAL D 598 21.33 20.56 7.13
CA VAL D 598 22.63 20.98 6.58
C VAL D 598 22.53 22.35 5.97
N ALA D 599 21.45 22.63 5.24
CA ALA D 599 21.28 23.94 4.62
C ALA D 599 21.08 25.03 5.65
N THR D 600 20.50 24.69 6.80
CA THR D 600 20.34 25.65 7.89
C THR D 600 21.64 25.84 8.65
N THR D 601 22.36 24.74 8.94
CA THR D 601 23.61 24.83 9.68
C THR D 601 24.69 25.56 8.87
N VAL D 602 24.68 25.39 7.55
CA VAL D 602 25.57 26.16 6.69
C VAL D 602 25.21 27.64 6.70
N MET D 603 23.92 27.96 6.63
CA MET D 603 23.49 29.36 6.65
C MET D 603 23.74 30.02 8.00
N LEU D 604 23.53 29.29 9.09
CA LEU D 604 23.78 29.85 10.42
C LEU D 604 25.26 30.01 10.68
N GLU D 605 26.10 29.28 9.95
CA GLU D 605 27.54 29.40 10.16
C GLU D 605 28.13 30.55 9.35
N ARG D 606 27.57 30.81 8.18
CA ARG D 606 28.08 31.89 7.34
C ARG D 606 27.66 33.26 7.87
N LYS D 607 26.45 33.36 8.41
CA LYS D 607 25.94 34.66 8.87
C LYS D 607 26.54 35.04 10.22
N LEU D 608 26.60 34.09 11.14
CA LEU D 608 27.07 34.36 12.49
C LEU D 608 28.58 34.58 12.48
N PRO D 609 29.12 35.43 13.35
CA PRO D 609 30.57 35.68 13.35
C PRO D 609 31.34 34.54 14.00
N ARG D 610 32.66 34.66 13.92
CA ARG D 610 33.56 33.64 14.46
C ARG D 610 33.75 33.77 15.97
N CYS D 611 33.29 34.87 16.57
CA CYS D 611 33.29 34.98 18.03
C CYS D 611 32.33 33.98 18.66
N LEU D 612 31.13 33.88 18.12
CA LEU D 612 30.24 32.75 18.37
C LEU D 612 30.64 31.63 17.42
N TRP D 613 29.90 30.52 17.49
CA TRP D 613 30.05 29.33 16.65
C TRP D 613 31.49 28.77 16.65
N PRO D 614 31.92 28.05 17.67
CA PRO D 614 33.22 27.40 17.63
C PRO D 614 33.30 26.38 16.50
N ARG D 615 34.52 26.18 16.00
CA ARG D 615 34.71 25.26 14.89
C ARG D 615 34.51 23.82 15.34
N SER D 616 34.13 22.98 14.38
CA SER D 616 33.79 21.60 14.66
C SER D 616 35.05 20.73 14.68
N GLY D 617 35.13 19.84 15.64
CA GLY D 617 36.25 18.94 15.74
C GLY D 617 37.32 19.44 16.69
N ILE D 618 38.40 18.66 16.77
CA ILE D 618 39.48 18.91 17.69
C ILE D 618 40.70 19.28 16.87
N CYS D 619 41.22 20.48 17.07
CA CYS D 619 42.41 20.92 16.36
C CYS D 619 43.64 20.16 16.83
N GLY D 620 44.54 19.88 15.90
CA GLY D 620 45.66 19.03 16.22
C GLY D 620 47.00 19.73 16.32
N ARG D 621 47.01 21.01 16.70
CA ARG D 621 48.28 21.70 16.90
C ARG D 621 48.93 21.24 18.20
N GLU D 622 48.14 21.07 19.25
CA GLU D 622 48.64 20.66 20.54
C GLU D 622 48.68 19.16 20.71
N TYR D 623 48.55 18.40 19.62
CA TYR D 623 48.57 16.94 19.71
C TYR D 623 49.47 16.33 18.63
N GLY D 624 50.29 17.15 17.98
CA GLY D 624 51.26 16.63 17.02
C GLY D 624 50.67 16.14 15.71
N LEU D 625 49.47 16.57 15.36
CA LEU D 625 48.81 16.11 14.16
C LEU D 625 48.79 17.14 13.03
N GLY D 626 49.36 18.31 13.24
CA GLY D 626 49.42 19.33 12.23
C GLY D 626 48.55 20.52 12.55
N ASP D 627 48.07 21.18 11.50
CA ASP D 627 47.16 22.31 11.63
C ASP D 627 45.73 21.94 11.25
N ARG D 628 45.43 20.66 11.15
CA ARG D 628 44.14 20.23 10.67
C ARG D 628 43.20 19.95 11.84
N TRP D 629 41.91 19.90 11.53
CA TRP D 629 40.85 19.77 12.52
C TRP D 629 40.19 18.42 12.38
N PHE D 630 40.37 17.56 13.37
CA PHE D 630 39.99 16.15 13.29
C PHE D 630 38.70 15.89 14.04
N LEU D 631 38.02 14.81 13.68
CA LEU D 631 36.78 14.38 14.33
C LEU D 631 36.86 12.87 14.51
N ARG D 632 37.02 12.42 15.75
CA ARG D 632 37.05 10.98 15.99
C ARG D 632 35.67 10.44 16.28
N VAL D 633 35.49 9.15 16.02
CA VAL D 633 34.28 8.46 16.40
C VAL D 633 34.65 7.00 16.66
N GLU D 634 34.06 6.42 17.70
CA GLU D 634 34.27 5.01 17.97
C GLU D 634 32.97 4.25 17.74
N ASP D 635 33.10 2.98 17.36
CA ASP D 635 31.94 2.18 17.01
C ASP D 635 32.28 0.70 17.14
N ARG D 636 31.25 -0.10 17.42
CA ARG D 636 31.38 -1.55 17.40
C ARG D 636 31.32 -2.06 15.97
N GLN D 637 32.16 -3.05 15.68
CA GLN D 637 32.24 -3.62 14.35
C GLN D 637 31.96 -5.11 14.39
N ASP D 638 31.52 -5.61 15.55
CA ASP D 638 31.11 -6.99 15.81
C ASP D 638 32.18 -8.03 15.48
#